data_4PQK
#
_entry.id   4PQK
#
_cell.length_a   64.220
_cell.length_b   93.668
_cell.length_c   100.806
_cell.angle_alpha   107.67
_cell.angle_beta   108.30
_cell.angle_gamma   84.93
#
_symmetry.space_group_name_H-M   'P 1'
#
loop_
_entity.id
_entity.type
_entity.pdbx_description
1 polymer 'Maltose ABC transporter periplasmic protein, Truncated replication protein RepA'
2 branched alpha-D-glucopyranose-(1-4)-alpha-D-glucopyranose-(1-4)-alpha-D-glucopyranose
#
_entity_poly.entity_id   1
_entity_poly.type   'polypeptide(L)'
_entity_poly.pdbx_seq_one_letter_code
;MKIEEGKLVIWINGDKGYNGLAEVGKKFEKDTGIKVTVEHPDKLEEKFPQVAATGDGPDIIFWAHDRFGGYAQSGLLAEI
TPDKAFQDKLYPFTWDAVRYNGKLIAYPIAVEALSLIYNKDLLPNPPKTWEEIPALDKELKAKGKSALMFNLQEPYFTWP
LIAADGGYAFKYENGKYDIKDVGVDNAGAKAGLTFLVDLIKNKHMNADTDYSIAEAAFNKGETAMTINGPWAWSNIDTSK
VNYGVTVLPTFKGQPSKPFVGVLSAGINAASPNKELAKEFLENYLLTDEGLEAVNKDKPLGAVALKSYEEELAKDPRIAA
TMENAQKGEIMPNIPQMSAFWYAVRTAVINAASGRQTVDEALKDAQTHNFDDKEMLLQEFPEQLTNYLLKYDYRDLEIIK
AVILKAKKSFNSRHEDMHYMLEDIEDEILTSLKRLKKAIHDRGVKGQKETIKSMQAYLMQTILTELEETHALYMRRKNMK
QYNIFNQ
;
_entity_poly.pdbx_strand_id   A,B,C,D
#
loop_
_chem_comp.id
_chem_comp.type
_chem_comp.name
_chem_comp.formula
GLC D-saccharide, alpha linking alpha-D-glucopyranose 'C6 H12 O6'
#
# COMPACT_ATOMS: atom_id res chain seq x y z
N LYS A 2 -20.43 -17.27 -28.11
CA LYS A 2 -21.38 -17.15 -29.20
C LYS A 2 -21.61 -18.51 -29.88
N ILE A 3 -22.80 -18.69 -30.45
CA ILE A 3 -23.18 -19.94 -31.11
C ILE A 3 -23.42 -19.75 -32.60
N GLU A 4 -22.53 -20.31 -33.40
CA GLU A 4 -22.55 -20.05 -34.83
C GLU A 4 -22.35 -21.32 -35.65
N GLU A 5 -22.94 -21.37 -36.83
CA GLU A 5 -22.78 -22.50 -37.74
C GLU A 5 -21.31 -22.85 -37.90
N GLY A 6 -21.01 -24.14 -37.94
CA GLY A 6 -19.64 -24.58 -38.18
C GLY A 6 -18.59 -24.36 -37.09
N LYS A 7 -19.02 -24.04 -35.87
CA LYS A 7 -18.16 -24.08 -34.67
C LYS A 7 -18.89 -24.87 -33.58
N LEU A 8 -18.21 -25.78 -32.89
CA LEU A 8 -18.88 -26.59 -31.84
C LEU A 8 -18.63 -26.06 -30.44
N VAL A 9 -19.69 -25.67 -29.73
CA VAL A 9 -19.56 -25.19 -28.36
C VAL A 9 -20.04 -26.23 -27.34
N ILE A 10 -19.20 -26.50 -26.35
CA ILE A 10 -19.51 -27.50 -25.36
C ILE A 10 -19.46 -26.94 -23.95
N TRP A 11 -20.49 -27.26 -23.19
CA TRP A 11 -20.58 -26.92 -21.78
C TRP A 11 -20.36 -28.15 -20.92
N ILE A 12 -19.53 -28.05 -19.88
CA ILE A 12 -19.28 -29.18 -19.00
C ILE A 12 -19.01 -28.67 -17.60
N ASN A 13 -19.30 -29.46 -16.58
CA ASN A 13 -19.13 -28.95 -15.22
C ASN A 13 -17.65 -28.83 -14.82
N GLY A 14 -17.34 -27.81 -14.03
CA GLY A 14 -15.97 -27.53 -13.63
C GLY A 14 -15.14 -28.65 -13.01
N ASP A 15 -15.78 -29.55 -12.27
CA ASP A 15 -15.02 -30.61 -11.61
C ASP A 15 -14.65 -31.77 -12.54
N LYS A 16 -15.23 -31.78 -13.73
CA LYS A 16 -14.90 -32.77 -14.74
C LYS A 16 -13.63 -32.36 -15.50
N GLY A 17 -13.03 -33.31 -16.23
CA GLY A 17 -11.87 -33.02 -17.06
C GLY A 17 -12.17 -32.22 -18.32
N TYR A 18 -12.40 -30.91 -18.14
CA TYR A 18 -12.72 -30.03 -19.26
C TYR A 18 -11.47 -29.73 -20.10
N ASN A 19 -10.29 -29.75 -19.47
CA ASN A 19 -9.04 -29.59 -20.18
C ASN A 19 -8.79 -30.78 -21.08
N GLY A 20 -9.17 -31.96 -20.63
CA GLY A 20 -9.04 -33.14 -21.45
C GLY A 20 -9.98 -33.14 -22.64
N LEU A 21 -11.20 -32.70 -22.43
CA LEU A 21 -12.19 -32.70 -23.49
C LEU A 21 -11.78 -31.71 -24.58
N ALA A 22 -11.17 -30.60 -24.15
CA ALA A 22 -10.63 -29.60 -25.05
C ALA A 22 -9.54 -30.22 -25.90
N GLU A 23 -8.80 -31.13 -25.29
CA GLU A 23 -7.71 -31.84 -25.96
C GLU A 23 -8.26 -32.66 -27.11
N VAL A 24 -9.42 -33.26 -26.89
CA VAL A 24 -10.10 -33.99 -27.96
C VAL A 24 -10.55 -33.00 -29.02
N GLY A 25 -10.91 -31.80 -28.59
CA GLY A 25 -11.31 -30.75 -29.50
C GLY A 25 -10.22 -30.49 -30.52
N LYS A 26 -8.98 -30.40 -30.07
CA LYS A 26 -7.90 -30.21 -31.00
C LYS A 26 -7.74 -31.41 -31.94
N LYS A 27 -8.16 -32.60 -31.52
CA LYS A 27 -8.06 -33.77 -32.38
C LYS A 27 -9.17 -33.75 -33.41
N PHE A 28 -10.23 -33.04 -33.08
CA PHE A 28 -11.33 -32.88 -33.99
C PHE A 28 -10.98 -31.82 -35.04
N GLU A 29 -10.66 -30.62 -34.55
CA GLU A 29 -10.34 -29.45 -35.38
C GLU A 29 -9.23 -29.77 -36.36
N LYS A 30 -8.33 -30.66 -35.95
CA LYS A 30 -7.18 -30.97 -36.78
C LYS A 30 -7.62 -31.83 -37.95
N ASP A 31 -8.61 -32.69 -37.75
CA ASP A 31 -9.01 -33.58 -38.82
C ASP A 31 -10.21 -33.03 -39.59
N THR A 32 -11.05 -32.27 -38.91
CA THR A 32 -12.32 -31.82 -39.51
C THR A 32 -12.29 -30.35 -39.86
N GLY A 33 -11.30 -29.62 -39.34
CA GLY A 33 -11.21 -28.19 -39.56
C GLY A 33 -12.23 -27.36 -38.79
N ILE A 34 -13.01 -28.00 -37.92
CA ILE A 34 -14.02 -27.32 -37.11
C ILE A 34 -13.49 -26.99 -35.72
N LYS A 35 -13.42 -25.70 -35.37
CA LYS A 35 -13.00 -25.32 -34.01
C LYS A 35 -13.93 -25.96 -32.97
N VAL A 36 -13.37 -26.41 -31.84
CA VAL A 36 -14.20 -26.85 -30.70
C VAL A 36 -13.85 -26.00 -29.50
N THR A 37 -14.87 -25.45 -28.84
CA THR A 37 -14.64 -24.58 -27.70
C THR A 37 -15.34 -25.04 -26.45
N VAL A 38 -14.56 -25.46 -25.44
CA VAL A 38 -15.15 -26.06 -24.25
C VAL A 38 -15.07 -25.15 -23.03
N GLU A 39 -16.23 -24.69 -22.57
CA GLU A 39 -16.34 -23.81 -21.42
C GLU A 39 -17.20 -24.39 -20.28
N HIS A 40 -16.89 -23.99 -19.05
CA HIS A 40 -17.48 -24.55 -17.85
C HIS A 40 -18.07 -23.51 -16.91
N PRO A 41 -19.11 -22.80 -17.37
CA PRO A 41 -19.73 -21.73 -16.57
C PRO A 41 -20.41 -22.27 -15.34
N ASP A 42 -20.61 -21.43 -14.34
CA ASP A 42 -21.31 -21.86 -13.14
C ASP A 42 -22.79 -21.95 -13.42
N LYS A 43 -23.44 -22.91 -12.77
CA LYS A 43 -24.88 -23.10 -12.91
C LYS A 43 -25.27 -23.30 -14.37
N LEU A 44 -24.56 -24.17 -15.07
CA LEU A 44 -24.83 -24.36 -16.49
C LEU A 44 -26.10 -25.16 -16.66
N GLU A 45 -26.35 -26.06 -15.73
CA GLU A 45 -27.51 -26.92 -15.83
C GLU A 45 -28.78 -26.13 -15.49
N GLU A 46 -28.59 -24.94 -14.92
CA GLU A 46 -29.68 -23.97 -14.67
C GLU A 46 -29.78 -22.96 -15.82
N LYS A 47 -28.62 -22.58 -16.35
CA LYS A 47 -28.53 -21.62 -17.45
C LYS A 47 -29.05 -22.23 -18.74
N PHE A 48 -28.83 -23.53 -18.90
CA PHE A 48 -29.22 -24.21 -20.13
C PHE A 48 -30.71 -24.10 -20.49
N PRO A 49 -31.63 -24.30 -19.52
CA PRO A 49 -33.04 -24.26 -19.92
C PRO A 49 -33.53 -22.85 -20.26
N GLN A 50 -32.84 -21.84 -19.73
CA GLN A 50 -33.20 -20.44 -19.98
C GLN A 50 -32.75 -19.96 -21.36
N VAL A 51 -31.47 -20.13 -21.69
CA VAL A 51 -30.95 -19.68 -22.98
C VAL A 51 -31.26 -20.64 -24.11
N ALA A 52 -31.73 -21.84 -23.81
CA ALA A 52 -32.13 -22.74 -24.87
C ALA A 52 -33.39 -22.20 -25.53
N ALA A 53 -34.19 -21.47 -24.74
CA ALA A 53 -35.41 -20.82 -25.24
C ALA A 53 -35.06 -19.74 -26.25
N THR A 54 -34.14 -18.86 -25.86
CA THR A 54 -33.65 -17.83 -26.78
C THR A 54 -33.01 -18.48 -28.00
N GLY A 55 -32.37 -19.62 -27.80
CA GLY A 55 -31.69 -20.33 -28.87
C GLY A 55 -30.20 -20.03 -28.98
N ASP A 56 -29.59 -19.59 -27.88
CA ASP A 56 -28.15 -19.30 -27.88
C ASP A 56 -27.39 -20.16 -26.86
N GLY A 57 -27.90 -21.35 -26.57
CA GLY A 57 -27.21 -22.27 -25.69
C GLY A 57 -26.14 -22.99 -26.46
N PRO A 58 -25.35 -23.82 -25.77
CA PRO A 58 -24.23 -24.54 -26.39
C PRO A 58 -24.70 -25.57 -27.41
N ASP A 59 -23.77 -26.14 -28.18
CA ASP A 59 -24.10 -27.22 -29.09
C ASP A 59 -24.31 -28.47 -28.27
N ILE A 60 -23.34 -28.79 -27.40
CA ILE A 60 -23.42 -30.00 -26.57
C ILE A 60 -23.41 -29.62 -25.09
N ILE A 61 -24.32 -30.21 -24.31
CA ILE A 61 -24.38 -29.95 -22.87
C ILE A 61 -24.01 -31.21 -22.07
N PHE A 62 -23.15 -31.05 -21.07
CA PHE A 62 -22.65 -32.18 -20.31
C PHE A 62 -23.10 -32.11 -18.85
N TRP A 63 -23.98 -33.02 -18.47
CA TRP A 63 -24.42 -33.12 -17.09
C TRP A 63 -24.77 -34.54 -16.80
N ALA A 64 -24.91 -34.87 -15.52
CA ALA A 64 -25.47 -36.16 -15.11
C ALA A 64 -26.88 -36.34 -15.68
N HIS A 65 -27.30 -37.58 -15.95
CA HIS A 65 -28.53 -37.83 -16.71
C HIS A 65 -29.82 -37.28 -16.12
N ASP A 66 -29.85 -37.08 -14.80
CA ASP A 66 -31.12 -36.69 -14.16
C ASP A 66 -31.68 -35.37 -14.68
N ARG A 67 -30.77 -34.49 -15.10
CA ARG A 67 -31.15 -33.16 -15.58
C ARG A 67 -31.75 -33.19 -16.98
N PHE A 68 -31.58 -34.30 -17.67
CA PHE A 68 -31.97 -34.43 -19.06
C PHE A 68 -33.42 -34.82 -19.26
N GLY A 69 -34.15 -34.90 -18.17
CA GLY A 69 -35.56 -35.20 -18.26
C GLY A 69 -36.31 -33.96 -18.64
N GLY A 70 -36.22 -32.95 -17.78
CA GLY A 70 -36.90 -31.70 -18.00
C GLY A 70 -36.48 -31.07 -19.32
N TYR A 71 -35.23 -31.32 -19.73
CA TYR A 71 -34.77 -30.86 -21.02
C TYR A 71 -35.50 -31.55 -22.16
N ALA A 72 -35.54 -32.89 -22.16
CA ALA A 72 -36.21 -33.62 -23.23
C ALA A 72 -37.70 -33.28 -23.31
N GLN A 73 -38.32 -32.99 -22.16
CA GLN A 73 -39.74 -32.64 -22.10
C GLN A 73 -39.99 -31.27 -22.71
N SER A 74 -39.05 -30.36 -22.45
CA SER A 74 -39.08 -29.01 -23.01
C SER A 74 -38.57 -29.02 -24.45
N GLY A 75 -38.12 -30.18 -24.93
CA GLY A 75 -37.65 -30.32 -26.29
C GLY A 75 -36.38 -29.53 -26.57
N LEU A 76 -35.60 -29.32 -25.53
CA LEU A 76 -34.34 -28.64 -25.67
C LEU A 76 -33.27 -29.58 -26.22
N LEU A 77 -33.60 -30.86 -26.37
CA LEU A 77 -32.58 -31.80 -26.80
C LEU A 77 -32.97 -32.54 -28.06
N ALA A 78 -31.97 -32.77 -28.91
CA ALA A 78 -32.17 -33.45 -30.17
C ALA A 78 -32.22 -34.95 -29.94
N GLU A 79 -32.96 -35.65 -30.78
CA GLU A 79 -33.03 -37.10 -30.71
C GLU A 79 -31.73 -37.71 -31.24
N ILE A 80 -31.22 -38.65 -30.48
CA ILE A 80 -29.98 -39.30 -30.78
C ILE A 80 -30.29 -40.52 -31.63
N THR A 81 -29.77 -40.58 -32.84
CA THR A 81 -30.00 -41.75 -33.69
C THR A 81 -28.70 -42.42 -34.09
N PRO A 82 -28.21 -43.32 -33.23
CA PRO A 82 -26.99 -44.07 -33.51
C PRO A 82 -27.30 -45.45 -34.09
N ASP A 83 -26.52 -45.86 -35.09
CA ASP A 83 -26.64 -47.20 -35.64
C ASP A 83 -26.48 -48.22 -34.54
N LYS A 84 -27.13 -49.36 -34.70
CA LYS A 84 -27.16 -50.38 -33.67
C LYS A 84 -25.74 -50.79 -33.30
N ALA A 85 -24.86 -50.80 -34.28
CA ALA A 85 -23.46 -51.17 -34.07
C ALA A 85 -22.78 -50.30 -33.00
N PHE A 86 -23.06 -48.99 -33.02
CA PHE A 86 -22.49 -48.08 -32.03
C PHE A 86 -23.16 -48.22 -30.69
N GLN A 87 -24.44 -48.57 -30.72
CA GLN A 87 -25.17 -48.73 -29.49
C GLN A 87 -24.56 -49.87 -28.68
N ASP A 88 -24.31 -51.00 -29.34
CA ASP A 88 -23.68 -52.17 -28.74
C ASP A 88 -22.36 -51.87 -28.05
N LYS A 89 -21.67 -50.83 -28.49
CA LYS A 89 -20.38 -50.49 -27.90
C LYS A 89 -20.52 -50.06 -26.44
N LEU A 90 -21.53 -49.27 -26.13
CA LEU A 90 -21.78 -48.82 -24.76
C LEU A 90 -22.61 -49.82 -23.97
N TYR A 91 -22.54 -49.76 -22.64
CA TYR A 91 -23.33 -50.63 -21.79
C TYR A 91 -24.83 -50.38 -21.97
N PRO A 92 -25.62 -51.47 -22.12
CA PRO A 92 -27.07 -51.35 -22.24
C PRO A 92 -27.66 -50.66 -21.04
N PHE A 93 -27.01 -50.81 -19.89
CA PHE A 93 -27.45 -50.10 -18.68
C PHE A 93 -27.39 -48.58 -18.81
N THR A 94 -26.30 -48.04 -19.37
CA THR A 94 -26.13 -46.60 -19.48
C THR A 94 -27.02 -45.99 -20.57
N TRP A 95 -27.35 -46.80 -21.58
CA TRP A 95 -28.27 -46.36 -22.61
C TRP A 95 -29.64 -46.10 -22.02
N ASP A 96 -30.00 -46.88 -21.01
CA ASP A 96 -31.30 -46.70 -20.40
C ASP A 96 -31.39 -45.38 -19.63
N ALA A 97 -30.29 -44.95 -19.03
CA ALA A 97 -30.33 -43.75 -18.19
C ALA A 97 -30.82 -42.52 -18.97
N VAL A 98 -30.41 -42.41 -20.22
CA VAL A 98 -30.63 -41.21 -20.99
C VAL A 98 -31.82 -41.37 -21.95
N ARG A 99 -32.68 -42.35 -21.66
CA ARG A 99 -33.81 -42.63 -22.51
C ARG A 99 -35.07 -41.98 -21.96
N TYR A 100 -35.69 -41.08 -22.72
CA TYR A 100 -36.91 -40.41 -22.27
C TYR A 100 -38.08 -40.59 -23.23
N ASN A 101 -39.14 -41.22 -22.75
CA ASN A 101 -40.30 -41.57 -23.58
C ASN A 101 -39.89 -42.47 -24.73
N GLY A 102 -38.95 -43.36 -24.45
CA GLY A 102 -38.49 -44.33 -25.43
C GLY A 102 -37.68 -43.66 -26.53
N LYS A 103 -37.15 -42.49 -26.21
CA LYS A 103 -36.26 -41.80 -27.12
C LYS A 103 -34.90 -41.66 -26.44
N LEU A 104 -33.84 -41.78 -27.22
CA LEU A 104 -32.52 -41.55 -26.68
C LEU A 104 -32.24 -40.07 -26.88
N ILE A 105 -32.10 -39.34 -25.78
CA ILE A 105 -31.95 -37.91 -25.88
C ILE A 105 -30.52 -37.45 -25.53
N ALA A 106 -29.66 -38.38 -25.12
CA ALA A 106 -28.25 -38.07 -24.90
C ALA A 106 -27.35 -39.27 -25.18
N TYR A 107 -26.04 -39.04 -25.05
CA TYR A 107 -25.00 -40.05 -25.19
C TYR A 107 -24.35 -40.33 -23.84
N PRO A 108 -24.56 -41.49 -23.25
CA PRO A 108 -23.92 -41.77 -21.94
C PRO A 108 -22.39 -41.80 -22.05
N ILE A 109 -21.71 -41.05 -21.20
CA ILE A 109 -20.25 -41.01 -21.21
C ILE A 109 -19.65 -41.89 -20.12
N ALA A 110 -20.19 -41.77 -18.91
CA ALA A 110 -19.67 -42.52 -17.77
C ALA A 110 -20.69 -42.73 -16.66
N VAL A 111 -20.42 -43.73 -15.83
CA VAL A 111 -21.17 -44.00 -14.62
C VAL A 111 -20.40 -43.52 -13.40
N GLU A 112 -20.88 -42.51 -12.70
CA GLU A 112 -20.12 -42.08 -11.52
C GLU A 112 -20.81 -42.39 -10.18
N ALA A 113 -20.03 -42.85 -9.22
CA ALA A 113 -20.58 -43.01 -7.89
C ALA A 113 -19.66 -42.52 -6.76
N LEU A 114 -20.30 -41.83 -5.81
CA LEU A 114 -19.73 -41.43 -4.54
C LEU A 114 -19.14 -42.61 -3.74
N SER A 115 -17.97 -42.38 -3.17
CA SER A 115 -17.25 -43.42 -2.44
C SER A 115 -16.58 -42.84 -1.18
N LEU A 116 -16.06 -43.71 -0.31
CA LEU A 116 -15.39 -43.24 0.90
C LEU A 116 -13.91 -43.11 0.57
N ILE A 117 -13.27 -42.04 1.02
CA ILE A 117 -11.84 -41.92 0.82
C ILE A 117 -11.17 -41.73 2.16
N TYR A 118 -10.25 -42.61 2.53
CA TYR A 118 -9.56 -42.51 3.82
C TYR A 118 -8.06 -42.33 3.61
N ASN A 119 -7.38 -41.74 4.60
CA ASN A 119 -5.94 -41.53 4.51
C ASN A 119 -5.13 -42.65 5.15
N LYS A 120 -4.53 -43.52 4.35
CA LYS A 120 -3.99 -44.77 4.87
C LYS A 120 -2.97 -44.62 6.01
N ASP A 121 -2.25 -43.50 6.03
CA ASP A 121 -1.30 -43.27 7.10
C ASP A 121 -2.04 -43.01 8.41
N LEU A 122 -2.99 -42.08 8.38
CA LEU A 122 -3.77 -41.76 9.58
C LEU A 122 -4.63 -42.92 10.07
N LEU A 123 -5.37 -43.54 9.14
CA LEU A 123 -6.25 -44.64 9.49
C LEU A 123 -5.83 -45.96 8.88
N PRO A 124 -5.31 -46.87 9.72
CA PRO A 124 -4.90 -48.22 9.33
C PRO A 124 -5.96 -48.91 8.52
N ASN A 125 -7.14 -49.05 9.14
CA ASN A 125 -8.32 -49.59 8.47
C ASN A 125 -9.50 -48.63 8.53
N PRO A 126 -10.14 -48.41 7.40
CA PRO A 126 -11.31 -47.53 7.31
C PRO A 126 -12.49 -48.09 8.10
N PRO A 127 -13.37 -47.23 8.63
CA PRO A 127 -14.50 -47.70 9.41
C PRO A 127 -15.50 -48.45 8.55
N LYS A 128 -16.22 -49.40 9.15
CA LYS A 128 -17.19 -50.18 8.40
C LYS A 128 -18.59 -49.61 8.60
N THR A 129 -18.81 -48.89 9.70
CA THR A 129 -20.11 -48.26 9.91
C THR A 129 -19.98 -46.77 10.18
N TRP A 130 -21.04 -46.03 9.87
CA TRP A 130 -21.14 -44.59 10.16
C TRP A 130 -21.01 -44.34 11.66
N GLU A 131 -21.47 -45.30 12.45
CA GLU A 131 -21.65 -45.10 13.88
C GLU A 131 -20.32 -45.12 14.63
N GLU A 132 -19.29 -45.67 13.99
CA GLU A 132 -17.95 -45.73 14.57
C GLU A 132 -17.24 -44.40 14.49
N ILE A 133 -17.72 -43.53 13.61
CA ILE A 133 -17.02 -42.29 13.30
C ILE A 133 -16.88 -41.29 14.48
N PRO A 134 -17.92 -41.15 15.34
CA PRO A 134 -17.72 -40.26 16.50
C PRO A 134 -16.54 -40.63 17.40
N ALA A 135 -16.37 -41.93 17.69
CA ALA A 135 -15.30 -42.41 18.56
C ALA A 135 -13.91 -42.24 17.92
N LEU A 136 -13.89 -42.18 16.59
CA LEU A 136 -12.68 -41.88 15.85
C LEU A 136 -12.34 -40.42 16.04
N ASP A 137 -13.36 -39.59 16.01
CA ASP A 137 -13.18 -38.15 16.13
C ASP A 137 -12.55 -37.77 17.47
N LYS A 138 -12.93 -38.48 18.53
CA LYS A 138 -12.36 -38.21 19.85
C LYS A 138 -10.85 -38.46 19.83
N GLU A 139 -10.47 -39.60 19.29
CA GLU A 139 -9.07 -39.91 19.08
C GLU A 139 -8.42 -38.98 18.08
N LEU A 140 -9.12 -38.70 16.99
CA LEU A 140 -8.56 -37.87 15.93
C LEU A 140 -8.31 -36.44 16.36
N LYS A 141 -9.24 -35.85 17.08
CA LYS A 141 -9.08 -34.47 17.49
C LYS A 141 -7.88 -34.32 18.41
N ALA A 142 -7.73 -35.28 19.33
CA ALA A 142 -6.61 -35.25 20.27
C ALA A 142 -5.26 -35.24 19.55
N LYS A 143 -5.23 -35.76 18.33
CA LYS A 143 -4.02 -35.77 17.50
C LYS A 143 -4.01 -34.55 16.60
N GLY A 144 -4.94 -33.63 16.86
CA GLY A 144 -5.04 -32.39 16.09
C GLY A 144 -5.65 -32.53 14.71
N LYS A 145 -6.27 -33.68 14.43
CA LYS A 145 -6.92 -33.95 13.14
C LYS A 145 -8.39 -34.26 13.33
N SER A 146 -9.16 -34.24 12.25
CA SER A 146 -10.58 -34.59 12.36
C SER A 146 -10.91 -35.90 11.64
N ALA A 147 -12.05 -36.48 11.98
CA ALA A 147 -12.45 -37.80 11.49
C ALA A 147 -12.94 -37.79 10.05
N LEU A 148 -13.94 -36.94 9.77
CA LEU A 148 -14.57 -36.85 8.44
C LEU A 148 -14.87 -35.42 8.02
N MET A 149 -14.47 -35.05 6.81
CA MET A 149 -14.88 -33.78 6.19
C MET A 149 -15.44 -33.98 4.79
N PHE A 150 -16.69 -33.57 4.56
CA PHE A 150 -17.31 -33.58 3.22
C PHE A 150 -18.43 -32.56 3.19
N ASN A 151 -18.73 -32.01 2.01
CA ASN A 151 -19.61 -30.83 1.98
C ASN A 151 -21.05 -31.17 2.31
N LEU A 152 -21.69 -30.27 3.04
CA LEU A 152 -23.06 -30.47 3.44
C LEU A 152 -23.94 -29.57 2.60
N GLN A 153 -23.29 -28.75 1.79
CA GLN A 153 -23.94 -27.74 0.96
C GLN A 153 -24.62 -28.30 -0.29
N GLU A 154 -24.33 -29.57 -0.60
CA GLU A 154 -24.87 -30.23 -1.78
C GLU A 154 -25.36 -31.64 -1.41
N PRO A 155 -26.65 -31.91 -1.61
CA PRO A 155 -27.35 -33.10 -1.11
C PRO A 155 -26.82 -34.40 -1.70
N TYR A 156 -26.25 -34.35 -2.90
CA TYR A 156 -25.67 -35.53 -3.53
C TYR A 156 -24.89 -36.38 -2.54
N PHE A 157 -24.23 -35.68 -1.60
CA PHE A 157 -23.30 -36.23 -0.61
C PHE A 157 -23.95 -36.68 0.69
N THR A 158 -25.03 -36.04 1.09
CA THR A 158 -25.65 -36.44 2.34
C THR A 158 -26.64 -37.58 2.05
N TRP A 159 -26.98 -37.75 0.78
CA TRP A 159 -27.98 -38.73 0.39
C TRP A 159 -27.66 -40.22 0.62
N PRO A 160 -26.40 -40.68 0.44
CA PRO A 160 -26.15 -42.11 0.65
C PRO A 160 -26.48 -42.55 2.07
N LEU A 161 -26.35 -41.60 2.99
CA LEU A 161 -26.66 -41.81 4.39
C LEU A 161 -28.15 -41.75 4.64
N ILE A 162 -28.80 -40.74 4.07
CA ILE A 162 -30.26 -40.54 4.19
C ILE A 162 -30.99 -41.77 3.61
N ALA A 163 -30.61 -42.16 2.41
CA ALA A 163 -31.25 -43.28 1.73
C ALA A 163 -31.02 -44.61 2.43
N ALA A 164 -30.01 -44.67 3.29
CA ALA A 164 -29.52 -45.93 3.85
C ALA A 164 -30.57 -46.76 4.60
N ASP A 165 -31.07 -46.29 5.73
CA ASP A 165 -32.08 -47.05 6.44
C ASP A 165 -33.45 -46.97 5.79
N GLY A 166 -33.50 -46.53 4.53
CA GLY A 166 -34.71 -46.67 3.74
C GLY A 166 -35.30 -45.43 3.10
N GLY A 167 -34.61 -44.31 3.17
CA GLY A 167 -35.09 -43.10 2.53
C GLY A 167 -35.12 -43.32 1.04
N TYR A 168 -36.03 -42.67 0.34
CA TYR A 168 -36.03 -42.79 -1.11
C TYR A 168 -36.62 -41.58 -1.80
N ALA A 169 -36.05 -41.26 -2.97
CA ALA A 169 -36.52 -40.16 -3.81
C ALA A 169 -37.92 -40.33 -4.42
N PHE A 170 -38.22 -41.53 -4.91
CA PHE A 170 -39.52 -41.80 -5.50
C PHE A 170 -39.75 -43.30 -5.56
N LYS A 171 -40.99 -43.73 -5.39
CA LYS A 171 -41.30 -45.12 -5.58
C LYS A 171 -41.26 -45.42 -7.05
N TYR A 172 -40.94 -46.64 -7.40
CA TYR A 172 -40.75 -47.03 -8.77
C TYR A 172 -41.77 -47.93 -9.47
N GLU A 173 -42.85 -48.31 -8.82
CA GLU A 173 -43.65 -49.44 -9.30
C GLU A 173 -44.20 -49.28 -10.73
N ASN A 174 -44.24 -50.41 -11.43
CA ASN A 174 -44.84 -50.61 -12.75
C ASN A 174 -44.02 -49.98 -13.88
N GLY A 175 -42.72 -49.87 -13.68
CA GLY A 175 -41.82 -49.30 -14.68
C GLY A 175 -41.97 -47.79 -14.85
N LYS A 176 -42.69 -47.15 -13.96
CA LYS A 176 -42.89 -45.71 -14.03
C LYS A 176 -42.57 -45.14 -12.65
N TYR A 177 -42.09 -43.90 -12.58
CA TYR A 177 -41.83 -43.24 -11.30
C TYR A 177 -43.11 -42.59 -10.79
N ASP A 178 -43.36 -42.67 -9.49
CA ASP A 178 -44.62 -42.15 -8.96
C ASP A 178 -44.39 -40.84 -8.23
N ILE A 179 -44.80 -39.73 -8.86
CA ILE A 179 -44.54 -38.38 -8.33
C ILE A 179 -45.35 -38.03 -7.09
N LYS A 180 -46.48 -38.69 -6.93
CA LYS A 180 -47.32 -38.43 -5.78
C LYS A 180 -46.87 -39.31 -4.60
N ASP A 181 -45.79 -40.06 -4.80
CA ASP A 181 -45.21 -40.94 -3.77
C ASP A 181 -43.74 -40.65 -3.51
N VAL A 182 -43.46 -39.81 -2.52
CA VAL A 182 -42.10 -39.38 -2.21
C VAL A 182 -41.67 -39.86 -0.82
N GLY A 183 -40.43 -40.32 -0.70
CA GLY A 183 -39.98 -40.87 0.56
C GLY A 183 -38.82 -40.13 1.24
N VAL A 184 -38.91 -38.82 1.28
CA VAL A 184 -37.90 -37.98 1.93
C VAL A 184 -38.14 -37.84 3.43
N ASP A 185 -39.39 -38.09 3.83
CA ASP A 185 -39.84 -37.84 5.20
C ASP A 185 -40.20 -39.11 5.95
N ASN A 186 -39.85 -40.26 5.37
CA ASN A 186 -40.15 -41.50 6.07
C ASN A 186 -39.19 -41.71 7.22
N ALA A 187 -39.54 -42.65 8.09
CA ALA A 187 -38.76 -42.93 9.29
C ALA A 187 -37.28 -43.17 9.00
N GLY A 188 -37.02 -43.87 7.89
CA GLY A 188 -35.67 -44.23 7.50
C GLY A 188 -34.79 -43.01 7.23
N ALA A 189 -35.22 -42.16 6.30
CA ALA A 189 -34.47 -40.96 5.93
C ALA A 189 -34.35 -40.01 7.11
N LYS A 190 -35.25 -40.14 8.08
CA LYS A 190 -35.19 -39.29 9.27
C LYS A 190 -33.99 -39.72 10.10
N ALA A 191 -33.83 -41.03 10.25
CA ALA A 191 -32.73 -41.60 11.03
C ALA A 191 -31.41 -41.20 10.42
N GLY A 192 -31.37 -41.12 9.09
CA GLY A 192 -30.17 -40.71 8.38
C GLY A 192 -29.77 -39.27 8.66
N LEU A 193 -30.57 -38.33 8.17
CA LEU A 193 -30.29 -36.91 8.35
C LEU A 193 -30.02 -36.59 9.82
N THR A 194 -30.79 -37.24 10.70
CA THR A 194 -30.64 -37.04 12.14
C THR A 194 -29.29 -37.48 12.63
N PHE A 195 -28.79 -38.58 12.08
CA PHE A 195 -27.46 -39.00 12.46
C PHE A 195 -26.51 -37.89 12.09
N LEU A 196 -26.72 -37.31 10.91
CA LEU A 196 -25.76 -36.36 10.39
C LEU A 196 -25.77 -35.08 11.21
N VAL A 197 -26.95 -34.62 11.62
CA VAL A 197 -26.98 -33.45 12.47
C VAL A 197 -26.31 -33.83 13.80
N ASP A 198 -26.46 -35.09 14.19
CA ASP A 198 -25.96 -35.50 15.48
C ASP A 198 -24.47 -35.25 15.46
N LEU A 199 -23.86 -35.50 14.31
CA LEU A 199 -22.46 -35.18 14.13
C LEU A 199 -22.21 -33.68 14.27
N ILE A 200 -23.09 -32.86 13.69
CA ILE A 200 -22.91 -31.41 13.77
C ILE A 200 -23.03 -30.90 15.20
N LYS A 201 -24.01 -31.40 15.93
CA LYS A 201 -24.32 -30.96 17.28
C LYS A 201 -23.16 -31.29 18.20
N ASN A 202 -22.56 -32.46 17.98
CA ASN A 202 -21.42 -32.92 18.78
C ASN A 202 -20.06 -32.43 18.24
N LYS A 203 -20.12 -31.53 17.25
CA LYS A 203 -18.93 -30.86 16.70
C LYS A 203 -17.96 -31.79 15.97
N HIS A 204 -18.45 -32.93 15.47
CA HIS A 204 -17.62 -33.86 14.71
C HIS A 204 -17.54 -33.39 13.27
N MET A 205 -18.55 -32.65 12.85
CA MET A 205 -18.53 -31.98 11.57
C MET A 205 -18.95 -30.53 11.74
N ASN A 206 -18.42 -29.64 10.91
CA ASN A 206 -18.92 -28.27 10.90
C ASN A 206 -19.99 -28.18 9.80
N ALA A 207 -21.09 -27.48 10.10
CA ALA A 207 -22.23 -27.42 9.22
C ALA A 207 -21.95 -26.59 7.99
N ASP A 208 -20.86 -25.83 8.02
CA ASP A 208 -20.62 -24.83 6.98
C ASP A 208 -19.68 -25.30 5.88
N THR A 209 -19.11 -26.49 6.06
CA THR A 209 -18.10 -26.96 5.14
C THR A 209 -18.68 -27.10 3.72
N ASP A 210 -17.85 -26.77 2.75
CA ASP A 210 -18.16 -26.85 1.34
C ASP A 210 -17.14 -27.78 0.68
N TYR A 211 -17.39 -28.16 -0.57
CA TYR A 211 -16.44 -28.96 -1.34
C TYR A 211 -15.03 -28.42 -1.19
N SER A 212 -14.88 -27.11 -1.35
CA SER A 212 -13.58 -26.46 -1.29
C SER A 212 -12.87 -26.78 0.01
N ILE A 213 -13.62 -26.74 1.10
CA ILE A 213 -13.06 -26.89 2.43
C ILE A 213 -12.64 -28.31 2.71
N ALA A 214 -13.51 -29.23 2.33
CA ALA A 214 -13.29 -30.65 2.55
C ALA A 214 -12.14 -31.16 1.70
N GLU A 215 -12.13 -30.81 0.42
CA GLU A 215 -11.05 -31.16 -0.49
C GLU A 215 -9.72 -30.69 0.11
N ALA A 216 -9.63 -29.39 0.38
CA ALA A 216 -8.42 -28.79 0.93
C ALA A 216 -7.96 -29.49 2.20
N ALA A 217 -8.91 -29.77 3.07
CA ALA A 217 -8.61 -30.37 4.36
C ALA A 217 -8.04 -31.77 4.21
N PHE A 218 -8.50 -32.53 3.22
CA PHE A 218 -8.03 -33.90 3.07
C PHE A 218 -6.66 -33.96 2.43
N ASN A 219 -6.45 -33.13 1.41
CA ASN A 219 -5.19 -33.09 0.70
C ASN A 219 -4.06 -32.68 1.61
N LYS A 220 -4.39 -31.92 2.66
CA LYS A 220 -3.38 -31.44 3.58
C LYS A 220 -3.16 -32.38 4.79
N GLY A 221 -4.00 -33.40 4.91
CA GLY A 221 -3.90 -34.34 5.99
C GLY A 221 -4.53 -33.83 7.27
N GLU A 222 -5.35 -32.79 7.16
CA GLU A 222 -6.02 -32.25 8.32
C GLU A 222 -7.12 -33.22 8.77
N THR A 223 -7.84 -33.79 7.81
CA THR A 223 -8.85 -34.81 8.11
C THR A 223 -8.45 -36.19 7.54
N ALA A 224 -9.10 -37.23 8.04
CA ALA A 224 -8.69 -38.60 7.77
C ALA A 224 -9.56 -39.25 6.69
N MET A 225 -10.77 -38.73 6.54
CA MET A 225 -11.73 -39.28 5.60
C MET A 225 -12.50 -38.20 4.86
N THR A 226 -13.01 -38.56 3.69
CA THR A 226 -13.88 -37.70 2.94
C THR A 226 -14.72 -38.57 2.00
N ILE A 227 -15.82 -38.01 1.52
CA ILE A 227 -16.66 -38.71 0.54
C ILE A 227 -16.72 -37.88 -0.72
N ASN A 228 -16.30 -38.49 -1.81
CA ASN A 228 -16.21 -37.78 -3.09
C ASN A 228 -16.28 -38.73 -4.26
N GLY A 229 -16.18 -38.17 -5.46
CA GLY A 229 -16.29 -38.97 -6.67
C GLY A 229 -14.97 -39.10 -7.38
N PRO A 230 -14.95 -39.82 -8.51
CA PRO A 230 -13.70 -40.09 -9.22
C PRO A 230 -12.99 -38.82 -9.70
N TRP A 231 -13.72 -37.75 -9.97
CA TRP A 231 -13.08 -36.52 -10.38
C TRP A 231 -12.22 -35.92 -9.28
N ALA A 232 -12.26 -36.52 -8.11
CA ALA A 232 -11.50 -35.98 -6.99
C ALA A 232 -10.08 -36.52 -6.98
N TRP A 233 -9.87 -37.69 -7.58
CA TRP A 233 -8.59 -38.41 -7.46
C TRP A 233 -7.38 -37.67 -8.05
N SER A 234 -7.59 -36.87 -9.11
CA SER A 234 -6.46 -36.24 -9.77
C SER A 234 -5.76 -35.27 -8.83
N ASN A 235 -6.55 -34.46 -8.13
CA ASN A 235 -5.99 -33.45 -7.24
C ASN A 235 -5.33 -34.03 -5.99
N ILE A 236 -5.83 -35.17 -5.55
CA ILE A 236 -5.23 -35.89 -4.43
C ILE A 236 -3.93 -36.57 -4.85
N ASP A 237 -3.87 -37.03 -6.10
CA ASP A 237 -2.67 -37.69 -6.63
C ASP A 237 -1.52 -36.70 -6.54
N THR A 238 -1.81 -35.46 -6.92
CA THR A 238 -0.86 -34.34 -6.84
C THR A 238 -0.34 -34.16 -5.41
N SER A 239 -1.29 -34.17 -4.47
CA SER A 239 -0.99 -34.12 -3.05
C SER A 239 -0.03 -35.25 -2.62
N LYS A 240 0.55 -35.09 -1.44
CA LYS A 240 1.45 -36.09 -0.88
C LYS A 240 0.66 -37.28 -0.35
N VAL A 241 -0.65 -37.08 -0.18
CA VAL A 241 -1.51 -38.02 0.53
C VAL A 241 -1.58 -39.40 -0.10
N ASN A 242 -1.34 -40.40 0.73
CA ASN A 242 -1.55 -41.79 0.40
C ASN A 242 -2.96 -42.19 0.81
N TYR A 243 -3.86 -42.24 -0.16
CA TYR A 243 -5.25 -42.47 0.16
C TYR A 243 -5.70 -43.85 -0.25
N GLY A 244 -6.90 -44.19 0.21
CA GLY A 244 -7.54 -45.44 -0.14
C GLY A 244 -8.99 -45.17 -0.45
N VAL A 245 -9.52 -45.89 -1.43
CA VAL A 245 -10.89 -45.70 -1.87
C VAL A 245 -11.69 -46.99 -1.66
N THR A 246 -12.51 -47.02 -0.62
CA THR A 246 -13.31 -48.20 -0.31
C THR A 246 -14.81 -47.91 -0.25
N VAL A 247 -15.55 -48.96 0.08
CA VAL A 247 -17.00 -48.91 0.14
C VAL A 247 -17.42 -47.99 1.28
N LEU A 248 -18.57 -47.34 1.06
CA LEU A 248 -19.18 -46.42 2.00
C LEU A 248 -19.65 -47.08 3.28
N PRO A 249 -19.42 -46.43 4.40
CA PRO A 249 -19.80 -47.00 5.69
C PRO A 249 -21.30 -47.26 5.76
N THR A 250 -21.64 -48.38 6.39
CA THR A 250 -23.02 -48.82 6.58
C THR A 250 -23.74 -47.96 7.58
N PHE A 251 -25.06 -47.90 7.47
CA PHE A 251 -25.90 -47.24 8.47
C PHE A 251 -26.85 -48.26 9.08
N LYS A 252 -26.82 -48.39 10.40
CA LYS A 252 -27.78 -49.24 11.08
C LYS A 252 -27.75 -50.64 10.52
N GLY A 253 -26.57 -51.11 10.14
CA GLY A 253 -26.41 -52.44 9.59
C GLY A 253 -26.75 -52.58 8.11
N GLN A 254 -27.03 -51.47 7.44
CA GLN A 254 -27.41 -51.52 6.04
C GLN A 254 -26.55 -50.60 5.21
N PRO A 255 -26.26 -50.98 3.96
CA PRO A 255 -25.31 -50.24 3.13
C PRO A 255 -25.70 -48.78 2.89
N SER A 256 -24.69 -47.92 2.76
CA SER A 256 -24.93 -46.60 2.22
C SER A 256 -25.43 -46.82 0.80
N LYS A 257 -26.57 -46.22 0.46
CA LYS A 257 -27.17 -46.36 -0.86
C LYS A 257 -27.08 -45.03 -1.60
N PRO A 258 -25.91 -44.74 -2.19
CA PRO A 258 -25.70 -43.49 -2.93
C PRO A 258 -26.45 -43.45 -4.25
N PHE A 259 -26.91 -42.27 -4.63
CA PHE A 259 -27.51 -42.03 -5.95
C PHE A 259 -26.45 -42.12 -7.04
N VAL A 260 -26.70 -42.89 -8.09
CA VAL A 260 -25.70 -43.08 -9.15
C VAL A 260 -26.02 -42.23 -10.38
N GLY A 261 -25.08 -41.39 -10.81
CA GLY A 261 -25.29 -40.57 -11.98
C GLY A 261 -24.55 -41.02 -13.23
N VAL A 262 -25.19 -40.96 -14.38
CA VAL A 262 -24.46 -41.20 -15.63
C VAL A 262 -24.12 -39.88 -16.33
N LEU A 263 -22.84 -39.58 -16.52
CA LEU A 263 -22.47 -38.42 -17.31
C LEU A 263 -22.93 -38.62 -18.74
N SER A 264 -23.62 -37.61 -19.26
CA SER A 264 -24.27 -37.70 -20.56
C SER A 264 -24.03 -36.48 -21.43
N ALA A 265 -24.04 -36.70 -22.73
CA ALA A 265 -23.76 -35.67 -23.70
C ALA A 265 -25.04 -35.34 -24.47
N GLY A 266 -25.67 -34.21 -24.20
CA GLY A 266 -26.88 -33.84 -24.92
C GLY A 266 -26.59 -33.02 -26.17
N ILE A 267 -27.37 -33.21 -27.24
CA ILE A 267 -27.23 -32.32 -28.39
C ILE A 267 -28.34 -31.28 -28.33
N ASN A 268 -28.03 -30.06 -28.74
CA ASN A 268 -29.02 -29.01 -28.72
C ASN A 268 -29.94 -29.15 -29.92
N ALA A 269 -31.25 -29.12 -29.64
CA ALA A 269 -32.26 -29.18 -30.69
C ALA A 269 -32.14 -27.97 -31.61
N ALA A 270 -31.62 -26.88 -31.05
CA ALA A 270 -31.48 -25.62 -31.77
C ALA A 270 -30.28 -25.61 -32.73
N SER A 271 -29.24 -26.39 -32.39
CA SER A 271 -27.98 -26.37 -33.12
C SER A 271 -28.15 -26.52 -34.61
N PRO A 272 -27.40 -25.74 -35.36
CA PRO A 272 -27.21 -25.99 -36.78
C PRO A 272 -26.40 -27.24 -36.97
N ASN A 273 -25.39 -27.40 -36.13
CA ASN A 273 -24.39 -28.45 -36.27
C ASN A 273 -24.73 -29.76 -35.57
N LYS A 274 -25.92 -30.27 -35.81
CA LYS A 274 -26.32 -31.53 -35.20
C LYS A 274 -25.41 -32.63 -35.70
N GLU A 275 -25.04 -32.53 -36.97
CA GLU A 275 -24.26 -33.56 -37.67
C GLU A 275 -22.80 -33.59 -37.21
N LEU A 276 -22.31 -32.43 -36.81
CA LEU A 276 -20.95 -32.27 -36.32
C LEU A 276 -20.91 -32.72 -34.89
N ALA A 277 -22.05 -32.62 -34.20
CA ALA A 277 -22.12 -33.04 -32.82
C ALA A 277 -22.24 -34.56 -32.74
N LYS A 278 -22.98 -35.18 -33.64
CA LYS A 278 -23.01 -36.63 -33.65
C LYS A 278 -21.62 -37.16 -33.94
N GLU A 279 -20.97 -36.57 -34.93
CA GLU A 279 -19.66 -37.04 -35.39
C GLU A 279 -18.59 -36.94 -34.31
N PHE A 280 -18.64 -35.87 -33.52
CA PHE A 280 -17.65 -35.62 -32.49
C PHE A 280 -17.76 -36.62 -31.34
N LEU A 281 -18.97 -36.81 -30.84
CA LEU A 281 -19.22 -37.67 -29.69
C LEU A 281 -19.06 -39.15 -30.04
N GLU A 282 -19.42 -39.51 -31.26
CA GLU A 282 -19.42 -40.91 -31.68
C GLU A 282 -18.03 -41.43 -32.08
N ASN A 283 -17.33 -40.66 -32.91
CA ASN A 283 -16.02 -41.09 -33.42
C ASN A 283 -14.80 -40.51 -32.70
N TYR A 284 -14.98 -39.44 -31.92
CA TYR A 284 -13.84 -38.81 -31.23
C TYR A 284 -13.97 -38.85 -29.69
N LEU A 285 -15.16 -38.70 -29.16
CA LEU A 285 -15.27 -38.68 -27.71
C LEU A 285 -15.35 -40.10 -27.19
N LEU A 286 -16.33 -40.85 -27.68
CA LEU A 286 -16.55 -42.24 -27.26
C LEU A 286 -15.69 -43.25 -28.03
N THR A 287 -14.38 -43.14 -27.91
CA THR A 287 -13.46 -44.20 -28.30
C THR A 287 -12.50 -44.34 -27.13
N ASP A 288 -11.55 -45.26 -27.23
CA ASP A 288 -10.61 -45.46 -26.12
C ASP A 288 -9.66 -44.29 -25.96
N GLU A 289 -9.22 -43.76 -27.11
CA GLU A 289 -8.17 -42.75 -27.20
C GLU A 289 -8.62 -41.39 -26.72
N GLY A 290 -9.92 -41.13 -26.92
CA GLY A 290 -10.56 -39.90 -26.50
C GLY A 290 -11.09 -39.96 -25.09
N LEU A 291 -11.56 -41.12 -24.66
CA LEU A 291 -11.97 -41.27 -23.26
C LEU A 291 -10.78 -41.20 -22.34
N GLU A 292 -9.67 -41.77 -22.81
CA GLU A 292 -8.44 -41.73 -22.04
C GLU A 292 -7.98 -40.31 -21.90
N ALA A 293 -8.21 -39.51 -22.94
CA ALA A 293 -7.82 -38.09 -22.96
C ALA A 293 -8.54 -37.31 -21.88
N VAL A 294 -9.86 -37.46 -21.80
CA VAL A 294 -10.65 -36.86 -20.74
C VAL A 294 -10.21 -37.40 -19.39
N ASN A 295 -10.03 -38.71 -19.33
CA ASN A 295 -9.72 -39.40 -18.10
C ASN A 295 -8.41 -38.94 -17.44
N LYS A 296 -7.39 -38.66 -18.24
CA LYS A 296 -6.11 -38.29 -17.65
C LYS A 296 -6.19 -36.96 -16.90
N ASP A 297 -7.09 -36.08 -17.34
CA ASP A 297 -7.30 -34.77 -16.69
C ASP A 297 -8.02 -34.96 -15.35
N LYS A 298 -9.24 -35.49 -15.42
CA LYS A 298 -10.00 -35.89 -14.24
C LYS A 298 -10.63 -37.26 -14.49
N PRO A 299 -10.44 -38.22 -13.56
CA PRO A 299 -10.96 -39.57 -13.79
C PRO A 299 -12.48 -39.58 -13.96
N LEU A 300 -12.94 -40.36 -14.93
CA LEU A 300 -14.36 -40.43 -15.25
C LEU A 300 -15.09 -41.36 -14.30
N GLY A 301 -14.33 -42.29 -13.74
CA GLY A 301 -14.90 -43.40 -12.99
C GLY A 301 -14.94 -44.62 -13.88
N ALA A 302 -16.05 -45.34 -13.82
CA ALA A 302 -16.26 -46.47 -14.70
C ALA A 302 -16.98 -45.97 -15.93
N VAL A 303 -16.37 -46.06 -17.09
CA VAL A 303 -16.96 -45.50 -18.29
C VAL A 303 -18.06 -46.39 -18.88
N ALA A 304 -18.82 -45.82 -19.81
CA ALA A 304 -19.92 -46.54 -20.43
C ALA A 304 -19.43 -47.31 -21.61
N LEU A 305 -18.22 -46.99 -22.07
CA LEU A 305 -17.71 -47.59 -23.29
C LEU A 305 -17.11 -48.95 -22.97
N LYS A 306 -17.63 -50.01 -23.58
CA LYS A 306 -17.33 -51.32 -23.09
C LYS A 306 -15.84 -51.53 -23.16
N SER A 307 -15.26 -51.24 -24.31
CA SER A 307 -13.87 -51.61 -24.59
C SER A 307 -12.94 -50.98 -23.59
N TYR A 308 -13.03 -49.67 -23.44
CA TYR A 308 -12.14 -48.97 -22.54
C TYR A 308 -12.44 -49.26 -21.07
N GLU A 309 -13.62 -49.83 -20.79
CA GLU A 309 -13.98 -50.13 -19.41
C GLU A 309 -13.22 -51.36 -18.91
N GLU A 310 -12.97 -52.32 -19.78
CA GLU A 310 -12.22 -53.50 -19.39
C GLU A 310 -10.98 -53.13 -18.63
N GLU A 311 -10.25 -52.16 -19.19
CA GLU A 311 -8.96 -51.79 -18.66
C GLU A 311 -9.12 -50.95 -17.41
N LEU A 312 -10.26 -50.30 -17.28
CA LEU A 312 -10.46 -49.42 -16.13
C LEU A 312 -10.83 -50.21 -14.91
N ALA A 313 -11.70 -51.19 -15.08
CA ALA A 313 -12.22 -51.96 -13.96
C ALA A 313 -11.09 -52.52 -13.10
N LYS A 314 -9.91 -52.66 -13.68
CA LYS A 314 -8.77 -53.24 -13.01
C LYS A 314 -8.25 -52.37 -11.88
N ASP A 315 -8.48 -51.06 -11.98
CA ASP A 315 -8.10 -50.15 -10.90
C ASP A 315 -9.04 -50.37 -9.73
N PRO A 316 -8.49 -50.73 -8.56
CA PRO A 316 -9.33 -50.96 -7.38
C PRO A 316 -10.20 -49.76 -7.06
N ARG A 317 -9.80 -48.58 -7.51
CA ARG A 317 -10.63 -47.41 -7.26
C ARG A 317 -11.88 -47.46 -8.14
N ILE A 318 -11.74 -47.87 -9.40
CA ILE A 318 -12.89 -47.98 -10.29
C ILE A 318 -13.84 -49.09 -9.84
N ALA A 319 -13.28 -50.23 -9.44
CA ALA A 319 -14.11 -51.34 -9.00
C ALA A 319 -14.74 -51.02 -7.64
N ALA A 320 -14.10 -50.09 -6.91
CA ALA A 320 -14.63 -49.61 -5.62
C ALA A 320 -15.82 -48.70 -5.84
N THR A 321 -15.71 -47.89 -6.88
CA THR A 321 -16.76 -47.00 -7.30
C THR A 321 -17.91 -47.83 -7.82
N MET A 322 -17.57 -48.86 -8.60
CA MET A 322 -18.56 -49.79 -9.11
C MET A 322 -19.35 -50.41 -7.98
N GLU A 323 -18.61 -50.78 -6.93
CA GLU A 323 -19.13 -51.44 -5.74
C GLU A 323 -20.18 -50.66 -4.99
N ASN A 324 -19.97 -49.35 -4.85
CA ASN A 324 -20.95 -48.45 -4.27
C ASN A 324 -22.08 -48.12 -5.25
N ALA A 325 -21.82 -48.28 -6.54
CA ALA A 325 -22.87 -47.98 -7.49
C ALA A 325 -23.91 -49.09 -7.40
N GLN A 326 -23.47 -50.31 -7.14
CA GLN A 326 -24.39 -51.45 -7.03
C GLN A 326 -25.12 -51.43 -5.71
N LYS A 327 -24.47 -50.89 -4.69
CA LYS A 327 -25.09 -50.81 -3.39
C LYS A 327 -26.04 -49.61 -3.32
N GLY A 328 -25.94 -48.70 -4.29
CA GLY A 328 -26.86 -47.58 -4.37
C GLY A 328 -27.84 -47.77 -5.51
N GLU A 329 -28.62 -46.72 -5.81
CA GLU A 329 -29.55 -46.77 -6.94
C GLU A 329 -29.31 -45.68 -7.95
N ILE A 330 -29.81 -45.89 -9.15
CA ILE A 330 -29.51 -44.97 -10.23
C ILE A 330 -30.59 -43.86 -10.32
N MET A 331 -30.14 -42.60 -10.34
CA MET A 331 -31.05 -41.45 -10.36
C MET A 331 -32.13 -41.60 -11.40
N PRO A 332 -33.37 -41.26 -11.05
CA PRO A 332 -34.41 -41.12 -12.07
C PRO A 332 -34.06 -39.97 -13.02
N ASN A 333 -34.53 -40.02 -14.26
CA ASN A 333 -34.40 -38.87 -15.14
C ASN A 333 -35.72 -38.15 -15.39
N ILE A 334 -36.70 -38.33 -14.50
CA ILE A 334 -37.94 -37.58 -14.58
C ILE A 334 -37.62 -36.08 -14.47
N PRO A 335 -38.50 -35.20 -15.01
CA PRO A 335 -38.41 -33.73 -14.94
C PRO A 335 -38.50 -33.18 -13.52
N GLN A 336 -39.19 -33.90 -12.65
CA GLN A 336 -39.32 -33.45 -11.27
C GLN A 336 -38.02 -33.55 -10.49
N MET A 337 -37.08 -34.37 -10.97
CA MET A 337 -35.82 -34.63 -10.26
C MET A 337 -35.07 -33.36 -9.83
N SER A 338 -35.15 -32.32 -10.66
CA SER A 338 -34.55 -31.03 -10.34
C SER A 338 -35.20 -30.39 -9.09
N ALA A 339 -36.53 -30.36 -9.10
CA ALA A 339 -37.32 -29.87 -7.97
C ALA A 339 -37.15 -30.75 -6.74
N PHE A 340 -36.91 -32.04 -6.95
CA PHE A 340 -36.57 -32.92 -5.84
C PHE A 340 -35.27 -32.44 -5.19
N TRP A 341 -34.24 -32.29 -5.99
CA TRP A 341 -32.90 -31.95 -5.49
C TRP A 341 -32.87 -30.58 -4.78
N TYR A 342 -33.59 -29.62 -5.33
CA TYR A 342 -33.67 -28.32 -4.70
C TYR A 342 -34.32 -28.47 -3.34
N ALA A 343 -35.38 -29.27 -3.32
CA ALA A 343 -36.26 -29.44 -2.16
C ALA A 343 -35.54 -30.05 -0.98
N VAL A 344 -34.71 -31.05 -1.27
CA VAL A 344 -33.81 -31.65 -0.29
C VAL A 344 -32.65 -30.76 0.16
N ARG A 345 -32.05 -30.06 -0.78
CA ARG A 345 -30.80 -29.35 -0.51
C ARG A 345 -31.03 -28.33 0.58
N THR A 346 -32.18 -27.68 0.50
CA THR A 346 -32.59 -26.75 1.53
C THR A 346 -32.85 -27.47 2.85
N ALA A 347 -33.39 -28.68 2.77
CA ALA A 347 -33.77 -29.41 3.98
C ALA A 347 -32.56 -29.82 4.80
N VAL A 348 -31.59 -30.45 4.16
CA VAL A 348 -30.31 -30.74 4.81
C VAL A 348 -29.70 -29.48 5.41
N ILE A 349 -29.68 -28.39 4.65
CA ILE A 349 -29.02 -27.17 5.12
C ILE A 349 -29.76 -26.60 6.32
N ASN A 350 -31.09 -26.63 6.27
CA ASN A 350 -31.91 -26.15 7.40
C ASN A 350 -31.78 -27.06 8.59
N ALA A 351 -31.52 -28.33 8.32
CA ALA A 351 -31.26 -29.30 9.36
C ALA A 351 -29.92 -29.04 10.00
N ALA A 352 -28.93 -28.68 9.17
CA ALA A 352 -27.54 -28.51 9.61
C ALA A 352 -27.38 -27.20 10.37
N SER A 353 -28.01 -26.17 9.82
CA SER A 353 -28.22 -24.93 10.54
C SER A 353 -29.21 -25.22 11.66
N GLY A 354 -29.41 -24.28 12.58
CA GLY A 354 -30.46 -24.44 13.56
C GLY A 354 -31.77 -23.94 13.00
N ARG A 355 -31.84 -23.84 11.67
CA ARG A 355 -32.94 -23.17 10.97
C ARG A 355 -34.29 -23.80 11.28
N GLN A 356 -34.28 -25.13 11.35
CA GLN A 356 -35.45 -25.90 11.75
C GLN A 356 -35.00 -27.31 12.14
N THR A 357 -35.82 -28.02 12.90
CA THR A 357 -35.50 -29.37 13.30
C THR A 357 -35.47 -30.29 12.07
N VAL A 358 -34.82 -31.44 12.18
CA VAL A 358 -34.88 -32.45 11.12
C VAL A 358 -36.30 -32.77 10.72
N ASP A 359 -37.19 -32.93 11.69
CA ASP A 359 -38.53 -33.40 11.41
C ASP A 359 -39.32 -32.43 10.54
N GLU A 360 -39.27 -31.15 10.87
CA GLU A 360 -39.96 -30.15 10.06
C GLU A 360 -39.23 -29.95 8.74
N ALA A 361 -37.90 -30.01 8.78
CA ALA A 361 -37.07 -29.86 7.60
C ALA A 361 -37.43 -30.85 6.50
N LEU A 362 -37.54 -32.13 6.85
CA LEU A 362 -37.89 -33.15 5.87
C LEU A 362 -39.36 -33.08 5.48
N LYS A 363 -40.21 -32.69 6.43
CA LYS A 363 -41.65 -32.61 6.17
C LYS A 363 -41.88 -31.69 5.00
N ASP A 364 -41.16 -30.58 5.01
CA ASP A 364 -41.28 -29.57 3.98
C ASP A 364 -40.80 -30.12 2.65
N ALA A 365 -39.70 -30.84 2.66
CA ALA A 365 -39.20 -31.46 1.43
C ALA A 365 -40.25 -32.37 0.83
N GLN A 366 -40.92 -33.11 1.70
CA GLN A 366 -42.04 -33.99 1.36
C GLN A 366 -43.30 -33.27 0.95
N THR A 367 -43.59 -32.19 1.65
CA THR A 367 -44.82 -31.46 1.46
C THR A 367 -44.86 -30.86 0.08
N HIS A 368 -43.69 -30.59 -0.47
CA HIS A 368 -43.62 -29.80 -1.66
C HIS A 368 -44.46 -30.43 -2.74
N ASN A 369 -45.24 -29.58 -3.39
CA ASN A 369 -46.06 -29.91 -4.54
C ASN A 369 -45.21 -29.93 -5.82
N PHE A 370 -44.80 -31.11 -6.27
CA PHE A 370 -44.03 -31.21 -7.51
C PHE A 370 -44.93 -30.98 -8.70
N ASP A 371 -44.54 -30.04 -9.56
CA ASP A 371 -45.28 -29.70 -10.77
C ASP A 371 -45.35 -30.87 -11.75
N ASP A 372 -46.48 -31.02 -12.41
CA ASP A 372 -46.59 -32.06 -13.42
C ASP A 372 -47.38 -31.62 -14.64
N LYS A 373 -46.65 -31.47 -15.75
CA LYS A 373 -47.22 -31.23 -17.06
C LYS A 373 -48.22 -32.33 -17.39
N GLU A 374 -47.83 -33.56 -17.13
CA GLU A 374 -48.71 -34.70 -17.35
C GLU A 374 -50.04 -34.50 -16.63
N MET A 375 -49.98 -34.04 -15.39
CA MET A 375 -51.19 -33.85 -14.57
C MET A 375 -52.00 -32.64 -15.00
N LEU A 376 -51.30 -31.55 -15.28
CA LEU A 376 -51.93 -30.32 -15.74
C LEU A 376 -52.64 -30.52 -17.08
N LEU A 377 -52.07 -31.37 -17.91
CA LEU A 377 -52.61 -31.61 -19.24
C LEU A 377 -53.45 -32.86 -19.33
N GLN A 378 -53.80 -33.42 -18.18
CA GLN A 378 -54.39 -34.76 -18.12
C GLN A 378 -55.70 -34.81 -18.91
N GLU A 379 -56.50 -33.77 -18.79
CA GLU A 379 -57.72 -33.65 -19.57
C GLU A 379 -57.47 -33.41 -21.05
N PHE A 380 -56.50 -32.56 -21.34
CA PHE A 380 -56.29 -32.07 -22.71
C PHE A 380 -56.03 -33.20 -23.70
N PRO A 381 -56.54 -33.03 -24.91
CA PRO A 381 -56.16 -33.93 -26.01
C PRO A 381 -54.68 -34.10 -26.09
N GLU A 382 -54.26 -35.36 -26.19
CA GLU A 382 -52.87 -35.72 -25.99
C GLU A 382 -51.96 -35.09 -27.04
N GLN A 383 -52.42 -35.01 -28.27
CA GLN A 383 -51.63 -34.39 -29.33
C GLN A 383 -51.35 -32.93 -29.00
N LEU A 384 -52.34 -32.26 -28.42
CA LEU A 384 -52.18 -30.88 -27.98
C LEU A 384 -51.16 -30.83 -26.85
N THR A 385 -51.28 -31.77 -25.93
CA THR A 385 -50.43 -31.79 -24.73
C THR A 385 -48.96 -31.87 -25.11
N ASN A 386 -48.65 -32.69 -26.12
CA ASN A 386 -47.27 -32.84 -26.56
C ASN A 386 -46.69 -31.48 -26.97
N TYR A 387 -47.50 -30.70 -27.68
CA TYR A 387 -47.11 -29.35 -28.07
C TYR A 387 -46.88 -28.50 -26.83
N LEU A 388 -47.76 -28.68 -25.85
CA LEU A 388 -47.84 -27.84 -24.65
C LEU A 388 -46.74 -28.11 -23.61
N LEU A 389 -45.91 -29.12 -23.85
CA LEU A 389 -44.94 -29.52 -22.84
C LEU A 389 -43.79 -28.53 -22.77
N LYS A 390 -43.48 -27.89 -23.89
CA LYS A 390 -42.38 -26.95 -23.97
C LYS A 390 -42.46 -25.91 -22.87
N TYR A 391 -43.60 -25.24 -22.80
CA TYR A 391 -43.83 -24.12 -21.90
C TYR A 391 -43.54 -24.47 -20.45
N ASP A 392 -43.01 -23.50 -19.71
CA ASP A 392 -42.68 -23.70 -18.31
C ASP A 392 -43.97 -23.81 -17.52
N TYR A 393 -43.91 -24.33 -16.30
CA TYR A 393 -45.14 -24.63 -15.60
C TYR A 393 -45.92 -23.37 -15.26
N ARG A 394 -45.25 -22.25 -15.04
CA ARG A 394 -46.00 -21.06 -14.65
C ARG A 394 -46.84 -20.54 -15.82
N ASP A 395 -46.24 -20.51 -17.00
CA ASP A 395 -46.91 -20.10 -18.22
C ASP A 395 -48.04 -21.05 -18.56
N LEU A 396 -47.85 -22.33 -18.30
CA LEU A 396 -48.87 -23.32 -18.58
C LEU A 396 -50.14 -23.03 -17.79
N GLU A 397 -50.00 -22.59 -16.56
CA GLU A 397 -51.16 -22.28 -15.74
C GLU A 397 -51.93 -21.19 -16.43
N ILE A 398 -51.19 -20.22 -16.96
CA ILE A 398 -51.77 -19.10 -17.69
C ILE A 398 -52.59 -19.56 -18.89
N ILE A 399 -51.96 -20.36 -19.77
CA ILE A 399 -52.62 -20.86 -20.98
C ILE A 399 -53.76 -21.84 -20.67
N LYS A 400 -53.63 -22.58 -19.58
CA LYS A 400 -54.70 -23.48 -19.19
C LYS A 400 -55.94 -22.65 -18.87
N ALA A 401 -55.77 -21.71 -17.94
CA ALA A 401 -56.87 -20.86 -17.49
C ALA A 401 -57.55 -20.12 -18.64
N VAL A 402 -56.74 -19.57 -19.55
CA VAL A 402 -57.24 -18.89 -20.73
C VAL A 402 -58.01 -19.81 -21.67
N ILE A 403 -57.39 -20.93 -22.06
CA ILE A 403 -58.03 -21.90 -22.94
C ILE A 403 -59.36 -22.31 -22.36
N LEU A 404 -59.40 -22.49 -21.05
CA LEU A 404 -60.60 -23.02 -20.47
C LEU A 404 -61.67 -21.96 -20.47
N LYS A 405 -61.33 -20.70 -20.21
CA LYS A 405 -62.35 -19.66 -20.33
C LYS A 405 -62.84 -19.48 -21.78
N ALA A 406 -61.92 -19.41 -22.73
CA ALA A 406 -62.27 -19.29 -24.15
C ALA A 406 -63.26 -20.38 -24.56
N LYS A 407 -63.09 -21.59 -24.05
CA LYS A 407 -64.05 -22.66 -24.35
C LYS A 407 -65.38 -22.36 -23.73
N LYS A 408 -65.38 -22.05 -22.43
CA LYS A 408 -66.62 -21.79 -21.68
C LYS A 408 -67.45 -20.69 -22.32
N SER A 409 -66.74 -19.65 -22.80
CA SER A 409 -67.33 -18.51 -23.49
C SER A 409 -67.96 -18.89 -24.81
N PHE A 410 -67.24 -19.65 -25.62
CA PHE A 410 -67.77 -20.12 -26.89
C PHE A 410 -68.99 -21.02 -26.75
N ASN A 411 -69.02 -21.83 -25.69
CA ASN A 411 -70.19 -22.67 -25.40
C ASN A 411 -71.32 -21.79 -24.91
N SER A 412 -70.96 -20.66 -24.29
CA SER A 412 -71.96 -19.74 -23.78
C SER A 412 -72.69 -19.04 -24.90
N ARG A 413 -71.96 -18.66 -25.95
CA ARG A 413 -72.55 -17.96 -27.09
C ARG A 413 -73.35 -18.93 -27.96
N HIS A 414 -72.99 -20.21 -27.93
CA HIS A 414 -73.56 -21.19 -28.83
C HIS A 414 -74.24 -22.36 -28.13
N GLU A 415 -75.57 -22.29 -28.08
CA GLU A 415 -76.38 -23.27 -27.37
C GLU A 415 -76.22 -24.69 -27.93
N ASP A 416 -76.49 -24.85 -29.22
CA ASP A 416 -76.64 -26.18 -29.82
C ASP A 416 -75.44 -27.11 -29.62
N MET A 417 -74.23 -26.58 -29.62
CA MET A 417 -73.07 -27.44 -29.47
C MET A 417 -72.27 -27.18 -28.19
N HIS A 418 -72.10 -28.25 -27.43
CA HIS A 418 -71.14 -28.30 -26.35
C HIS A 418 -69.90 -28.96 -26.90
N TYR A 419 -68.94 -28.14 -27.29
CA TYR A 419 -67.72 -28.65 -27.87
C TYR A 419 -66.85 -29.28 -26.80
N MET A 420 -66.33 -30.46 -27.09
CA MET A 420 -65.36 -31.11 -26.25
C MET A 420 -64.01 -30.47 -26.48
N LEU A 421 -63.09 -30.63 -25.54
CA LEU A 421 -61.79 -30.04 -25.68
C LEU A 421 -61.16 -30.63 -26.93
N GLU A 422 -61.41 -31.91 -27.14
CA GLU A 422 -60.86 -32.59 -28.31
C GLU A 422 -61.31 -31.91 -29.61
N ASP A 423 -62.55 -31.47 -29.66
CA ASP A 423 -63.07 -30.82 -30.86
C ASP A 423 -62.32 -29.52 -31.17
N ILE A 424 -62.02 -28.78 -30.10
CA ILE A 424 -61.31 -27.50 -30.13
C ILE A 424 -59.79 -27.65 -30.27
N GLU A 425 -59.29 -28.88 -30.13
CA GLU A 425 -57.86 -29.16 -30.19
C GLU A 425 -57.12 -28.47 -31.33
N ASP A 426 -57.70 -28.49 -32.53
CA ASP A 426 -57.04 -27.94 -33.71
C ASP A 426 -56.98 -26.40 -33.71
N GLU A 427 -58.03 -25.78 -33.19
CA GLU A 427 -58.15 -24.33 -33.19
C GLU A 427 -57.29 -23.73 -32.10
N ILE A 428 -56.84 -24.58 -31.18
CA ILE A 428 -55.92 -24.15 -30.14
C ILE A 428 -54.50 -24.20 -30.66
N LEU A 429 -54.16 -25.27 -31.36
CA LEU A 429 -52.82 -25.47 -31.91
C LEU A 429 -52.40 -24.30 -32.76
N THR A 430 -53.20 -24.00 -33.77
CA THR A 430 -52.89 -22.92 -34.68
C THR A 430 -52.92 -21.57 -33.96
N SER A 431 -53.66 -21.50 -32.86
CA SER A 431 -53.71 -20.31 -32.01
C SER A 431 -52.42 -20.15 -31.20
N LEU A 432 -51.98 -21.23 -30.58
CA LEU A 432 -50.75 -21.24 -29.79
C LEU A 432 -49.53 -21.03 -30.65
N LYS A 433 -49.66 -21.39 -31.92
CA LYS A 433 -48.62 -21.14 -32.92
C LYS A 433 -48.69 -19.66 -33.25
N ARG A 434 -49.88 -19.21 -33.65
CA ARG A 434 -50.12 -17.80 -33.97
C ARG A 434 -49.67 -16.84 -32.87
N LEU A 435 -49.58 -17.34 -31.65
CA LEU A 435 -49.10 -16.55 -30.52
C LEU A 435 -47.59 -16.53 -30.57
N LYS A 436 -46.96 -17.68 -30.85
CA LYS A 436 -45.50 -17.73 -30.85
C LYS A 436 -44.95 -16.79 -31.89
N LYS A 437 -45.66 -16.66 -33.00
CA LYS A 437 -45.28 -15.74 -34.07
C LYS A 437 -45.44 -14.31 -33.60
N ALA A 438 -46.56 -14.01 -32.98
CA ALA A 438 -46.86 -12.66 -32.54
C ALA A 438 -45.76 -12.19 -31.60
N ILE A 439 -45.34 -13.04 -30.67
CA ILE A 439 -44.31 -12.63 -29.72
C ILE A 439 -42.98 -12.38 -30.42
N HIS A 440 -42.83 -12.91 -31.64
CA HIS A 440 -41.62 -12.71 -32.44
C HIS A 440 -41.67 -11.40 -33.21
N ASP A 441 -42.75 -11.22 -33.96
CA ASP A 441 -43.04 -9.97 -34.68
C ASP A 441 -43.00 -8.80 -33.73
N ARG A 442 -43.43 -9.07 -32.51
CA ARG A 442 -43.42 -8.13 -31.42
C ARG A 442 -42.02 -8.03 -30.83
N GLY A 443 -41.21 -9.05 -31.06
CA GLY A 443 -39.86 -9.10 -30.55
C GLY A 443 -38.96 -8.20 -31.35
N VAL A 444 -39.10 -8.29 -32.67
CA VAL A 444 -38.68 -7.21 -33.56
C VAL A 444 -39.56 -6.01 -33.17
N LYS A 445 -39.23 -4.80 -33.61
CA LYS A 445 -39.80 -3.59 -33.01
C LYS A 445 -39.36 -3.42 -31.55
N GLY A 446 -38.49 -4.32 -31.07
CA GLY A 446 -37.89 -4.17 -29.76
C GLY A 446 -38.83 -4.15 -28.55
N GLN A 447 -39.98 -4.80 -28.67
CA GLN A 447 -40.90 -4.93 -27.54
C GLN A 447 -40.96 -6.37 -27.02
N LYS A 448 -40.43 -6.59 -25.83
CA LYS A 448 -40.27 -7.93 -25.30
C LYS A 448 -41.54 -8.43 -24.62
N GLU A 449 -42.17 -9.48 -25.16
CA GLU A 449 -43.39 -9.98 -24.53
C GLU A 449 -43.29 -11.40 -23.95
N THR A 450 -44.06 -11.62 -22.90
CA THR A 450 -44.17 -12.93 -22.30
C THR A 450 -45.58 -13.47 -22.53
N ILE A 451 -45.80 -14.73 -22.18
CA ILE A 451 -47.14 -15.27 -22.30
C ILE A 451 -48.08 -14.60 -21.33
N LYS A 452 -47.56 -14.24 -20.17
CA LYS A 452 -48.36 -13.51 -19.18
C LYS A 452 -48.93 -12.22 -19.79
N SER A 453 -48.07 -11.46 -20.43
CA SER A 453 -48.46 -10.21 -21.05
C SER A 453 -49.45 -10.45 -22.16
N MET A 454 -49.21 -11.51 -22.91
CA MET A 454 -49.86 -11.72 -24.19
C MET A 454 -51.10 -12.57 -24.00
N GLN A 455 -51.56 -12.62 -22.77
CA GLN A 455 -52.73 -13.40 -22.40
C GLN A 455 -53.95 -12.92 -23.16
N ALA A 456 -54.13 -11.62 -23.26
CA ALA A 456 -55.24 -11.10 -24.04
C ALA A 456 -55.19 -11.66 -25.46
N TYR A 457 -54.02 -11.69 -26.07
CA TYR A 457 -53.91 -12.02 -27.48
C TYR A 457 -54.25 -13.46 -27.80
N LEU A 458 -53.85 -14.36 -26.91
CA LEU A 458 -54.23 -15.77 -27.00
C LEU A 458 -55.75 -15.91 -27.02
N MET A 459 -56.40 -15.31 -26.03
CA MET A 459 -57.83 -15.41 -25.83
C MET A 459 -58.60 -15.14 -27.08
N GLN A 460 -58.38 -13.96 -27.65
CA GLN A 460 -59.10 -13.53 -28.85
C GLN A 460 -58.81 -14.46 -30.03
N THR A 461 -57.57 -14.92 -30.16
CA THR A 461 -57.20 -15.73 -31.31
C THR A 461 -57.87 -17.08 -31.26
N ILE A 462 -58.04 -17.59 -30.05
CA ILE A 462 -58.73 -18.83 -29.86
C ILE A 462 -60.19 -18.66 -30.27
N LEU A 463 -60.81 -17.59 -29.81
CA LEU A 463 -62.20 -17.35 -30.13
C LEU A 463 -62.38 -17.06 -31.61
N THR A 464 -61.52 -16.22 -32.17
CA THR A 464 -61.65 -15.84 -33.57
C THR A 464 -61.61 -17.10 -34.39
N GLU A 465 -60.65 -17.97 -34.09
CA GLU A 465 -60.48 -19.21 -34.81
C GLU A 465 -61.71 -20.10 -34.66
N LEU A 466 -62.22 -20.22 -33.44
CA LEU A 466 -63.39 -21.06 -33.19
C LEU A 466 -64.56 -20.58 -34.03
N GLU A 467 -64.79 -19.27 -33.99
CA GLU A 467 -65.87 -18.66 -34.76
C GLU A 467 -65.78 -18.98 -36.26
N GLU A 468 -64.55 -19.09 -36.76
CA GLU A 468 -64.28 -19.45 -38.15
C GLU A 468 -64.67 -20.88 -38.42
N THR A 469 -64.38 -21.75 -37.46
CA THR A 469 -64.71 -23.15 -37.57
C THR A 469 -66.20 -23.32 -37.52
N HIS A 470 -66.84 -22.48 -36.72
CA HIS A 470 -68.27 -22.59 -36.59
C HIS A 470 -68.98 -22.09 -37.85
N ALA A 471 -68.42 -21.05 -38.47
CA ALA A 471 -68.87 -20.60 -39.78
C ALA A 471 -68.74 -21.73 -40.79
N LEU A 472 -67.61 -22.44 -40.73
CA LEU A 472 -67.37 -23.59 -41.56
C LEU A 472 -68.44 -24.65 -41.35
N TYR A 473 -68.78 -24.91 -40.09
CA TYR A 473 -69.79 -25.92 -39.79
C TYR A 473 -71.17 -25.45 -40.22
N MET A 474 -71.42 -24.15 -40.11
CA MET A 474 -72.74 -23.66 -40.47
C MET A 474 -72.94 -23.70 -41.97
N ARG A 475 -71.97 -23.21 -42.73
CA ARG A 475 -72.02 -23.33 -44.18
C ARG A 475 -72.19 -24.80 -44.59
N ARG A 476 -71.57 -25.67 -43.80
CA ARG A 476 -71.49 -27.10 -44.09
C ARG A 476 -72.82 -27.81 -43.96
N LYS A 477 -73.64 -27.33 -43.01
CA LYS A 477 -74.94 -27.93 -42.78
C LYS A 477 -75.84 -27.65 -43.97
N ASN A 478 -75.76 -26.41 -44.46
CA ASN A 478 -76.65 -25.90 -45.49
C ASN A 478 -76.53 -26.58 -46.84
N MET A 479 -77.70 -26.96 -47.37
CA MET A 479 -77.80 -27.65 -48.64
C MET A 479 -77.50 -26.71 -49.81
N LYS B 2 16.50 -1.26 16.24
CA LYS B 2 15.52 -0.59 17.10
C LYS B 2 15.13 0.79 16.55
N ILE B 3 14.78 1.70 17.46
CA ILE B 3 14.21 3.02 17.10
C ILE B 3 15.23 4.16 17.16
N GLU B 4 15.27 4.99 16.11
CA GLU B 4 16.33 5.99 15.92
C GLU B 4 16.20 7.18 16.88
N GLU B 5 17.33 7.57 17.46
CA GLU B 5 17.35 8.65 18.45
C GLU B 5 17.53 10.03 17.81
N GLY B 6 16.76 11.01 18.28
CA GLY B 6 16.80 12.34 17.69
C GLY B 6 15.87 12.47 16.50
N LYS B 7 14.88 11.58 16.43
CA LYS B 7 13.91 11.55 15.35
C LYS B 7 12.62 10.92 15.85
N LEU B 8 11.49 11.49 15.45
CA LEU B 8 10.16 10.97 15.77
C LEU B 8 9.52 10.25 14.59
N VAL B 9 9.15 8.98 14.77
CA VAL B 9 8.42 8.23 13.74
C VAL B 9 6.94 8.05 14.14
N ILE B 10 6.03 8.66 13.37
CA ILE B 10 4.61 8.66 13.72
C ILE B 10 3.76 7.73 12.83
N TRP B 11 3.07 6.77 13.43
CA TRP B 11 2.10 5.95 12.71
C TRP B 11 0.68 6.45 12.93
N ILE B 12 -0.02 6.74 11.85
CA ILE B 12 -1.37 7.28 11.94
C ILE B 12 -2.21 6.65 10.86
N ASN B 13 -3.48 6.39 11.12
CA ASN B 13 -4.28 5.68 10.13
C ASN B 13 -4.44 6.48 8.86
N GLY B 14 -4.77 5.82 7.77
CA GLY B 14 -4.77 6.47 6.47
C GLY B 14 -6.03 7.23 6.08
N ASP B 15 -7.14 6.94 6.75
CA ASP B 15 -8.36 7.66 6.46
C ASP B 15 -8.27 9.08 7.04
N LYS B 16 -7.45 9.26 8.06
CA LYS B 16 -7.29 10.55 8.71
C LYS B 16 -6.32 11.50 8.01
N GLY B 17 -6.10 12.63 8.65
CA GLY B 17 -5.33 13.70 8.06
C GLY B 17 -3.83 13.57 8.26
N TYR B 18 -3.22 12.64 7.52
CA TYR B 18 -1.80 12.39 7.71
C TYR B 18 -0.91 13.45 7.08
N ASN B 19 -1.41 14.16 6.08
CA ASN B 19 -0.63 15.23 5.47
C ASN B 19 -0.67 16.51 6.25
N GLY B 20 -1.73 16.70 7.02
CA GLY B 20 -1.81 17.86 7.88
C GLY B 20 -0.83 17.68 9.00
N LEU B 21 -0.70 16.44 9.46
CA LEU B 21 0.18 16.10 10.57
C LEU B 21 1.65 16.28 10.17
N ALA B 22 1.99 15.93 8.93
CA ALA B 22 3.32 16.18 8.38
C ALA B 22 3.75 17.64 8.53
N GLU B 23 2.80 18.54 8.31
CA GLU B 23 3.01 19.99 8.39
C GLU B 23 3.39 20.44 9.78
N VAL B 24 2.72 19.85 10.76
CA VAL B 24 3.05 20.08 12.15
C VAL B 24 4.45 19.57 12.36
N GLY B 25 4.70 18.37 11.87
CA GLY B 25 6.04 17.82 11.82
C GLY B 25 7.05 18.85 11.35
N LYS B 26 6.87 19.34 10.13
CA LYS B 26 7.79 20.34 9.57
C LYS B 26 7.96 21.57 10.46
N LYS B 27 6.90 21.99 11.14
CA LYS B 27 6.99 23.10 12.10
C LYS B 27 7.89 22.73 13.28
N PHE B 28 7.76 21.49 13.73
CA PHE B 28 8.58 20.97 14.83
C PHE B 28 10.04 20.88 14.38
N GLU B 29 10.27 20.45 13.14
CA GLU B 29 11.62 20.27 12.63
C GLU B 29 12.28 21.63 12.44
N LYS B 30 11.51 22.63 12.05
CA LYS B 30 12.07 23.97 11.84
C LYS B 30 12.53 24.58 13.16
N ASP B 31 11.71 24.43 14.18
CA ASP B 31 12.00 25.05 15.47
C ASP B 31 13.06 24.27 16.24
N THR B 32 12.96 22.94 16.19
CA THR B 32 13.69 22.09 17.11
C THR B 32 14.96 21.51 16.54
N GLY B 33 14.92 21.23 15.25
CA GLY B 33 16.01 20.54 14.59
C GLY B 33 15.64 19.07 14.44
N ILE B 34 14.76 18.60 15.33
CA ILE B 34 14.36 17.20 15.31
C ILE B 34 13.53 16.86 14.09
N LYS B 35 13.99 15.90 13.30
CA LYS B 35 13.27 15.54 12.09
C LYS B 35 12.05 14.67 12.42
N VAL B 36 10.91 14.98 11.80
CA VAL B 36 9.65 14.29 12.08
C VAL B 36 9.03 13.68 10.83
N THR B 37 8.79 12.37 10.89
CA THR B 37 8.35 11.61 9.74
C THR B 37 7.02 10.90 9.97
N VAL B 38 6.07 11.15 9.08
CA VAL B 38 4.74 10.57 9.24
C VAL B 38 4.48 9.41 8.26
N GLU B 39 4.12 8.24 8.80
CA GLU B 39 3.78 7.07 7.98
C GLU B 39 2.41 6.50 8.28
N HIS B 40 1.75 5.93 7.28
CA HIS B 40 0.43 5.36 7.50
C HIS B 40 0.28 3.92 6.97
N PRO B 41 0.99 2.96 7.59
CA PRO B 41 1.05 1.60 7.09
C PRO B 41 -0.28 0.90 7.23
N ASP B 42 -0.55 -0.10 6.39
CA ASP B 42 -1.78 -0.88 6.50
C ASP B 42 -1.73 -1.75 7.74
N LYS B 43 -2.89 -1.89 8.38
CA LYS B 43 -3.03 -2.69 9.59
C LYS B 43 -2.05 -2.22 10.65
N LEU B 44 -1.85 -0.92 10.77
CA LEU B 44 -0.88 -0.43 11.75
C LEU B 44 -1.32 -0.76 13.16
N GLU B 45 -2.57 -1.17 13.32
CA GLU B 45 -3.09 -1.44 14.65
C GLU B 45 -2.73 -2.88 15.04
N GLU B 46 -2.58 -3.73 14.02
CA GLU B 46 -2.22 -5.11 14.23
C GLU B 46 -0.69 -5.29 14.26
N LYS B 47 0.00 -4.47 13.48
CA LYS B 47 1.45 -4.48 13.40
C LYS B 47 2.09 -4.02 14.70
N PHE B 48 1.69 -2.84 15.15
CA PHE B 48 2.26 -2.21 16.35
C PHE B 48 2.57 -3.16 17.53
N PRO B 49 1.61 -4.01 17.95
CA PRO B 49 1.93 -4.84 19.12
C PRO B 49 3.06 -5.81 18.89
N GLN B 50 3.31 -6.23 17.65
CA GLN B 50 4.39 -7.16 17.40
C GLN B 50 5.73 -6.43 17.37
N VAL B 51 5.73 -5.23 16.80
CA VAL B 51 6.99 -4.53 16.55
C VAL B 51 7.42 -3.65 17.73
N ALA B 52 6.48 -3.30 18.60
CA ALA B 52 6.80 -2.45 19.75
C ALA B 52 7.39 -3.24 20.92
N ALA B 53 7.09 -4.54 20.96
CA ALA B 53 7.56 -5.40 22.04
C ALA B 53 9.02 -5.80 21.80
N THR B 54 9.45 -5.70 20.55
CA THR B 54 10.84 -5.99 20.18
C THR B 54 11.71 -4.76 20.36
N GLY B 55 11.07 -3.61 20.24
CA GLY B 55 11.75 -2.32 20.33
C GLY B 55 11.91 -1.70 18.95
N ASP B 56 11.09 -2.15 18.02
CA ASP B 56 11.27 -1.79 16.62
C ASP B 56 10.05 -1.10 16.03
N GLY B 57 9.32 -0.36 16.86
CA GLY B 57 8.11 0.31 16.39
C GLY B 57 8.23 1.80 16.06
N PRO B 58 7.08 2.48 16.01
CA PRO B 58 7.03 3.93 15.89
C PRO B 58 7.24 4.60 17.22
N ASP B 59 7.58 5.88 17.23
CA ASP B 59 7.68 6.61 18.48
C ASP B 59 6.29 6.93 19.01
N ILE B 60 5.37 7.23 18.11
CA ILE B 60 4.01 7.62 18.50
C ILE B 60 3.00 6.90 17.63
N ILE B 61 1.92 6.40 18.24
CA ILE B 61 0.90 5.67 17.49
C ILE B 61 -0.46 6.36 17.57
N PHE B 62 -1.15 6.47 16.44
CA PHE B 62 -2.48 7.08 16.41
C PHE B 62 -3.56 6.05 16.11
N TRP B 63 -4.45 5.84 17.07
CA TRP B 63 -5.61 5.03 16.82
C TRP B 63 -6.76 5.62 17.61
N ALA B 64 -7.94 5.07 17.37
CA ALA B 64 -9.06 5.30 18.27
C ALA B 64 -8.76 4.57 19.58
N HIS B 65 -9.31 5.05 20.69
CA HIS B 65 -8.88 4.68 22.05
C HIS B 65 -9.15 3.24 22.51
N ASP B 66 -10.10 2.55 21.87
CA ASP B 66 -10.44 1.17 22.22
C ASP B 66 -9.27 0.21 22.19
N ARG B 67 -8.37 0.42 21.22
CA ARG B 67 -7.20 -0.45 21.00
C ARG B 67 -6.06 -0.28 22.01
N PHE B 68 -6.08 0.82 22.76
CA PHE B 68 -4.94 1.22 23.58
C PHE B 68 -4.85 0.51 24.94
N GLY B 69 -5.95 -0.09 25.38
CA GLY B 69 -5.95 -0.80 26.64
C GLY B 69 -5.19 -2.11 26.51
N GLY B 70 -5.31 -2.75 25.37
CA GLY B 70 -4.52 -3.94 25.08
C GLY B 70 -3.02 -3.63 25.05
N TYR B 71 -2.66 -2.45 24.55
CA TYR B 71 -1.27 -2.04 24.47
C TYR B 71 -0.68 -1.72 25.84
N ALA B 72 -1.50 -1.11 26.70
CA ALA B 72 -1.04 -0.70 28.03
C ALA B 72 -0.82 -1.89 28.95
N GLN B 73 -1.74 -2.85 28.89
CA GLN B 73 -1.65 -4.04 29.73
C GLN B 73 -0.35 -4.79 29.42
N SER B 74 0.05 -4.77 28.15
CA SER B 74 1.28 -5.40 27.73
C SER B 74 2.50 -4.50 27.91
N GLY B 75 2.29 -3.30 28.45
CA GLY B 75 3.39 -2.37 28.69
C GLY B 75 4.05 -1.89 27.40
N LEU B 76 3.23 -1.75 26.36
CA LEU B 76 3.69 -1.24 25.06
C LEU B 76 3.71 0.28 25.03
N LEU B 77 2.84 0.90 25.81
CA LEU B 77 2.83 2.35 25.95
C LEU B 77 3.47 2.82 27.24
N ALA B 78 4.03 4.02 27.17
CA ALA B 78 4.61 4.70 28.31
C ALA B 78 3.56 5.61 28.92
N GLU B 79 3.74 5.95 30.19
CA GLU B 79 2.69 6.67 30.89
C GLU B 79 2.75 8.15 30.59
N ILE B 80 1.59 8.70 30.28
CA ILE B 80 1.46 10.11 29.95
C ILE B 80 1.41 10.91 31.24
N THR B 81 2.26 11.92 31.32
CA THR B 81 2.28 12.75 32.51
C THR B 81 2.34 14.22 32.12
N PRO B 82 1.15 14.84 31.98
CA PRO B 82 1.02 16.27 31.74
C PRO B 82 0.66 17.04 33.00
N ASP B 83 1.13 18.28 33.10
CA ASP B 83 0.77 19.16 34.20
C ASP B 83 -0.74 19.43 34.19
N LYS B 84 -1.31 19.71 35.36
CA LYS B 84 -2.75 19.91 35.47
C LYS B 84 -3.23 21.02 34.54
N ALA B 85 -2.31 21.93 34.22
CA ALA B 85 -2.57 23.04 33.30
C ALA B 85 -2.93 22.53 31.91
N PHE B 86 -2.30 21.42 31.52
CA PHE B 86 -2.55 20.83 30.22
C PHE B 86 -3.80 19.98 30.21
N GLN B 87 -4.09 19.39 31.36
CA GLN B 87 -5.28 18.59 31.47
C GLN B 87 -6.53 19.44 31.51
N ASP B 88 -6.37 20.74 31.82
CA ASP B 88 -7.51 21.67 31.80
C ASP B 88 -7.85 22.16 30.38
N LYS B 89 -6.92 21.94 29.44
CA LYS B 89 -7.11 22.36 28.06
C LYS B 89 -8.01 21.41 27.30
N LEU B 90 -8.08 20.17 27.76
CA LEU B 90 -8.87 19.15 27.08
C LEU B 90 -10.07 18.73 27.90
N TYR B 91 -11.14 18.37 27.20
CA TYR B 91 -12.37 17.97 27.86
C TYR B 91 -12.13 16.79 28.78
N PRO B 92 -12.73 16.83 29.98
CA PRO B 92 -12.47 15.82 31.01
C PRO B 92 -12.78 14.40 30.54
N PHE B 93 -13.89 14.23 29.82
CA PHE B 93 -14.31 12.91 29.41
C PHE B 93 -13.39 12.31 28.34
N THR B 94 -12.69 13.14 27.56
CA THR B 94 -11.72 12.61 26.62
C THR B 94 -10.57 11.97 27.39
N TRP B 95 -10.28 12.49 28.57
CA TRP B 95 -9.25 11.88 29.39
C TRP B 95 -9.71 10.51 29.85
N ASP B 96 -11.02 10.33 30.02
CA ASP B 96 -11.55 9.07 30.56
C ASP B 96 -11.37 7.91 29.60
N ALA B 97 -11.29 8.20 28.31
CA ALA B 97 -11.17 7.16 27.30
C ALA B 97 -9.72 6.71 27.12
N VAL B 98 -8.79 7.43 27.72
CA VAL B 98 -7.37 7.14 27.58
C VAL B 98 -6.78 6.93 28.95
N ARG B 99 -7.65 6.61 29.90
CA ARG B 99 -7.19 6.33 31.24
C ARG B 99 -7.37 4.84 31.52
N TYR B 100 -6.24 4.14 31.67
CA TYR B 100 -6.24 2.69 31.92
C TYR B 100 -5.62 2.34 33.26
N ASN B 101 -6.35 1.59 34.08
CA ASN B 101 -5.88 1.23 35.42
C ASN B 101 -5.36 2.43 36.18
N GLY B 102 -5.98 3.58 35.96
CA GLY B 102 -5.68 4.79 36.70
C GLY B 102 -4.48 5.53 36.18
N LYS B 103 -3.95 5.07 35.05
CA LYS B 103 -2.87 5.77 34.38
C LYS B 103 -3.33 6.22 32.99
N LEU B 104 -3.12 7.49 32.72
CA LEU B 104 -3.34 7.98 31.38
C LEU B 104 -2.30 7.31 30.51
N ILE B 105 -2.73 6.70 29.42
CA ILE B 105 -1.81 6.04 28.50
C ILE B 105 -1.56 6.84 27.22
N ALA B 106 -2.54 7.66 26.83
CA ALA B 106 -2.41 8.42 25.61
C ALA B 106 -3.04 9.79 25.68
N TYR B 107 -2.66 10.65 24.74
CA TYR B 107 -3.28 11.96 24.53
C TYR B 107 -4.51 11.80 23.66
N PRO B 108 -5.64 12.36 24.09
CA PRO B 108 -6.83 12.26 23.24
C PRO B 108 -6.85 13.41 22.23
N ILE B 109 -7.06 13.12 20.95
CA ILE B 109 -6.99 14.22 20.00
C ILE B 109 -8.38 14.75 19.61
N ALA B 110 -9.28 13.87 19.20
CA ALA B 110 -10.59 14.31 18.74
C ALA B 110 -11.65 13.27 19.05
N VAL B 111 -12.88 13.71 19.27
CA VAL B 111 -14.04 12.81 19.35
C VAL B 111 -14.65 12.57 17.98
N GLU B 112 -14.66 11.32 17.54
CA GLU B 112 -15.31 11.02 16.28
C GLU B 112 -16.56 10.17 16.54
N ALA B 113 -17.62 10.39 15.75
CA ALA B 113 -18.80 9.53 15.78
C ALA B 113 -19.35 9.45 14.38
N LEU B 114 -19.84 8.27 14.00
CA LEU B 114 -20.57 8.08 12.75
C LEU B 114 -21.84 8.94 12.68
N SER B 115 -22.16 9.45 11.48
CA SER B 115 -23.43 10.18 11.26
C SER B 115 -24.07 9.76 9.93
N LEU B 116 -25.32 10.13 9.70
CA LEU B 116 -25.93 9.84 8.41
C LEU B 116 -25.66 10.96 7.43
N ILE B 117 -24.97 10.65 6.34
CA ILE B 117 -24.74 11.63 5.28
C ILE B 117 -25.70 11.36 4.11
N TYR B 118 -26.30 12.44 3.57
CA TYR B 118 -27.29 12.31 2.50
C TYR B 118 -27.21 13.44 1.44
N ASN B 119 -27.61 13.12 0.21
CA ASN B 119 -27.58 14.05 -0.93
C ASN B 119 -28.85 14.91 -1.00
N LYS B 120 -28.73 16.21 -0.73
CA LYS B 120 -29.89 17.13 -0.66
C LYS B 120 -30.64 17.37 -1.99
N ASP B 121 -29.93 17.24 -3.11
CA ASP B 121 -30.50 17.44 -4.45
C ASP B 121 -31.23 16.20 -4.89
N LEU B 122 -30.80 15.07 -4.35
CA LEU B 122 -31.37 13.77 -4.67
C LEU B 122 -32.51 13.44 -3.72
N LEU B 123 -32.31 13.77 -2.46
CA LEU B 123 -33.24 13.42 -1.39
C LEU B 123 -33.55 14.63 -0.51
N PRO B 124 -34.70 15.28 -0.71
CA PRO B 124 -34.99 16.57 -0.07
C PRO B 124 -34.87 16.49 1.45
N ASN B 125 -35.57 15.51 2.03
CA ASN B 125 -35.51 15.22 3.47
C ASN B 125 -35.09 13.78 3.73
N PRO B 126 -34.13 13.59 4.65
CA PRO B 126 -33.61 12.25 4.94
C PRO B 126 -34.63 11.46 5.74
N PRO B 127 -34.56 10.14 5.67
CA PRO B 127 -35.50 9.33 6.45
C PRO B 127 -35.18 9.42 7.94
N LYS B 128 -36.24 9.48 8.75
CA LYS B 128 -36.09 9.53 10.17
C LYS B 128 -35.89 8.13 10.72
N THR B 129 -36.43 7.13 10.00
CA THR B 129 -36.36 5.75 10.46
C THR B 129 -35.77 4.76 9.42
N TRP B 130 -35.07 3.74 9.91
CA TRP B 130 -34.44 2.72 9.06
C TRP B 130 -35.47 2.00 8.22
N GLU B 131 -36.68 1.86 8.74
CA GLU B 131 -37.69 1.06 8.04
C GLU B 131 -38.15 1.76 6.78
N GLU B 132 -37.92 3.07 6.68
CA GLU B 132 -38.20 3.80 5.45
C GLU B 132 -37.38 3.31 4.26
N ILE B 133 -36.17 2.82 4.53
CA ILE B 133 -35.14 2.62 3.48
C ILE B 133 -35.53 1.68 2.32
N PRO B 134 -36.14 0.52 2.60
CA PRO B 134 -36.55 -0.33 1.47
C PRO B 134 -37.62 0.32 0.59
N ALA B 135 -38.52 1.06 1.22
CA ALA B 135 -39.59 1.73 0.51
C ALA B 135 -39.06 2.90 -0.32
N LEU B 136 -37.89 3.42 0.09
CA LEU B 136 -37.22 4.55 -0.55
C LEU B 136 -36.19 4.09 -1.58
N ASP B 137 -35.75 2.84 -1.44
CA ASP B 137 -34.85 2.28 -2.42
C ASP B 137 -35.64 2.04 -3.69
N LYS B 138 -36.89 1.60 -3.54
CA LYS B 138 -37.69 1.30 -4.71
C LYS B 138 -38.01 2.57 -5.48
N GLU B 139 -38.24 3.67 -4.75
CA GLU B 139 -38.53 4.97 -5.36
C GLU B 139 -37.33 5.51 -6.14
N LEU B 140 -36.14 5.45 -5.54
CA LEU B 140 -34.93 5.94 -6.18
C LEU B 140 -34.43 5.06 -7.31
N LYS B 141 -34.86 3.81 -7.32
CA LYS B 141 -34.43 2.86 -8.34
C LYS B 141 -34.90 3.29 -9.74
N ALA B 142 -36.12 3.82 -9.84
CA ALA B 142 -36.63 4.29 -11.13
C ALA B 142 -35.81 5.47 -11.67
N LYS B 143 -35.10 6.15 -10.77
CA LYS B 143 -34.21 7.22 -11.17
C LYS B 143 -32.85 6.66 -11.60
N GLY B 144 -32.66 5.37 -11.32
CA GLY B 144 -31.40 4.71 -11.61
C GLY B 144 -30.37 4.98 -10.52
N LYS B 145 -30.87 5.36 -9.35
CA LYS B 145 -30.00 5.70 -8.23
C LYS B 145 -30.29 4.72 -7.11
N SER B 146 -29.40 4.70 -6.12
CA SER B 146 -29.57 3.83 -4.97
C SER B 146 -29.84 4.66 -3.71
N ALA B 147 -30.42 4.03 -2.70
CA ALA B 147 -30.79 4.73 -1.48
C ALA B 147 -29.63 4.85 -0.48
N LEU B 148 -28.98 3.73 -0.15
CA LEU B 148 -27.98 3.76 0.91
C LEU B 148 -26.82 2.77 0.69
N MET B 149 -25.61 3.30 0.61
CA MET B 149 -24.40 2.48 0.53
C MET B 149 -23.41 2.93 1.60
N PHE B 150 -22.96 1.97 2.41
CA PHE B 150 -21.96 2.23 3.42
C PHE B 150 -21.13 1.00 3.57
N ASN B 151 -20.07 1.08 4.36
CA ASN B 151 -19.14 -0.03 4.48
C ASN B 151 -19.77 -1.22 5.21
N LEU B 152 -19.81 -2.38 4.57
CA LEU B 152 -20.37 -3.57 5.22
C LEU B 152 -19.26 -4.54 5.65
N GLN B 153 -18.02 -4.26 5.25
CA GLN B 153 -16.88 -5.08 5.59
C GLN B 153 -16.30 -4.80 6.97
N GLU B 154 -16.71 -3.70 7.57
CA GLU B 154 -16.28 -3.37 8.91
C GLU B 154 -17.48 -3.34 9.84
N PRO B 155 -17.29 -3.79 11.08
CA PRO B 155 -18.42 -3.87 12.01
C PRO B 155 -18.75 -2.50 12.63
N TYR B 156 -17.79 -1.60 12.65
CA TYR B 156 -17.94 -0.27 13.23
C TYR B 156 -19.01 0.53 12.49
N PHE B 157 -19.29 0.15 11.25
CA PHE B 157 -20.35 0.80 10.48
C PHE B 157 -21.69 0.09 10.60
N THR B 158 -21.70 -1.11 11.19
CA THR B 158 -22.93 -1.87 11.30
C THR B 158 -23.45 -1.87 12.74
N TRP B 159 -22.52 -1.73 13.67
CA TRP B 159 -22.84 -1.69 15.08
C TRP B 159 -23.91 -0.65 15.48
N PRO B 160 -23.88 0.59 14.91
CA PRO B 160 -24.95 1.53 15.28
C PRO B 160 -26.35 0.96 15.09
N LEU B 161 -26.57 0.27 13.97
CA LEU B 161 -27.87 -0.35 13.76
C LEU B 161 -28.04 -1.55 14.68
N ILE B 162 -26.96 -2.31 14.91
CA ILE B 162 -27.06 -3.56 15.70
C ILE B 162 -27.38 -3.25 17.14
N ALA B 163 -26.74 -2.20 17.65
CA ALA B 163 -26.84 -1.74 19.03
C ALA B 163 -28.10 -0.94 19.31
N ALA B 164 -28.89 -0.66 18.26
CA ALA B 164 -30.05 0.22 18.38
C ALA B 164 -31.11 -0.31 19.33
N ASP B 165 -31.54 -1.56 19.13
CA ASP B 165 -32.66 -2.10 19.88
C ASP B 165 -32.23 -2.85 21.14
N GLY B 166 -31.00 -2.65 21.59
CA GLY B 166 -30.56 -3.25 22.84
C GLY B 166 -29.46 -4.30 22.76
N GLY B 167 -28.63 -4.20 21.73
CA GLY B 167 -27.44 -5.02 21.69
C GLY B 167 -26.39 -4.26 22.46
N TYR B 168 -25.49 -4.97 23.12
CA TYR B 168 -24.45 -4.32 23.89
C TYR B 168 -23.24 -5.20 23.81
N ALA B 169 -22.06 -4.62 23.92
CA ALA B 169 -20.87 -5.42 23.79
C ALA B 169 -20.40 -6.00 25.09
N PHE B 170 -20.22 -5.16 26.09
CA PHE B 170 -19.87 -5.61 27.42
C PHE B 170 -20.71 -4.83 28.40
N LYS B 171 -21.30 -5.49 29.38
CA LYS B 171 -22.20 -4.79 30.28
C LYS B 171 -21.44 -3.90 31.24
N TYR B 172 -22.00 -2.75 31.56
CA TYR B 172 -21.29 -1.80 32.41
C TYR B 172 -21.94 -1.74 33.78
N GLU B 173 -21.23 -2.25 34.78
CA GLU B 173 -21.73 -2.36 36.14
C GLU B 173 -20.61 -2.07 37.16
N ASN B 174 -20.88 -1.17 38.10
CA ASN B 174 -19.91 -0.77 39.13
C ASN B 174 -18.64 -0.13 38.54
N GLY B 175 -18.81 0.79 37.61
CA GLY B 175 -17.67 1.41 36.94
C GLY B 175 -16.75 0.40 36.27
N LYS B 176 -17.27 -0.81 36.04
CA LYS B 176 -16.43 -1.93 35.62
C LYS B 176 -17.07 -2.65 34.43
N TYR B 177 -16.25 -3.17 33.52
CA TYR B 177 -16.76 -3.95 32.40
C TYR B 177 -16.78 -5.44 32.72
N ASP B 178 -17.98 -6.02 32.71
CA ASP B 178 -18.14 -7.45 32.94
C ASP B 178 -17.86 -8.20 31.65
N ILE B 179 -16.72 -8.86 31.64
CA ILE B 179 -16.26 -9.58 30.46
C ILE B 179 -17.12 -10.79 30.17
N LYS B 180 -17.57 -11.46 31.23
CA LYS B 180 -18.44 -12.64 31.10
C LYS B 180 -19.81 -12.30 30.47
N ASP B 181 -20.19 -11.03 30.53
CA ASP B 181 -21.52 -10.62 30.06
C ASP B 181 -21.47 -9.81 28.77
N VAL B 182 -21.68 -10.50 27.64
CA VAL B 182 -21.57 -9.86 26.34
C VAL B 182 -22.86 -10.03 25.52
N GLY B 183 -23.46 -8.91 25.11
CA GLY B 183 -24.75 -8.96 24.46
C GLY B 183 -24.73 -8.77 22.94
N VAL B 184 -23.95 -9.57 22.26
CA VAL B 184 -23.97 -9.52 20.81
C VAL B 184 -25.03 -10.49 20.30
N ASP B 185 -25.60 -11.23 21.23
CA ASP B 185 -26.61 -12.23 20.95
C ASP B 185 -27.98 -11.84 21.43
N ASN B 186 -28.13 -10.59 21.80
CA ASN B 186 -29.30 -10.16 22.51
C ASN B 186 -30.48 -10.19 21.62
N ALA B 187 -31.64 -10.00 22.20
CA ALA B 187 -32.85 -9.99 21.43
C ALA B 187 -32.80 -8.88 20.42
N GLY B 188 -32.27 -7.74 20.81
CA GLY B 188 -32.15 -6.58 19.96
C GLY B 188 -31.04 -6.67 18.94
N ALA B 189 -29.96 -7.36 19.26
CA ALA B 189 -28.84 -7.49 18.34
C ALA B 189 -29.22 -8.44 17.21
N LYS B 190 -29.99 -9.48 17.52
CA LYS B 190 -30.50 -10.34 16.46
C LYS B 190 -31.40 -9.50 15.53
N ALA B 191 -32.29 -8.73 16.12
CA ALA B 191 -33.27 -7.95 15.37
C ALA B 191 -32.62 -6.92 14.45
N GLY B 192 -31.60 -6.22 14.96
CA GLY B 192 -30.91 -5.23 14.17
C GLY B 192 -30.23 -5.84 12.97
N LEU B 193 -29.41 -6.85 13.20
CA LEU B 193 -28.62 -7.46 12.14
C LEU B 193 -29.50 -8.14 11.10
N THR B 194 -30.58 -8.75 11.56
CA THR B 194 -31.59 -9.33 10.66
C THR B 194 -32.11 -8.32 9.65
N PHE B 195 -32.44 -7.13 10.11
CA PHE B 195 -32.97 -6.09 9.23
C PHE B 195 -31.93 -5.74 8.18
N LEU B 196 -30.68 -5.76 8.58
CA LEU B 196 -29.60 -5.48 7.67
C LEU B 196 -29.54 -6.55 6.60
N VAL B 197 -29.66 -7.81 7.02
CA VAL B 197 -29.54 -8.91 6.09
C VAL B 197 -30.74 -8.90 5.17
N ASP B 198 -31.89 -8.52 5.69
CA ASP B 198 -33.08 -8.37 4.85
C ASP B 198 -32.88 -7.28 3.79
N LEU B 199 -32.11 -6.24 4.11
CA LEU B 199 -31.76 -5.23 3.11
C LEU B 199 -30.89 -5.84 1.99
N ILE B 200 -30.00 -6.75 2.35
CA ILE B 200 -29.18 -7.42 1.36
C ILE B 200 -29.95 -8.52 0.63
N LYS B 201 -30.86 -9.19 1.35
CA LYS B 201 -31.69 -10.22 0.76
C LYS B 201 -32.55 -9.59 -0.33
N ASN B 202 -32.99 -8.37 -0.07
CA ASN B 202 -33.92 -7.66 -0.95
C ASN B 202 -33.21 -6.77 -1.96
N LYS B 203 -31.88 -6.89 -2.02
CA LYS B 203 -31.11 -6.33 -3.10
C LYS B 203 -30.96 -4.84 -2.94
N HIS B 204 -31.53 -4.31 -1.86
CA HIS B 204 -31.45 -2.90 -1.59
C HIS B 204 -30.00 -2.57 -1.39
N MET B 205 -29.31 -3.49 -0.74
CA MET B 205 -27.92 -3.29 -0.42
C MET B 205 -27.14 -4.54 -0.79
N ASN B 206 -25.86 -4.35 -1.04
CA ASN B 206 -24.96 -5.45 -1.40
C ASN B 206 -23.91 -5.73 -0.32
N ALA B 207 -23.68 -7.01 -0.06
CA ALA B 207 -22.81 -7.43 1.03
C ALA B 207 -21.33 -7.30 0.69
N ASP B 208 -21.03 -7.00 -0.58
CA ASP B 208 -19.64 -6.93 -1.05
C ASP B 208 -19.08 -5.51 -0.98
N THR B 209 -19.93 -4.55 -0.58
CA THR B 209 -19.55 -3.14 -0.46
C THR B 209 -18.44 -2.90 0.59
N ASP B 210 -17.31 -2.28 0.19
CA ASP B 210 -16.30 -1.81 1.17
C ASP B 210 -16.28 -0.28 1.28
N TYR B 211 -15.45 0.26 2.18
CA TYR B 211 -15.40 1.70 2.45
C TYR B 211 -15.21 2.45 1.15
N SER B 212 -14.27 2.00 0.34
CA SER B 212 -13.96 2.72 -0.90
C SER B 212 -15.08 2.63 -1.95
N ILE B 213 -15.94 1.62 -1.87
CA ILE B 213 -17.05 1.52 -2.82
C ILE B 213 -18.12 2.53 -2.43
N ALA B 214 -18.45 2.52 -1.14
CA ALA B 214 -19.46 3.40 -0.60
C ALA B 214 -19.09 4.84 -0.91
N GLU B 215 -17.87 5.22 -0.52
CA GLU B 215 -17.39 6.58 -0.68
C GLU B 215 -17.49 7.01 -2.13
N ALA B 216 -17.12 6.10 -3.02
CA ALA B 216 -17.13 6.38 -4.43
C ALA B 216 -18.55 6.60 -4.94
N ALA B 217 -19.41 5.61 -4.72
CA ALA B 217 -20.78 5.67 -5.23
C ALA B 217 -21.53 6.90 -4.69
N PHE B 218 -21.12 7.39 -3.53
CA PHE B 218 -21.78 8.54 -2.91
C PHE B 218 -21.31 9.84 -3.52
N ASN B 219 -19.99 10.00 -3.60
CA ASN B 219 -19.41 11.23 -4.10
C ASN B 219 -19.73 11.46 -5.57
N LYS B 220 -20.07 10.40 -6.28
CA LYS B 220 -20.47 10.56 -7.68
C LYS B 220 -21.97 10.89 -7.76
N GLY B 221 -22.60 11.01 -6.60
CA GLY B 221 -24.03 11.26 -6.52
C GLY B 221 -24.86 10.14 -7.10
N GLU B 222 -24.34 8.91 -7.04
CA GLU B 222 -25.07 7.77 -7.55
C GLU B 222 -25.97 7.21 -6.48
N THR B 223 -25.60 7.49 -5.23
CA THR B 223 -26.39 7.03 -4.10
C THR B 223 -26.81 8.24 -3.26
N ALA B 224 -27.84 8.05 -2.45
CA ALA B 224 -28.49 9.14 -1.75
C ALA B 224 -27.90 9.32 -0.38
N MET B 225 -27.59 8.21 0.28
CA MET B 225 -27.13 8.24 1.67
C MET B 225 -25.94 7.35 1.91
N THR B 226 -25.06 7.78 2.83
CA THR B 226 -23.93 6.96 3.26
C THR B 226 -23.75 7.16 4.75
N ILE B 227 -23.17 6.18 5.45
CA ILE B 227 -22.81 6.37 6.84
C ILE B 227 -21.30 6.53 6.91
N ASN B 228 -20.83 7.58 7.56
CA ASN B 228 -19.39 7.78 7.66
C ASN B 228 -19.04 8.68 8.83
N GLY B 229 -17.75 8.82 9.10
CA GLY B 229 -17.30 9.70 10.16
C GLY B 229 -16.82 11.03 9.60
N PRO B 230 -16.47 11.97 10.47
CA PRO B 230 -16.07 13.35 10.12
C PRO B 230 -14.96 13.41 9.08
N TRP B 231 -14.09 12.41 9.09
CA TRP B 231 -12.89 12.45 8.26
C TRP B 231 -13.24 12.38 6.76
N ALA B 232 -14.49 11.98 6.46
CA ALA B 232 -14.89 11.71 5.08
C ALA B 232 -15.51 12.92 4.40
N TRP B 233 -15.60 14.02 5.14
CA TRP B 233 -16.25 15.21 4.63
C TRP B 233 -15.40 15.88 3.58
N SER B 234 -14.07 15.77 3.72
CA SER B 234 -13.16 16.49 2.83
C SER B 234 -13.29 16.01 1.40
N ASN B 235 -13.41 14.69 1.22
CA ASN B 235 -13.60 14.11 -0.11
C ASN B 235 -14.93 14.48 -0.74
N ILE B 236 -15.93 14.68 0.10
CA ILE B 236 -17.28 14.96 -0.35
C ILE B 236 -17.35 16.40 -0.78
N ASP B 237 -16.54 17.23 -0.12
CA ASP B 237 -16.48 18.65 -0.42
C ASP B 237 -15.96 18.91 -1.80
N THR B 238 -14.88 18.19 -2.12
CA THR B 238 -14.26 18.27 -3.43
C THR B 238 -15.27 17.86 -4.48
N SER B 239 -16.10 16.89 -4.11
CA SER B 239 -17.14 16.40 -4.99
C SER B 239 -18.23 17.43 -5.21
N LYS B 240 -19.02 17.22 -6.25
CA LYS B 240 -20.10 18.12 -6.68
C LYS B 240 -21.36 18.00 -5.83
N VAL B 241 -21.41 16.97 -5.00
CA VAL B 241 -22.62 16.61 -4.29
C VAL B 241 -22.91 17.60 -3.19
N ASN B 242 -24.16 18.05 -3.12
CA ASN B 242 -24.59 18.84 -1.98
C ASN B 242 -25.07 17.89 -0.90
N TYR B 243 -24.33 17.87 0.19
CA TYR B 243 -24.58 16.90 1.23
C TYR B 243 -24.89 17.63 2.52
N GLY B 244 -25.67 16.95 3.36
CA GLY B 244 -25.85 17.41 4.71
C GLY B 244 -25.52 16.28 5.66
N VAL B 245 -25.13 16.64 6.88
CA VAL B 245 -24.92 15.67 7.92
C VAL B 245 -26.03 15.71 8.97
N THR B 246 -26.69 14.57 9.16
CA THR B 246 -27.80 14.50 10.09
C THR B 246 -27.62 13.35 11.09
N VAL B 247 -28.52 13.31 12.07
CA VAL B 247 -28.61 12.26 13.07
C VAL B 247 -28.95 10.92 12.37
N LEU B 248 -28.68 9.79 13.03
CA LEU B 248 -28.85 8.46 12.46
C LEU B 248 -30.29 7.94 12.59
N PRO B 249 -30.80 7.25 11.56
CA PRO B 249 -32.19 6.79 11.52
C PRO B 249 -32.55 5.96 12.75
N THR B 250 -33.82 5.98 13.17
CA THR B 250 -34.26 5.15 14.30
C THR B 250 -34.58 3.73 13.83
N PHE B 251 -34.21 2.74 14.62
CA PHE B 251 -34.65 1.37 14.33
C PHE B 251 -35.60 0.90 15.41
N LYS B 252 -36.77 0.45 14.99
CA LYS B 252 -37.80 0.01 15.91
C LYS B 252 -38.06 1.06 16.97
N GLY B 253 -37.98 2.32 16.58
CA GLY B 253 -38.36 3.41 17.46
C GLY B 253 -37.28 3.81 18.44
N GLN B 254 -36.16 3.08 18.42
CA GLN B 254 -35.00 3.41 19.25
C GLN B 254 -33.96 4.13 18.40
N PRO B 255 -33.11 4.97 19.00
CA PRO B 255 -32.07 5.68 18.25
C PRO B 255 -30.86 4.79 17.95
N SER B 256 -30.23 4.97 16.78
CA SER B 256 -29.03 4.18 16.48
C SER B 256 -27.94 4.60 17.43
N LYS B 257 -27.33 3.64 18.10
CA LYS B 257 -26.32 3.93 19.10
C LYS B 257 -24.94 3.57 18.62
N PRO B 258 -24.28 4.48 17.89
CA PRO B 258 -22.97 4.14 17.38
C PRO B 258 -21.95 4.15 18.49
N PHE B 259 -20.94 3.30 18.37
CA PHE B 259 -19.87 3.26 19.34
C PHE B 259 -19.07 4.52 19.08
N VAL B 260 -18.70 5.24 20.13
CA VAL B 260 -17.96 6.47 19.93
C VAL B 260 -16.53 6.26 20.38
N GLY B 261 -15.59 6.56 19.49
CA GLY B 261 -14.19 6.31 19.75
C GLY B 261 -13.38 7.58 19.73
N VAL B 262 -12.54 7.77 20.74
CA VAL B 262 -11.73 8.97 20.82
C VAL B 262 -10.36 8.73 20.16
N LEU B 263 -10.02 9.57 19.18
CA LEU B 263 -8.70 9.52 18.56
C LEU B 263 -7.64 9.80 19.58
N SER B 264 -6.63 8.94 19.66
CA SER B 264 -5.60 9.19 20.64
C SER B 264 -4.20 9.00 20.13
N ALA B 265 -3.24 9.59 20.81
CA ALA B 265 -1.85 9.37 20.51
C ALA B 265 -1.17 8.78 21.72
N GLY B 266 -0.64 7.57 21.54
CA GLY B 266 0.12 6.90 22.59
C GLY B 266 1.61 6.99 22.30
N ILE B 267 2.41 6.91 23.35
CA ILE B 267 3.87 6.96 23.21
C ILE B 267 4.45 5.59 23.46
N ASN B 268 5.26 5.11 22.52
CA ASN B 268 5.89 3.81 22.62
C ASN B 268 6.78 3.67 23.85
N ALA B 269 6.62 2.56 24.58
CA ALA B 269 7.45 2.26 25.73
C ALA B 269 8.89 2.13 25.27
N ALA B 270 9.04 1.56 24.07
CA ALA B 270 10.34 1.22 23.51
C ALA B 270 11.10 2.42 22.99
N SER B 271 10.41 3.56 22.92
CA SER B 271 10.96 4.78 22.32
C SER B 271 11.95 5.56 23.20
N PRO B 272 13.11 5.91 22.63
CA PRO B 272 14.09 6.71 23.33
C PRO B 272 13.72 8.18 23.36
N ASN B 273 12.78 8.58 22.53
CA ASN B 273 12.47 9.98 22.44
C ASN B 273 11.19 10.40 23.19
N LYS B 274 10.91 9.75 24.32
CA LYS B 274 9.69 10.05 25.06
C LYS B 274 9.61 11.53 25.46
N GLU B 275 10.77 12.14 25.71
CA GLU B 275 10.83 13.58 25.99
C GLU B 275 10.44 14.40 24.78
N LEU B 276 10.86 13.92 23.62
CA LEU B 276 10.60 14.57 22.34
C LEU B 276 9.15 14.37 21.87
N ALA B 277 8.60 13.18 22.11
CA ALA B 277 7.21 12.90 21.80
C ALA B 277 6.25 13.81 22.58
N LYS B 278 6.55 14.10 23.85
CA LYS B 278 5.66 14.94 24.63
C LYS B 278 5.78 16.40 24.20
N GLU B 279 7.00 16.86 23.92
CA GLU B 279 7.18 18.23 23.47
C GLU B 279 6.40 18.47 22.18
N PHE B 280 6.36 17.46 21.32
CA PHE B 280 5.60 17.54 20.08
C PHE B 280 4.11 17.62 20.35
N LEU B 281 3.57 16.59 21.01
CA LEU B 281 2.13 16.49 21.24
C LEU B 281 1.53 17.64 22.09
N GLU B 282 2.18 18.01 23.20
CA GLU B 282 1.61 19.01 24.10
C GLU B 282 1.76 20.43 23.61
N ASN B 283 2.88 20.71 22.96
CA ASN B 283 3.18 22.06 22.50
C ASN B 283 2.85 22.28 21.01
N TYR B 284 3.08 21.29 20.16
CA TYR B 284 2.91 21.48 18.72
C TYR B 284 1.61 20.91 18.11
N LEU B 285 1.32 19.64 18.33
CA LEU B 285 0.07 19.01 17.84
C LEU B 285 -1.19 19.47 18.58
N LEU B 286 -1.23 19.31 19.90
CA LEU B 286 -2.37 19.78 20.69
C LEU B 286 -2.30 21.27 20.96
N THR B 287 -2.58 22.05 19.93
CA THR B 287 -2.65 23.49 20.07
C THR B 287 -3.61 23.97 18.99
N ASP B 288 -4.04 25.22 19.04
CA ASP B 288 -5.02 25.68 18.06
C ASP B 288 -4.46 25.54 16.67
N GLU B 289 -3.22 25.98 16.50
CA GLU B 289 -2.62 26.07 15.18
C GLU B 289 -2.21 24.71 14.64
N GLY B 290 -1.99 23.78 15.56
CA GLY B 290 -1.64 22.41 15.23
C GLY B 290 -2.84 21.66 14.72
N LEU B 291 -3.89 21.59 15.53
CA LEU B 291 -5.10 20.86 15.15
C LEU B 291 -5.74 21.42 13.89
N GLU B 292 -5.70 22.73 13.71
CA GLU B 292 -6.28 23.34 12.52
C GLU B 292 -5.63 22.75 11.26
N ALA B 293 -4.32 22.54 11.33
CA ALA B 293 -3.50 22.02 10.21
C ALA B 293 -3.91 20.59 9.83
N VAL B 294 -4.43 19.88 10.82
CA VAL B 294 -4.85 18.50 10.67
C VAL B 294 -6.32 18.42 10.28
N ASN B 295 -7.15 19.26 10.89
CA ASN B 295 -8.58 19.25 10.61
C ASN B 295 -8.83 19.66 9.17
N LYS B 296 -7.96 20.52 8.68
CA LYS B 296 -8.02 21.00 7.32
C LYS B 296 -7.80 19.90 6.29
N ASP B 297 -6.78 19.08 6.49
CA ASP B 297 -6.49 18.04 5.53
C ASP B 297 -7.62 17.06 5.55
N LYS B 298 -8.03 16.71 6.76
CA LYS B 298 -9.16 15.85 6.99
C LYS B 298 -9.81 16.39 8.24
N PRO B 299 -11.13 16.30 8.33
CA PRO B 299 -11.77 16.83 9.55
C PRO B 299 -11.69 15.86 10.73
N LEU B 300 -11.28 16.33 11.89
CA LEU B 300 -11.08 15.45 13.03
C LEU B 300 -12.40 15.08 13.72
N GLY B 301 -13.44 15.88 13.52
CA GLY B 301 -14.66 15.72 14.28
C GLY B 301 -14.68 16.76 15.39
N ALA B 302 -15.23 16.42 16.54
CA ALA B 302 -15.21 17.36 17.64
C ALA B 302 -13.88 17.26 18.35
N VAL B 303 -13.05 18.30 18.29
CA VAL B 303 -11.74 18.24 18.92
C VAL B 303 -11.76 18.27 20.47
N ALA B 304 -10.70 17.69 21.03
CA ALA B 304 -10.54 17.52 22.47
C ALA B 304 -9.98 18.78 23.12
N LEU B 305 -9.27 19.59 22.33
CA LEU B 305 -8.73 20.86 22.83
C LEU B 305 -9.83 21.89 22.89
N LYS B 306 -10.18 22.29 24.12
CA LYS B 306 -11.33 23.14 24.38
C LYS B 306 -11.32 24.40 23.54
N SER B 307 -10.16 25.05 23.44
CA SER B 307 -10.07 26.29 22.69
C SER B 307 -10.53 26.12 21.24
N TYR B 308 -9.95 25.18 20.52
CA TYR B 308 -10.30 24.98 19.11
C TYR B 308 -11.72 24.47 18.91
N GLU B 309 -12.29 23.89 19.96
CA GLU B 309 -13.58 23.22 19.86
C GLU B 309 -14.68 24.25 19.75
N GLU B 310 -14.44 25.42 20.34
CA GLU B 310 -15.44 26.46 20.40
C GLU B 310 -15.81 26.96 19.01
N GLU B 311 -14.80 26.97 18.15
CA GLU B 311 -14.94 27.40 16.77
C GLU B 311 -15.60 26.32 15.89
N LEU B 312 -15.15 25.08 16.08
CA LEU B 312 -15.70 23.92 15.38
C LEU B 312 -17.15 23.65 15.74
N ALA B 313 -17.54 24.06 16.94
CA ALA B 313 -18.87 23.76 17.41
C ALA B 313 -19.95 24.47 16.60
N LYS B 314 -19.60 25.57 15.94
CA LYS B 314 -20.57 26.37 15.19
C LYS B 314 -20.98 25.68 13.89
N ASP B 315 -20.30 24.59 13.60
CA ASP B 315 -20.43 23.82 12.36
C ASP B 315 -21.50 22.73 12.51
N PRO B 316 -22.60 22.86 11.75
CA PRO B 316 -23.75 21.94 11.77
C PRO B 316 -23.44 20.51 11.35
N ARG B 317 -22.22 20.24 10.95
CA ARG B 317 -21.85 18.88 10.67
C ARG B 317 -21.32 18.27 11.95
N ILE B 318 -20.51 19.04 12.67
CA ILE B 318 -19.95 18.61 13.95
C ILE B 318 -21.03 18.51 15.03
N ALA B 319 -21.99 19.44 14.98
CA ALA B 319 -23.11 19.46 15.94
C ALA B 319 -24.05 18.32 15.63
N ALA B 320 -24.03 17.85 14.38
CA ALA B 320 -24.76 16.66 14.04
C ALA B 320 -23.99 15.45 14.53
N THR B 321 -22.67 15.50 14.42
CA THR B 321 -21.84 14.43 14.92
C THR B 321 -22.01 14.30 16.43
N MET B 322 -22.00 15.42 17.12
CA MET B 322 -22.21 15.46 18.57
C MET B 322 -23.56 14.90 18.97
N GLU B 323 -24.54 14.97 18.08
CA GLU B 323 -25.87 14.50 18.42
C GLU B 323 -25.91 12.99 18.47
N ASN B 324 -25.36 12.34 17.44
CA ASN B 324 -25.24 10.90 17.40
C ASN B 324 -24.30 10.36 18.47
N ALA B 325 -23.26 11.13 18.75
CA ALA B 325 -22.28 10.72 19.74
C ALA B 325 -22.93 10.68 21.13
N GLN B 326 -23.90 11.55 21.34
CA GLN B 326 -24.61 11.57 22.61
C GLN B 326 -25.62 10.46 22.70
N LYS B 327 -26.05 9.92 21.57
CA LYS B 327 -27.03 8.85 21.59
C LYS B 327 -26.35 7.50 21.63
N GLY B 328 -25.10 7.47 21.16
CA GLY B 328 -24.32 6.26 21.22
C GLY B 328 -23.53 6.22 22.52
N GLU B 329 -22.78 5.13 22.73
CA GLU B 329 -21.92 5.01 23.90
C GLU B 329 -20.46 5.05 23.47
N ILE B 330 -19.59 5.45 24.37
CA ILE B 330 -18.16 5.51 24.10
C ILE B 330 -17.48 4.13 24.27
N MET B 331 -16.64 3.72 23.31
CA MET B 331 -16.03 2.38 23.32
C MET B 331 -15.20 2.07 24.55
N PRO B 332 -15.18 0.80 24.96
CA PRO B 332 -14.43 0.38 26.14
C PRO B 332 -12.91 0.41 25.97
N ASN B 333 -12.25 0.58 27.09
CA ASN B 333 -10.82 0.70 27.09
C ASN B 333 -10.15 -0.66 27.26
N ILE B 334 -10.97 -1.69 27.53
CA ILE B 334 -10.49 -3.01 27.93
C ILE B 334 -9.77 -3.76 26.80
N PRO B 335 -8.77 -4.59 27.15
CA PRO B 335 -7.90 -5.25 26.17
C PRO B 335 -8.63 -6.25 25.29
N GLN B 336 -9.77 -6.73 25.79
CA GLN B 336 -10.61 -7.67 25.06
C GLN B 336 -11.23 -7.07 23.80
N MET B 337 -11.11 -5.75 23.62
CA MET B 337 -11.80 -5.07 22.52
C MET B 337 -11.37 -5.58 21.14
N SER B 338 -10.09 -5.88 20.99
CA SER B 338 -9.58 -6.44 19.74
C SER B 338 -10.36 -7.67 19.38
N ALA B 339 -10.44 -8.59 20.32
CA ALA B 339 -11.17 -9.81 20.06
C ALA B 339 -12.65 -9.51 19.82
N PHE B 340 -13.25 -8.59 20.59
CA PHE B 340 -14.70 -8.33 20.44
C PHE B 340 -15.06 -7.88 19.04
N TRP B 341 -14.18 -7.07 18.45
CA TRP B 341 -14.41 -6.53 17.13
C TRP B 341 -14.26 -7.56 16.02
N TYR B 342 -13.21 -8.38 16.10
CA TYR B 342 -13.06 -9.47 15.15
C TYR B 342 -14.30 -10.36 15.19
N ALA B 343 -14.66 -10.76 16.41
CA ALA B 343 -15.78 -11.63 16.64
C ALA B 343 -17.02 -11.12 15.91
N VAL B 344 -17.34 -9.85 16.13
CA VAL B 344 -18.53 -9.25 15.53
C VAL B 344 -18.37 -9.16 14.02
N ARG B 345 -17.14 -8.88 13.59
CA ARG B 345 -16.90 -8.63 12.18
C ARG B 345 -17.27 -9.85 11.36
N THR B 346 -16.69 -11.00 11.68
CA THR B 346 -16.96 -12.18 10.89
C THR B 346 -18.45 -12.45 10.97
N ALA B 347 -19.06 -12.10 12.10
CA ALA B 347 -20.44 -12.42 12.32
C ALA B 347 -21.32 -11.69 11.32
N VAL B 348 -21.14 -10.38 11.18
CA VAL B 348 -21.95 -9.64 10.21
C VAL B 348 -21.63 -10.10 8.78
N ILE B 349 -20.34 -10.19 8.46
CA ILE B 349 -19.88 -10.63 7.16
C ILE B 349 -20.46 -11.99 6.77
N ASN B 350 -20.55 -12.90 7.74
CA ASN B 350 -21.21 -14.18 7.56
C ASN B 350 -22.73 -14.05 7.43
N ALA B 351 -23.34 -13.18 8.24
CA ALA B 351 -24.77 -12.96 8.07
C ALA B 351 -25.01 -12.30 6.72
N ALA B 352 -24.18 -11.30 6.37
CA ALA B 352 -24.37 -10.52 5.15
C ALA B 352 -24.24 -11.35 3.89
N SER B 353 -23.25 -12.23 3.87
CA SER B 353 -22.98 -13.05 2.70
C SER B 353 -24.04 -14.11 2.60
N GLY B 354 -24.38 -14.72 3.73
CA GLY B 354 -25.33 -15.81 3.76
C GLY B 354 -24.68 -17.12 4.16
N ARG B 355 -23.40 -17.07 4.54
CA ARG B 355 -22.69 -18.28 4.96
C ARG B 355 -23.41 -18.88 6.16
N GLN B 356 -23.70 -18.01 7.12
CA GLN B 356 -24.40 -18.37 8.33
C GLN B 356 -25.74 -17.62 8.43
N THR B 357 -26.61 -18.05 9.33
CA THR B 357 -27.84 -17.29 9.62
C THR B 357 -27.48 -16.14 10.54
N VAL B 358 -28.42 -15.22 10.77
CA VAL B 358 -28.20 -14.18 11.76
C VAL B 358 -28.02 -14.86 13.11
N ASP B 359 -28.83 -15.87 13.37
CA ASP B 359 -28.89 -16.49 14.69
C ASP B 359 -27.62 -17.23 15.04
N GLU B 360 -27.09 -17.97 14.08
CA GLU B 360 -25.88 -18.74 14.31
C GLU B 360 -24.64 -17.83 14.32
N ALA B 361 -24.56 -16.89 13.39
CA ALA B 361 -23.43 -15.94 13.29
C ALA B 361 -23.21 -15.16 14.57
N LEU B 362 -24.28 -14.68 15.21
CA LEU B 362 -24.16 -14.02 16.51
C LEU B 362 -23.92 -15.02 17.64
N LYS B 363 -24.46 -16.22 17.50
CA LYS B 363 -24.23 -17.25 18.50
C LYS B 363 -22.75 -17.57 18.57
N ASP B 364 -22.10 -17.54 17.40
CA ASP B 364 -20.68 -17.84 17.30
C ASP B 364 -19.85 -16.79 18.01
N ALA B 365 -20.25 -15.53 17.96
CA ALA B 365 -19.46 -14.43 18.52
C ALA B 365 -19.62 -14.31 20.03
N GLN B 366 -20.81 -14.59 20.54
CA GLN B 366 -21.04 -14.59 21.98
C GLN B 366 -20.29 -15.73 22.64
N THR B 367 -20.49 -16.95 22.12
CA THR B 367 -19.89 -18.15 22.68
C THR B 367 -18.37 -18.10 22.70
N HIS B 368 -17.81 -17.12 21.98
CA HIS B 368 -16.39 -16.84 22.04
C HIS B 368 -16.08 -16.26 23.41
N ASN B 369 -15.22 -16.92 24.17
CA ASN B 369 -14.93 -16.46 25.53
C ASN B 369 -13.69 -15.58 25.58
N PHE B 370 -13.88 -14.34 26.03
CA PHE B 370 -12.76 -13.43 26.27
C PHE B 370 -12.42 -13.46 27.76
N ASP B 371 -12.79 -14.55 28.42
CA ASP B 371 -12.78 -14.64 29.89
C ASP B 371 -11.49 -15.22 30.47
N ASP B 372 -10.60 -15.77 29.66
CA ASP B 372 -9.45 -16.46 30.21
C ASP B 372 -8.61 -15.51 31.07
N LYS B 373 -8.74 -14.22 30.80
CA LYS B 373 -7.73 -13.27 31.21
C LYS B 373 -7.59 -13.39 32.71
N GLU B 374 -8.72 -13.55 33.38
CA GLU B 374 -8.74 -13.70 34.84
C GLU B 374 -9.08 -15.12 35.29
N MET B 375 -9.65 -15.90 34.38
CA MET B 375 -9.99 -17.28 34.65
C MET B 375 -8.73 -18.06 35.02
N LEU B 376 -7.69 -17.90 34.21
CA LEU B 376 -6.43 -18.61 34.42
C LEU B 376 -5.74 -18.21 35.74
N LEU B 377 -5.74 -16.92 36.03
CA LEU B 377 -5.38 -16.43 37.34
C LEU B 377 -6.66 -16.32 38.17
N GLN B 378 -7.27 -17.45 38.48
CA GLN B 378 -8.51 -17.44 39.26
C GLN B 378 -8.29 -16.97 40.72
N GLU B 379 -7.34 -17.59 41.40
CA GLU B 379 -7.10 -17.34 42.80
C GLU B 379 -5.58 -17.26 43.00
N PHE B 380 -4.90 -16.69 42.01
CA PHE B 380 -3.56 -16.17 42.24
C PHE B 380 -3.73 -14.99 43.18
N PRO B 381 -2.71 -14.72 44.02
CA PRO B 381 -2.70 -13.49 44.82
C PRO B 381 -2.84 -12.24 43.96
N GLU B 382 -3.58 -11.26 44.46
CA GLU B 382 -3.90 -10.08 43.69
C GLU B 382 -2.64 -9.33 43.32
N GLN B 383 -1.74 -9.17 44.27
CA GLN B 383 -0.51 -8.43 44.01
C GLN B 383 0.27 -9.15 42.94
N LEU B 384 0.35 -10.47 43.07
CA LEU B 384 0.98 -11.32 42.07
C LEU B 384 0.24 -11.32 40.74
N THR B 385 -1.08 -11.36 40.81
CA THR B 385 -1.88 -11.47 39.61
C THR B 385 -1.69 -10.25 38.72
N ASN B 386 -1.62 -9.08 39.35
CA ASN B 386 -1.38 -7.82 38.67
C ASN B 386 -0.17 -7.94 37.76
N TYR B 387 0.91 -8.49 38.30
CA TYR B 387 2.19 -8.54 37.60
C TYR B 387 2.10 -9.40 36.35
N LEU B 388 1.42 -10.52 36.48
CA LEU B 388 1.44 -11.57 35.50
C LEU B 388 0.91 -11.11 34.15
N LEU B 389 -0.02 -10.17 34.21
CA LEU B 389 -0.97 -9.87 33.16
C LEU B 389 -0.30 -9.47 31.87
N LYS B 390 0.82 -8.79 31.99
CA LYS B 390 1.46 -8.20 30.83
C LYS B 390 1.72 -9.33 29.86
N TYR B 391 2.09 -10.48 30.37
CA TYR B 391 2.36 -11.61 29.49
C TYR B 391 1.12 -12.06 28.71
N ASP B 392 1.37 -12.47 27.47
CA ASP B 392 0.39 -12.95 26.51
C ASP B 392 -0.23 -14.23 27.02
N TYR B 393 -1.31 -14.70 26.40
CA TYR B 393 -2.07 -15.81 26.98
C TYR B 393 -1.30 -17.12 27.02
N ARG B 394 -0.67 -17.48 25.92
CA ARG B 394 0.00 -18.77 25.86
C ARG B 394 1.19 -18.81 26.82
N ASP B 395 1.94 -17.73 26.86
CA ASP B 395 3.07 -17.64 27.78
C ASP B 395 2.58 -17.71 29.21
N LEU B 396 1.45 -17.07 29.50
CA LEU B 396 0.87 -17.17 30.82
C LEU B 396 0.49 -18.61 31.10
N GLU B 397 0.02 -19.30 30.08
CA GLU B 397 -0.43 -20.67 30.28
C GLU B 397 0.77 -21.45 30.80
N ILE B 398 1.92 -21.16 30.22
CA ILE B 398 3.17 -21.82 30.61
C ILE B 398 3.57 -21.50 32.05
N ILE B 399 3.80 -20.24 32.36
CA ILE B 399 4.15 -19.81 33.72
C ILE B 399 3.24 -20.46 34.76
N LYS B 400 1.93 -20.43 34.52
CA LYS B 400 1.00 -21.11 35.40
C LYS B 400 1.45 -22.55 35.61
N ALA B 401 1.73 -23.27 34.52
CA ALA B 401 2.12 -24.66 34.64
C ALA B 401 3.43 -24.82 35.41
N VAL B 402 4.30 -23.83 35.30
CA VAL B 402 5.59 -23.89 35.96
C VAL B 402 5.45 -23.55 37.42
N ILE B 403 4.67 -22.51 37.72
CA ILE B 403 4.39 -22.12 39.09
C ILE B 403 3.81 -23.30 39.86
N LEU B 404 2.91 -24.04 39.20
CA LEU B 404 2.14 -25.07 39.90
C LEU B 404 2.95 -26.30 40.31
N LYS B 405 3.89 -26.70 39.46
CA LYS B 405 4.77 -27.86 39.71
C LYS B 405 5.81 -27.58 40.78
N ALA B 406 6.40 -26.39 40.73
CA ALA B 406 7.33 -25.96 41.75
C ALA B 406 6.63 -25.90 43.11
N LYS B 407 5.36 -25.53 43.11
CA LYS B 407 4.63 -25.52 44.36
C LYS B 407 4.33 -26.95 44.75
N LYS B 408 4.02 -27.78 43.77
CA LYS B 408 3.79 -29.18 44.04
C LYS B 408 5.06 -29.87 44.51
N SER B 409 6.20 -29.53 43.92
CA SER B 409 7.46 -30.16 44.32
C SER B 409 7.91 -29.71 45.70
N PHE B 410 7.87 -28.41 45.95
CA PHE B 410 8.39 -27.87 47.21
C PHE B 410 7.67 -28.38 48.44
N ASN B 411 6.34 -28.31 48.41
CA ASN B 411 5.57 -28.76 49.55
C ASN B 411 5.60 -30.28 49.62
N SER B 412 6.14 -30.91 48.59
CA SER B 412 6.32 -32.35 48.58
C SER B 412 7.57 -32.75 49.37
N ARG B 413 8.67 -32.02 49.18
CA ARG B 413 9.91 -32.28 49.93
C ARG B 413 9.74 -32.02 51.43
N HIS B 414 8.99 -30.97 51.76
CA HIS B 414 8.87 -30.55 53.15
C HIS B 414 7.48 -30.77 53.71
N GLU B 415 7.34 -31.68 54.67
CA GLU B 415 6.11 -31.76 55.42
C GLU B 415 6.09 -30.62 56.43
N ASP B 416 7.27 -30.02 56.62
CA ASP B 416 7.53 -28.97 57.62
C ASP B 416 6.80 -27.66 57.32
N MET B 417 6.88 -27.23 56.07
CA MET B 417 6.19 -26.00 55.68
C MET B 417 5.48 -26.17 54.35
N HIS B 418 4.42 -27.00 54.34
CA HIS B 418 3.53 -27.08 53.18
C HIS B 418 3.04 -25.67 52.86
N TYR B 419 3.31 -25.20 51.66
CA TYR B 419 2.92 -23.85 51.32
C TYR B 419 1.81 -23.82 50.27
N MET B 420 0.92 -22.87 50.45
CA MET B 420 -0.10 -22.48 49.49
C MET B 420 0.45 -21.31 48.67
N LEU B 421 -0.25 -20.96 47.59
CA LEU B 421 0.23 -19.95 46.68
C LEU B 421 0.40 -18.60 47.35
N GLU B 422 -0.49 -18.28 48.27
CA GLU B 422 -0.43 -16.97 48.92
C GLU B 422 0.87 -16.79 49.69
N ASP B 423 1.30 -17.83 50.38
CA ASP B 423 2.56 -17.76 51.15
C ASP B 423 3.82 -17.56 50.28
N ILE B 424 3.71 -17.96 49.01
CA ILE B 424 4.77 -17.82 48.02
C ILE B 424 4.83 -16.50 47.26
N GLU B 425 3.82 -15.65 47.36
CA GLU B 425 3.67 -14.61 46.37
C GLU B 425 4.88 -13.71 46.30
N ASP B 426 5.49 -13.39 47.43
CA ASP B 426 6.67 -12.54 47.39
C ASP B 426 7.73 -13.24 46.60
N GLU B 427 7.79 -14.54 46.75
CA GLU B 427 8.99 -15.26 46.28
C GLU B 427 9.01 -15.28 44.77
N ILE B 428 7.91 -15.77 44.20
CA ILE B 428 7.69 -15.84 42.75
C ILE B 428 7.99 -14.54 42.03
N LEU B 429 7.55 -13.43 42.62
CA LEU B 429 7.82 -12.13 42.04
C LEU B 429 9.28 -12.04 41.72
N THR B 430 10.11 -12.20 42.75
CA THR B 430 11.54 -11.98 42.61
C THR B 430 12.16 -13.02 41.68
N SER B 431 11.42 -14.07 41.33
CA SER B 431 11.97 -15.04 40.39
C SER B 431 11.43 -14.78 38.98
N LEU B 432 10.27 -14.13 38.85
CA LEU B 432 9.78 -13.71 37.54
C LEU B 432 10.54 -12.51 37.05
N LYS B 433 11.05 -11.75 38.00
CA LYS B 433 11.94 -10.64 37.73
C LYS B 433 13.30 -11.20 37.38
N ARG B 434 13.70 -12.29 38.01
CA ARG B 434 14.98 -12.90 37.69
C ARG B 434 14.97 -13.50 36.30
N LEU B 435 13.78 -13.90 35.85
CA LEU B 435 13.59 -14.47 34.51
C LEU B 435 13.68 -13.38 33.43
N LYS B 436 13.11 -12.22 33.70
CA LYS B 436 13.09 -11.17 32.68
C LYS B 436 14.48 -10.62 32.42
N LYS B 437 15.25 -10.46 33.51
CA LYS B 437 16.59 -9.93 33.37
C LYS B 437 17.46 -10.95 32.66
N ALA B 438 17.20 -12.23 32.90
CA ALA B 438 18.02 -13.28 32.30
C ALA B 438 17.79 -13.30 30.79
N ILE B 439 16.54 -13.23 30.35
CA ILE B 439 16.26 -13.17 28.92
C ILE B 439 16.90 -11.93 28.30
N HIS B 440 16.93 -10.84 29.07
CA HIS B 440 17.51 -9.58 28.61
C HIS B 440 19.02 -9.67 28.52
N ASP B 441 19.63 -10.24 29.55
CA ASP B 441 21.07 -10.43 29.59
C ASP B 441 21.52 -11.52 28.61
N ARG B 442 20.69 -12.55 28.43
CA ARG B 442 21.04 -13.66 27.54
C ARG B 442 20.66 -13.30 26.11
N GLY B 443 19.77 -12.32 25.96
CA GLY B 443 19.40 -11.81 24.65
C GLY B 443 20.63 -11.24 23.99
N VAL B 444 21.19 -10.20 24.62
CA VAL B 444 22.51 -9.71 24.26
C VAL B 444 23.47 -10.87 24.50
N LYS B 445 24.63 -10.82 23.86
CA LYS B 445 25.52 -11.97 23.73
C LYS B 445 24.89 -12.96 22.74
N GLY B 446 23.92 -12.48 21.98
CA GLY B 446 23.35 -13.24 20.88
C GLY B 446 22.63 -14.56 21.05
N GLN B 447 21.84 -14.69 22.11
CA GLN B 447 20.86 -15.77 22.18
C GLN B 447 19.46 -15.17 22.33
N LYS B 448 18.54 -15.54 21.44
CA LYS B 448 17.18 -15.01 21.49
C LYS B 448 16.37 -16.03 22.24
N GLU B 449 15.61 -15.57 23.24
CA GLU B 449 15.09 -16.47 24.24
C GLU B 449 13.63 -16.19 24.47
N THR B 450 12.82 -17.21 24.70
CA THR B 450 11.42 -16.97 25.02
C THR B 450 11.07 -17.62 26.32
N ILE B 451 9.85 -17.39 26.77
CA ILE B 451 9.37 -17.99 27.99
C ILE B 451 9.19 -19.49 27.81
N LYS B 452 8.84 -19.90 26.60
CA LYS B 452 8.60 -21.31 26.35
C LYS B 452 9.89 -22.09 26.52
N SER B 453 11.03 -21.47 26.22
CA SER B 453 12.31 -22.17 26.32
C SER B 453 12.87 -22.06 27.72
N MET B 454 12.59 -20.97 28.40
CA MET B 454 13.13 -20.78 29.72
C MET B 454 12.33 -21.47 30.82
N GLN B 455 11.44 -22.41 30.46
CA GLN B 455 10.59 -23.05 31.46
C GLN B 455 11.44 -23.57 32.62
N ALA B 456 12.50 -24.28 32.26
CA ALA B 456 13.33 -24.94 33.26
C ALA B 456 13.98 -23.93 34.18
N TYR B 457 14.46 -22.83 33.61
CA TYR B 457 15.15 -21.82 34.42
C TYR B 457 14.23 -21.18 35.47
N LEU B 458 13.02 -20.82 35.08
CA LEU B 458 12.05 -20.27 36.02
C LEU B 458 11.77 -21.25 37.14
N MET B 459 11.58 -22.50 36.74
CA MET B 459 11.38 -23.62 37.67
C MET B 459 12.51 -23.71 38.69
N GLN B 460 13.75 -23.68 38.21
CA GLN B 460 14.92 -23.73 39.09
C GLN B 460 15.05 -22.51 40.00
N THR B 461 14.65 -21.34 39.50
CA THR B 461 14.85 -20.10 40.22
C THR B 461 13.83 -19.96 41.32
N ILE B 462 12.61 -20.43 41.06
CA ILE B 462 11.57 -20.42 42.08
C ILE B 462 11.95 -21.32 43.27
N LEU B 463 12.41 -22.53 42.97
CA LEU B 463 12.76 -23.52 43.98
C LEU B 463 13.92 -23.05 44.84
N THR B 464 14.85 -22.36 44.22
CA THR B 464 15.99 -21.86 44.93
C THR B 464 15.55 -20.81 45.94
N GLU B 465 14.60 -19.97 45.54
CA GLU B 465 14.12 -18.89 46.40
C GLU B 465 13.34 -19.43 47.57
N LEU B 466 12.53 -20.45 47.31
CA LEU B 466 11.74 -21.12 48.33
C LEU B 466 12.64 -21.78 49.36
N GLU B 467 13.70 -22.45 48.90
CA GLU B 467 14.60 -23.14 49.81
C GLU B 467 15.38 -22.14 50.67
N GLU B 468 15.81 -21.04 50.07
CA GLU B 468 16.53 -20.00 50.80
C GLU B 468 15.60 -19.36 51.82
N THR B 469 14.32 -19.26 51.47
CA THR B 469 13.31 -18.73 52.38
C THR B 469 13.11 -19.67 53.56
N HIS B 470 13.19 -20.95 53.24
CA HIS B 470 12.89 -22.01 54.20
C HIS B 470 14.08 -22.20 55.13
N ALA B 471 15.25 -21.85 54.63
CA ALA B 471 16.44 -21.81 55.47
C ALA B 471 16.30 -20.75 56.58
N LEU B 472 15.85 -19.55 56.22
CA LEU B 472 15.58 -18.51 57.21
C LEU B 472 14.64 -19.05 58.27
N TYR B 473 13.47 -19.49 57.82
CA TYR B 473 12.42 -20.00 58.70
C TYR B 473 12.98 -20.96 59.73
N MET B 474 13.67 -21.99 59.24
CA MET B 474 14.34 -22.96 60.10
C MET B 474 15.34 -22.28 61.03
N ARG B 475 16.16 -21.39 60.46
CA ARG B 475 17.24 -20.79 61.23
C ARG B 475 16.73 -19.77 62.26
N ARG B 476 15.63 -19.09 61.96
CA ARG B 476 15.06 -18.10 62.87
C ARG B 476 14.55 -18.76 64.14
N LYS B 477 13.67 -19.75 63.97
CA LYS B 477 13.10 -20.49 65.08
C LYS B 477 14.18 -21.19 65.93
N ASN B 478 15.15 -21.81 65.26
CA ASN B 478 16.15 -22.62 65.96
C ASN B 478 17.31 -21.83 66.57
N MET B 479 17.31 -20.50 66.42
CA MET B 479 18.40 -19.67 66.92
C MET B 479 18.58 -19.77 68.43
N LYS B 480 19.83 -19.69 68.89
CA LYS B 480 20.13 -19.70 70.32
C LYS B 480 21.47 -19.03 70.63
N ILE C 3 1.77 -20.26 -9.91
CA ILE C 3 0.51 -19.74 -10.47
C ILE C 3 -0.42 -20.87 -10.90
N GLU C 4 -1.65 -20.84 -10.41
CA GLU C 4 -2.63 -21.92 -10.66
C GLU C 4 -3.19 -21.91 -12.07
N GLU C 5 -3.49 -23.12 -12.56
CA GLU C 5 -3.91 -23.36 -13.94
C GLU C 5 -5.36 -22.95 -14.27
N GLY C 6 -6.28 -23.10 -13.33
CA GLY C 6 -7.68 -22.77 -13.55
C GLY C 6 -8.10 -21.31 -13.35
N LYS C 7 -7.12 -20.44 -13.11
CA LYS C 7 -7.37 -19.03 -12.81
C LYS C 7 -6.47 -18.06 -13.57
N LEU C 8 -6.91 -16.79 -13.66
CA LEU C 8 -6.15 -15.72 -14.33
C LEU C 8 -5.83 -14.60 -13.35
N VAL C 9 -4.55 -14.26 -13.21
CA VAL C 9 -4.18 -13.17 -12.31
C VAL C 9 -3.67 -11.99 -13.15
N ILE C 10 -4.24 -10.81 -12.94
CA ILE C 10 -3.88 -9.64 -13.75
C ILE C 10 -3.28 -8.55 -12.89
N TRP C 11 -2.15 -8.04 -13.37
CA TRP C 11 -1.51 -6.92 -12.72
C TRP C 11 -1.71 -5.70 -13.57
N ILE C 12 -2.33 -4.67 -12.98
CA ILE C 12 -2.54 -3.41 -13.70
C ILE C 12 -2.25 -2.28 -12.72
N ASN C 13 -1.79 -1.15 -13.23
CA ASN C 13 -1.43 -0.07 -12.34
C ASN C 13 -2.63 0.57 -11.66
N GLY C 14 -2.39 1.11 -10.47
CA GLY C 14 -3.46 1.71 -9.69
C GLY C 14 -4.08 2.94 -10.30
N ASP C 15 -3.31 3.68 -11.09
CA ASP C 15 -3.81 4.90 -11.73
C ASP C 15 -4.96 4.62 -12.71
N LYS C 16 -4.82 3.54 -13.47
CA LYS C 16 -5.80 3.20 -14.52
C LYS C 16 -7.09 2.63 -13.90
N GLY C 17 -8.06 2.27 -14.74
CA GLY C 17 -9.34 1.77 -14.22
C GLY C 17 -9.37 0.29 -13.93
N TYR C 18 -8.77 -0.10 -12.80
CA TYR C 18 -8.70 -1.52 -12.42
C TYR C 18 -10.05 -2.07 -12.01
N ASN C 19 -10.93 -1.21 -11.52
CA ASN C 19 -12.26 -1.66 -11.17
C ASN C 19 -13.05 -2.01 -12.41
N GLY C 20 -12.87 -1.23 -13.45
CA GLY C 20 -13.53 -1.52 -14.70
C GLY C 20 -13.02 -2.79 -15.32
N LEU C 21 -11.72 -3.05 -15.18
CA LEU C 21 -11.14 -4.26 -15.75
C LEU C 21 -11.66 -5.51 -15.02
N ALA C 22 -11.88 -5.43 -13.72
CA ALA C 22 -12.42 -6.56 -12.98
C ALA C 22 -13.83 -6.94 -13.49
N GLU C 23 -14.58 -5.96 -13.97
CA GLU C 23 -15.90 -6.19 -14.53
C GLU C 23 -15.86 -7.08 -15.76
N VAL C 24 -14.87 -6.83 -16.61
CA VAL C 24 -14.68 -7.65 -17.80
C VAL C 24 -14.33 -9.04 -17.31
N GLY C 25 -13.62 -9.09 -16.18
CA GLY C 25 -13.26 -10.35 -15.56
C GLY C 25 -14.51 -11.09 -15.15
N LYS C 26 -15.49 -10.40 -14.59
CA LYS C 26 -16.77 -11.02 -14.26
C LYS C 26 -17.54 -11.52 -15.49
N LYS C 27 -17.48 -10.76 -16.58
CA LYS C 27 -18.06 -11.21 -17.85
C LYS C 27 -17.33 -12.47 -18.34
N PHE C 28 -16.06 -12.57 -17.98
CA PHE C 28 -15.30 -13.73 -18.37
C PHE C 28 -15.63 -14.93 -17.47
N GLU C 29 -15.76 -14.70 -16.17
CA GLU C 29 -16.11 -15.77 -15.23
C GLU C 29 -17.47 -16.33 -15.51
N LYS C 30 -18.40 -15.45 -15.82
CA LYS C 30 -19.78 -15.85 -16.04
C LYS C 30 -19.87 -16.78 -17.25
N ASP C 31 -19.29 -16.37 -18.37
CA ASP C 31 -19.37 -17.15 -19.59
C ASP C 31 -18.49 -18.38 -19.57
N THR C 32 -17.27 -18.23 -19.06
CA THR C 32 -16.22 -19.26 -19.17
C THR C 32 -16.04 -20.11 -17.90
N GLY C 33 -16.33 -19.53 -16.75
CA GLY C 33 -16.16 -20.21 -15.50
C GLY C 33 -14.75 -20.15 -14.94
N ILE C 34 -13.91 -19.29 -15.47
CA ILE C 34 -12.56 -19.14 -14.95
C ILE C 34 -12.39 -17.84 -14.18
N LYS C 35 -12.04 -17.96 -12.90
CA LYS C 35 -11.95 -16.78 -12.03
C LYS C 35 -10.82 -15.84 -12.44
N VAL C 36 -11.15 -14.56 -12.49
CA VAL C 36 -10.21 -13.51 -12.87
C VAL C 36 -10.02 -12.57 -11.69
N THR C 37 -8.80 -12.42 -11.21
CA THR C 37 -8.52 -11.49 -10.11
C THR C 37 -7.66 -10.36 -10.65
N VAL C 38 -8.05 -9.13 -10.33
CA VAL C 38 -7.31 -7.96 -10.74
C VAL C 38 -6.64 -7.35 -9.53
N GLU C 39 -5.36 -7.05 -9.67
CA GLU C 39 -4.56 -6.49 -8.59
C GLU C 39 -3.72 -5.30 -9.03
N HIS C 40 -3.50 -4.38 -8.10
CA HIS C 40 -2.69 -3.23 -8.42
C HIS C 40 -1.58 -3.01 -7.41
N PRO C 41 -0.60 -3.91 -7.38
CA PRO C 41 0.49 -3.74 -6.42
C PRO C 41 1.39 -2.58 -6.81
N ASP C 42 1.93 -1.91 -5.81
CA ASP C 42 2.89 -0.82 -6.05
C ASP C 42 4.17 -1.41 -6.61
N LYS C 43 4.81 -0.66 -7.49
CA LYS C 43 6.06 -1.07 -8.12
C LYS C 43 5.90 -2.36 -8.89
N LEU C 44 4.73 -2.56 -9.49
CA LEU C 44 4.44 -3.79 -10.23
C LEU C 44 5.31 -3.94 -11.49
N GLU C 45 5.78 -2.83 -12.06
CA GLU C 45 6.62 -2.91 -13.24
C GLU C 45 8.06 -3.23 -12.83
N GLU C 46 8.43 -2.87 -11.60
CA GLU C 46 9.72 -3.25 -11.04
C GLU C 46 9.66 -4.62 -10.39
N LYS C 47 8.52 -4.91 -9.78
CA LYS C 47 8.34 -6.19 -9.11
C LYS C 47 8.36 -7.36 -10.10
N PHE C 48 7.70 -7.19 -11.24
CA PHE C 48 7.49 -8.28 -12.20
C PHE C 48 8.74 -9.02 -12.73
N PRO C 49 9.84 -8.32 -13.05
CA PRO C 49 11.04 -9.06 -13.49
C PRO C 49 11.58 -10.02 -12.44
N GLN C 50 11.64 -9.60 -11.19
CA GLN C 50 12.14 -10.48 -10.14
C GLN C 50 11.26 -11.68 -9.89
N VAL C 51 9.96 -11.45 -9.85
CA VAL C 51 8.99 -12.52 -9.64
C VAL C 51 8.88 -13.53 -10.77
N ALA C 52 8.88 -13.05 -12.00
CA ALA C 52 8.66 -13.90 -13.16
C ALA C 52 9.75 -14.94 -13.36
N ALA C 53 10.99 -14.51 -13.17
CA ALA C 53 12.12 -15.41 -13.40
C ALA C 53 11.97 -16.68 -12.58
N THR C 54 11.57 -16.52 -11.32
CA THR C 54 11.30 -17.65 -10.44
C THR C 54 10.11 -18.43 -10.98
N GLY C 55 9.37 -17.78 -11.89
CA GLY C 55 8.17 -18.32 -12.49
C GLY C 55 6.89 -17.96 -11.75
N ASP C 56 7.04 -17.30 -10.62
CA ASP C 56 5.91 -16.72 -9.93
C ASP C 56 5.54 -15.43 -10.68
N GLY C 57 4.34 -14.91 -10.42
CA GLY C 57 3.93 -13.65 -11.00
C GLY C 57 2.48 -13.66 -11.42
N PRO C 58 2.09 -12.64 -12.19
CA PRO C 58 0.74 -12.56 -12.76
C PRO C 58 0.66 -13.26 -14.09
N ASP C 59 -0.54 -13.69 -14.45
CA ASP C 59 -0.79 -14.30 -15.73
C ASP C 59 -0.66 -13.22 -16.78
N ILE C 60 -1.21 -12.04 -16.50
CA ILE C 60 -1.12 -10.91 -17.42
C ILE C 60 -0.59 -9.65 -16.71
N ILE C 61 0.28 -8.90 -17.37
CA ILE C 61 0.82 -7.67 -16.80
C ILE C 61 0.47 -6.42 -17.65
N PHE C 62 0.03 -5.35 -17.00
CA PHE C 62 -0.38 -4.13 -17.68
C PHE C 62 0.50 -2.92 -17.39
N TRP C 63 1.04 -2.36 -18.45
CA TRP C 63 1.89 -1.20 -18.33
C TRP C 63 1.98 -0.55 -19.69
N ALA C 64 2.66 0.59 -19.73
CA ALA C 64 2.96 1.26 -20.99
C ALA C 64 4.06 0.47 -21.70
N HIS C 65 4.09 0.56 -23.04
CA HIS C 65 4.92 -0.32 -23.88
C HIS C 65 6.45 -0.28 -23.70
N ASP C 66 6.96 0.80 -23.11
CA ASP C 66 8.40 1.02 -22.96
C ASP C 66 9.12 -0.02 -22.09
N ARG C 67 8.47 -0.46 -21.02
CA ARG C 67 9.05 -1.44 -20.10
C ARG C 67 9.16 -2.83 -20.70
N PHE C 68 8.28 -3.13 -21.63
CA PHE C 68 8.08 -4.49 -22.15
C PHE C 68 9.23 -5.09 -22.93
N GLY C 69 10.06 -4.25 -23.54
CA GLY C 69 11.21 -4.75 -24.29
C GLY C 69 12.21 -5.48 -23.40
N GLY C 70 12.50 -4.90 -22.24
CA GLY C 70 13.38 -5.54 -21.28
C GLY C 70 12.79 -6.86 -20.82
N TYR C 71 11.47 -6.90 -20.66
CA TYR C 71 10.80 -8.11 -20.27
C TYR C 71 10.92 -9.18 -21.34
N ALA C 72 10.85 -8.77 -22.60
CA ALA C 72 10.88 -9.74 -23.70
C ALA C 72 12.25 -10.34 -23.91
N GLN C 73 13.27 -9.52 -23.81
CA GLN C 73 14.66 -9.94 -23.96
C GLN C 73 15.07 -10.92 -22.87
N SER C 74 14.52 -10.72 -21.68
CA SER C 74 14.77 -11.60 -20.55
C SER C 74 13.89 -12.83 -20.66
N GLY C 75 13.00 -12.82 -21.66
CA GLY C 75 12.13 -13.95 -21.95
C GLY C 75 11.00 -14.11 -20.98
N LEU C 76 10.66 -13.06 -20.24
CA LEU C 76 9.55 -13.11 -19.30
C LEU C 76 8.18 -13.11 -19.96
N LEU C 77 8.11 -12.50 -21.13
CA LEU C 77 6.87 -12.38 -21.89
C LEU C 77 6.75 -13.47 -22.94
N ALA C 78 5.53 -13.87 -23.23
CA ALA C 78 5.27 -14.88 -24.24
C ALA C 78 4.90 -14.23 -25.57
N GLU C 79 5.27 -14.84 -26.68
CA GLU C 79 5.00 -14.27 -27.97
C GLU C 79 3.51 -14.27 -28.32
N ILE C 80 3.01 -13.11 -28.74
CA ILE C 80 1.61 -12.93 -29.14
C ILE C 80 1.45 -13.22 -30.63
N THR C 81 0.60 -14.18 -30.95
CA THR C 81 0.36 -14.52 -32.35
C THR C 81 -1.13 -14.43 -32.67
N PRO C 82 -1.58 -13.23 -33.06
CA PRO C 82 -2.97 -13.07 -33.46
C PRO C 82 -3.12 -13.23 -34.95
N ASP C 83 -4.30 -13.66 -35.39
CA ASP C 83 -4.59 -13.81 -36.81
C ASP C 83 -4.67 -12.46 -37.50
N LYS C 84 -4.50 -12.46 -38.82
CA LYS C 84 -4.49 -11.24 -39.60
C LYS C 84 -5.82 -10.49 -39.45
N ALA C 85 -6.89 -11.24 -39.24
CA ALA C 85 -8.21 -10.64 -39.09
C ALA C 85 -8.30 -9.80 -37.83
N PHE C 86 -7.67 -10.25 -36.76
CA PHE C 86 -7.66 -9.52 -35.48
C PHE C 86 -6.73 -8.33 -35.48
N GLN C 87 -5.59 -8.48 -36.16
CA GLN C 87 -4.61 -7.40 -36.22
C GLN C 87 -5.20 -6.21 -36.95
N ASP C 88 -6.11 -6.49 -37.87
CA ASP C 88 -6.82 -5.47 -38.63
C ASP C 88 -7.71 -4.58 -37.76
N LYS C 89 -8.14 -5.13 -36.62
CA LYS C 89 -9.02 -4.42 -35.69
C LYS C 89 -8.28 -3.24 -35.06
N LEU C 90 -6.99 -3.43 -34.73
CA LEU C 90 -6.18 -2.38 -34.11
C LEU C 90 -5.34 -1.55 -35.10
N TYR C 91 -5.04 -0.32 -34.71
CA TYR C 91 -4.24 0.58 -35.51
C TYR C 91 -2.86 0.04 -35.70
N PRO C 92 -2.36 0.12 -36.94
CA PRO C 92 -1.05 -0.44 -37.29
C PRO C 92 0.08 0.17 -36.48
N PHE C 93 0.00 1.46 -36.17
CA PHE C 93 1.05 2.11 -35.40
C PHE C 93 1.13 1.57 -33.96
N THR C 94 0.00 1.13 -33.38
CA THR C 94 0.01 0.60 -32.02
C THR C 94 0.66 -0.79 -31.93
N TRP C 95 0.53 -1.58 -32.97
CA TRP C 95 1.17 -2.87 -32.96
C TRP C 95 2.66 -2.70 -32.87
N ASP C 96 3.15 -1.63 -33.48
CA ASP C 96 4.58 -1.39 -33.51
C ASP C 96 5.18 -1.17 -32.12
N ALA C 97 4.39 -0.65 -31.19
CA ALA C 97 4.85 -0.36 -29.84
C ALA C 97 5.12 -1.66 -29.05
N VAL C 98 4.37 -2.69 -29.41
CA VAL C 98 4.49 -3.99 -28.76
C VAL C 98 5.29 -5.01 -29.61
N ARG C 99 6.06 -4.54 -30.58
CA ARG C 99 6.89 -5.40 -31.42
C ARG C 99 8.36 -5.34 -31.01
N TYR C 100 8.95 -6.48 -30.70
CA TYR C 100 10.36 -6.53 -30.32
C TYR C 100 11.11 -7.59 -31.11
N ASN C 101 12.11 -7.17 -31.88
CA ASN C 101 12.89 -8.07 -32.70
C ASN C 101 12.03 -8.91 -33.66
N GLY C 102 11.01 -8.28 -34.22
CA GLY C 102 10.15 -8.87 -35.23
C GLY C 102 8.99 -9.73 -34.74
N LYS C 103 8.82 -9.76 -33.42
CA LYS C 103 7.76 -10.55 -32.83
C LYS C 103 6.91 -9.66 -31.92
N LEU C 104 5.61 -9.93 -31.85
CA LEU C 104 4.68 -9.20 -31.01
C LEU C 104 4.69 -9.73 -29.59
N ILE C 105 5.17 -8.94 -28.66
CA ILE C 105 5.29 -9.37 -27.27
C ILE C 105 4.07 -9.06 -26.37
N ALA C 106 3.24 -8.12 -26.79
CA ALA C 106 2.08 -7.68 -25.99
C ALA C 106 0.91 -7.27 -26.84
N TYR C 107 -0.25 -7.06 -26.21
CA TYR C 107 -1.42 -6.49 -26.87
C TYR C 107 -1.44 -5.00 -26.58
N PRO C 108 -1.66 -4.19 -27.61
CA PRO C 108 -1.76 -2.74 -27.36
C PRO C 108 -3.18 -2.32 -26.98
N ILE C 109 -3.35 -1.81 -25.77
CA ILE C 109 -4.68 -1.41 -25.34
C ILE C 109 -5.05 0.00 -25.81
N ALA C 110 -4.35 1.01 -25.31
CA ALA C 110 -4.70 2.39 -25.58
C ALA C 110 -3.48 3.29 -25.68
N VAL C 111 -3.65 4.42 -26.36
CA VAL C 111 -2.58 5.40 -26.50
C VAL C 111 -2.86 6.57 -25.60
N GLU C 112 -1.90 6.88 -24.73
CA GLU C 112 -2.09 7.93 -23.75
C GLU C 112 -1.01 8.99 -23.86
N ALA C 113 -1.41 10.26 -23.86
CA ALA C 113 -0.42 11.33 -23.88
C ALA C 113 -0.83 12.33 -22.81
N LEU C 114 0.17 12.90 -22.13
CA LEU C 114 -0.07 13.92 -21.10
C LEU C 114 -0.58 15.18 -21.80
N SER C 115 -1.53 15.88 -21.20
CA SER C 115 -2.06 17.12 -21.81
C SER C 115 -2.25 18.16 -20.74
N LEU C 116 -2.36 19.42 -21.14
CA LEU C 116 -2.56 20.46 -20.14
C LEU C 116 -4.03 20.58 -19.83
N ILE C 117 -4.34 20.44 -18.54
CA ILE C 117 -5.69 20.55 -18.02
C ILE C 117 -5.80 21.82 -17.19
N TYR C 118 -6.82 22.63 -17.49
CA TYR C 118 -7.01 23.94 -16.83
C TYR C 118 -8.41 24.14 -16.33
N ASN C 119 -8.54 25.04 -15.38
CA ASN C 119 -9.83 25.38 -14.79
C ASN C 119 -10.46 26.56 -15.52
N LYS C 120 -11.57 26.31 -16.23
CA LYS C 120 -12.19 27.31 -17.09
C LYS C 120 -12.69 28.53 -16.32
N ASP C 121 -13.17 28.29 -15.11
CA ASP C 121 -13.66 29.33 -14.23
C ASP C 121 -12.52 30.23 -13.74
N LEU C 122 -11.40 29.62 -13.37
CA LEU C 122 -10.25 30.37 -12.91
C LEU C 122 -9.62 31.12 -14.09
N LEU C 123 -9.43 30.40 -15.20
CA LEU C 123 -8.90 31.01 -16.41
C LEU C 123 -9.80 30.82 -17.63
N PRO C 124 -10.30 31.93 -18.18
CA PRO C 124 -11.14 31.90 -19.38
C PRO C 124 -10.35 31.19 -20.48
N ASN C 125 -9.08 31.56 -20.62
CA ASN C 125 -8.16 30.97 -21.60
C ASN C 125 -6.76 30.61 -21.11
N PRO C 126 -6.32 29.37 -21.43
CA PRO C 126 -5.04 28.76 -21.06
C PRO C 126 -3.84 29.38 -21.81
N PRO C 127 -2.69 29.43 -21.14
CA PRO C 127 -1.46 29.99 -21.72
C PRO C 127 -0.96 29.20 -22.92
N LYS C 128 -0.59 29.88 -24.00
CA LYS C 128 -0.01 29.21 -25.16
C LYS C 128 1.45 28.89 -24.89
N THR C 129 2.07 29.64 -23.98
CA THR C 129 3.50 29.45 -23.73
C THR C 129 3.80 29.18 -22.26
N TRP C 130 4.87 28.42 -22.03
CA TRP C 130 5.36 28.11 -20.70
C TRP C 130 5.86 29.38 -20.02
N GLU C 131 6.40 30.29 -20.82
CA GLU C 131 7.00 31.51 -20.30
C GLU C 131 5.96 32.43 -19.67
N GLU C 132 4.69 32.22 -20.02
CA GLU C 132 3.59 33.04 -19.50
C GLU C 132 3.23 32.77 -18.03
N ILE C 133 3.55 31.55 -17.59
CA ILE C 133 3.15 31.03 -16.28
C ILE C 133 3.72 31.75 -15.05
N PRO C 134 5.01 32.13 -15.06
CA PRO C 134 5.48 32.84 -13.87
C PRO C 134 4.67 34.11 -13.62
N ALA C 135 4.38 34.83 -14.69
CA ALA C 135 3.59 36.05 -14.59
C ALA C 135 2.19 35.69 -14.13
N LEU C 136 1.70 34.53 -14.57
CA LEU C 136 0.37 34.09 -14.20
C LEU C 136 0.31 33.78 -12.72
N ASP C 137 1.41 33.25 -12.19
CA ASP C 137 1.46 32.85 -10.79
C ASP C 137 1.41 34.03 -9.83
N LYS C 138 2.15 35.11 -10.12
CA LYS C 138 2.13 36.28 -9.25
C LYS C 138 0.74 36.87 -9.20
N GLU C 139 0.06 36.83 -10.34
CA GLU C 139 -1.29 37.34 -10.43
C GLU C 139 -2.27 36.46 -9.69
N LEU C 140 -2.17 35.16 -9.87
CA LEU C 140 -3.08 34.25 -9.20
C LEU C 140 -2.81 34.16 -7.69
N LYS C 141 -1.55 34.29 -7.30
CA LYS C 141 -1.16 34.15 -5.90
C LYS C 141 -1.91 35.15 -5.00
N ALA C 142 -2.15 36.34 -5.53
CA ALA C 142 -2.90 37.35 -4.81
C ALA C 142 -4.33 36.87 -4.55
N LYS C 143 -4.85 36.10 -5.49
CA LYS C 143 -6.21 35.56 -5.41
C LYS C 143 -6.28 34.37 -4.45
N GLY C 144 -5.13 33.91 -3.98
CA GLY C 144 -5.06 32.75 -3.12
C GLY C 144 -4.98 31.45 -3.91
N LYS C 145 -4.63 31.57 -5.18
CA LYS C 145 -4.56 30.44 -6.08
C LYS C 145 -3.17 30.28 -6.71
N SER C 146 -2.93 29.09 -7.27
CA SER C 146 -1.65 28.74 -7.88
C SER C 146 -1.87 28.56 -9.37
N ALA C 147 -0.93 28.99 -10.20
CA ALA C 147 -1.13 28.89 -11.62
C ALA C 147 -1.07 27.42 -12.07
N LEU C 148 -0.02 26.73 -11.64
CA LEU C 148 0.25 25.37 -12.09
C LEU C 148 0.81 24.46 -11.02
N MET C 149 0.26 23.25 -11.00
CA MET C 149 0.72 22.18 -10.14
C MET C 149 0.67 20.87 -10.92
N PHE C 150 1.79 20.16 -10.96
CA PHE C 150 1.84 18.83 -11.55
C PHE C 150 2.95 18.04 -10.89
N ASN C 151 2.97 16.75 -11.15
CA ASN C 151 3.92 15.86 -10.51
C ASN C 151 5.39 16.07 -10.91
N LEU C 152 6.23 16.37 -9.92
CA LEU C 152 7.65 16.56 -10.16
C LEU C 152 8.47 15.33 -9.71
N GLN C 153 7.81 14.38 -9.07
CA GLN C 153 8.43 13.14 -8.60
C GLN C 153 8.71 12.11 -9.71
N GLU C 154 7.95 12.17 -10.79
CA GLU C 154 8.18 11.28 -11.92
C GLU C 154 8.70 12.12 -13.08
N PRO C 155 9.72 11.60 -13.75
CA PRO C 155 10.34 12.31 -14.88
C PRO C 155 9.37 12.42 -16.06
N TYR C 156 8.41 11.50 -16.12
CA TYR C 156 7.44 11.43 -17.21
C TYR C 156 6.65 12.73 -17.39
N PHE C 157 6.29 13.38 -16.29
CA PHE C 157 5.56 14.64 -16.36
C PHE C 157 6.44 15.86 -16.74
N THR C 158 7.69 15.86 -16.26
CA THR C 158 8.66 16.93 -16.50
C THR C 158 9.31 16.84 -17.90
N TRP C 159 9.37 15.61 -18.42
CA TRP C 159 10.01 15.36 -19.70
C TRP C 159 9.45 16.15 -20.92
N PRO C 160 8.12 16.37 -20.99
CA PRO C 160 7.61 17.15 -22.11
C PRO C 160 8.25 18.55 -22.22
N LEU C 161 8.58 19.12 -21.07
CA LEU C 161 9.26 20.42 -21.03
C LEU C 161 10.73 20.28 -21.41
N ILE C 162 11.38 19.24 -20.90
CA ILE C 162 12.78 18.96 -21.19
C ILE C 162 12.96 18.67 -22.67
N ALA C 163 12.06 17.86 -23.21
CA ALA C 163 12.12 17.43 -24.61
C ALA C 163 11.75 18.52 -25.61
N ALA C 164 11.12 19.58 -25.14
CA ALA C 164 10.58 20.59 -26.03
C ALA C 164 11.63 21.29 -26.90
N ASP C 165 12.76 21.65 -26.30
CA ASP C 165 13.79 22.38 -27.06
C ASP C 165 14.89 21.51 -27.66
N GLY C 166 14.67 20.20 -27.73
CA GLY C 166 15.62 19.31 -28.37
C GLY C 166 16.35 18.36 -27.43
N GLY C 167 15.88 18.26 -26.20
CA GLY C 167 16.38 17.22 -25.31
C GLY C 167 15.79 15.93 -25.82
N TYR C 168 16.55 14.85 -25.83
CA TYR C 168 15.99 13.60 -26.33
C TYR C 168 16.55 12.38 -25.58
N ALA C 169 15.79 11.29 -25.53
CA ALA C 169 16.27 10.09 -24.86
C ALA C 169 17.28 9.31 -25.71
N PHE C 170 16.85 8.81 -26.86
CA PHE C 170 17.75 8.04 -27.73
C PHE C 170 17.55 8.38 -29.20
N LYS C 171 18.65 8.52 -29.92
CA LYS C 171 18.61 8.85 -31.35
C LYS C 171 18.22 7.63 -32.18
N TYR C 172 17.31 7.81 -33.12
CA TYR C 172 16.88 6.71 -33.97
C TYR C 172 17.47 6.77 -35.40
N GLU C 173 18.59 6.08 -35.61
CA GLU C 173 19.25 6.03 -36.92
C GLU C 173 19.48 4.60 -37.41
N ASN C 174 19.30 4.40 -38.71
CA ASN C 174 19.50 3.11 -39.38
C ASN C 174 18.50 2.04 -38.93
N GLY C 175 17.32 2.49 -38.50
CA GLY C 175 16.28 1.58 -38.03
C GLY C 175 16.65 0.92 -36.70
N LYS C 176 17.55 1.58 -35.97
CA LYS C 176 18.03 1.10 -34.69
C LYS C 176 18.16 2.23 -33.69
N TYR C 177 17.90 1.95 -32.43
CA TYR C 177 18.10 2.95 -31.38
C TYR C 177 19.56 2.94 -30.97
N ASP C 178 20.14 4.13 -30.96
CA ASP C 178 21.55 4.28 -30.65
C ASP C 178 21.72 4.51 -29.16
N ILE C 179 22.16 3.45 -28.50
CA ILE C 179 22.37 3.45 -27.06
C ILE C 179 23.51 4.37 -26.64
N LYS C 180 24.48 4.57 -27.55
CA LYS C 180 25.61 5.46 -27.30
C LYS C 180 25.19 6.93 -27.26
N ASP C 181 24.15 7.26 -28.04
CA ASP C 181 23.70 8.65 -28.21
C ASP C 181 22.52 8.99 -27.34
N VAL C 182 22.79 9.65 -26.22
CA VAL C 182 21.74 10.09 -25.30
C VAL C 182 21.77 11.61 -25.36
N GLY C 183 20.60 12.25 -25.42
CA GLY C 183 20.53 13.68 -25.61
C GLY C 183 19.99 14.44 -24.42
N VAL C 184 20.24 13.89 -23.23
CA VAL C 184 19.78 14.51 -21.99
C VAL C 184 20.70 15.67 -21.58
N ASP C 185 21.92 15.67 -22.10
CA ASP C 185 22.92 16.68 -21.73
C ASP C 185 22.84 17.85 -22.69
N ASN C 186 21.96 17.76 -23.70
CA ASN C 186 21.85 18.76 -24.76
C ASN C 186 21.52 20.16 -24.30
N ALA C 187 21.74 21.14 -25.17
CA ALA C 187 21.50 22.54 -24.83
C ALA C 187 20.02 22.77 -24.58
N GLY C 188 19.20 22.16 -25.43
CA GLY C 188 17.76 22.22 -25.33
C GLY C 188 17.19 21.63 -24.05
N ALA C 189 17.73 20.47 -23.67
CA ALA C 189 17.33 19.77 -22.44
C ALA C 189 17.71 20.58 -21.22
N LYS C 190 18.88 21.21 -21.26
CA LYS C 190 19.31 22.05 -20.16
C LYS C 190 18.36 23.25 -19.99
N ALA C 191 17.90 23.81 -21.11
CA ALA C 191 16.99 24.96 -21.09
C ALA C 191 15.64 24.66 -20.47
N GLY C 192 15.08 23.51 -20.82
CA GLY C 192 13.79 23.12 -20.31
C GLY C 192 13.84 22.96 -18.80
N LEU C 193 14.77 22.14 -18.33
CA LEU C 193 14.86 21.88 -16.89
C LEU C 193 15.21 23.15 -16.11
N THR C 194 16.08 24.00 -16.67
CA THR C 194 16.45 25.25 -16.00
C THR C 194 15.21 26.11 -15.80
N PHE C 195 14.38 26.14 -16.83
CA PHE C 195 13.14 26.88 -16.74
C PHE C 195 12.24 26.28 -15.65
N LEU C 196 12.23 24.96 -15.57
CA LEU C 196 11.45 24.25 -14.56
C LEU C 196 11.92 24.53 -13.15
N VAL C 197 13.23 24.49 -12.95
CA VAL C 197 13.83 24.78 -11.66
C VAL C 197 13.63 26.25 -11.32
N ASP C 198 13.62 27.10 -12.33
CA ASP C 198 13.38 28.50 -12.11
C ASP C 198 11.98 28.74 -11.56
N LEU C 199 11.04 27.86 -11.90
CA LEU C 199 9.69 27.93 -11.32
C LEU C 199 9.74 27.52 -9.86
N ILE C 200 10.65 26.61 -9.53
CA ILE C 200 10.77 26.11 -8.17
C ILE C 200 11.59 27.06 -7.32
N LYS C 201 12.64 27.58 -7.92
CA LYS C 201 13.53 28.53 -7.26
C LYS C 201 12.76 29.80 -6.93
N ASN C 202 11.86 30.20 -7.83
CA ASN C 202 11.08 31.42 -7.66
C ASN C 202 9.77 31.22 -6.87
N LYS C 203 9.58 30.02 -6.35
CA LYS C 203 8.43 29.72 -5.48
C LYS C 203 7.12 29.65 -6.26
N HIS C 204 7.19 29.66 -7.59
CA HIS C 204 6.00 29.48 -8.42
C HIS C 204 5.43 28.07 -8.24
N MET C 205 6.33 27.12 -7.96
CA MET C 205 6.01 25.70 -7.74
C MET C 205 6.77 25.10 -6.53
N ASN C 206 6.27 23.97 -6.03
CA ASN C 206 6.91 23.32 -4.88
C ASN C 206 7.58 22.01 -5.28
N ALA C 207 8.84 21.84 -4.89
CA ALA C 207 9.64 20.67 -5.23
C ALA C 207 9.06 19.39 -4.62
N ASP C 208 8.38 19.51 -3.49
CA ASP C 208 7.87 18.35 -2.77
C ASP C 208 6.57 17.75 -3.33
N THR C 209 6.04 18.35 -4.38
CA THR C 209 4.77 17.94 -5.03
C THR C 209 4.78 16.56 -5.73
N ASP C 210 3.79 15.73 -5.40
CA ASP C 210 3.65 14.42 -6.03
C ASP C 210 2.32 14.33 -6.77
N TYR C 211 2.04 13.16 -7.35
CA TYR C 211 0.80 12.99 -8.10
C TYR C 211 -0.38 13.23 -7.20
N SER C 212 -0.31 12.75 -5.96
CA SER C 212 -1.43 12.86 -5.01
C SER C 212 -1.78 14.30 -4.65
N ILE C 213 -0.78 15.12 -4.34
CA ILE C 213 -1.04 16.51 -3.96
C ILE C 213 -1.51 17.39 -5.12
N ALA C 214 -0.89 17.23 -6.29
CA ALA C 214 -1.21 18.03 -7.48
C ALA C 214 -2.64 17.74 -7.92
N GLU C 215 -3.06 16.47 -7.84
CA GLU C 215 -4.42 16.09 -8.17
C GLU C 215 -5.39 16.74 -7.20
N ALA C 216 -5.10 16.61 -5.91
CA ALA C 216 -5.98 17.17 -4.88
C ALA C 216 -6.06 18.69 -5.01
N ALA C 217 -4.93 19.31 -5.32
CA ALA C 217 -4.87 20.75 -5.45
C ALA C 217 -5.74 21.20 -6.62
N PHE C 218 -5.65 20.48 -7.73
CA PHE C 218 -6.47 20.88 -8.87
C PHE C 218 -7.95 20.63 -8.69
N ASN C 219 -8.30 19.43 -8.24
CA ASN C 219 -9.67 18.99 -8.10
C ASN C 219 -10.45 19.78 -7.04
N LYS C 220 -9.74 20.32 -6.06
CA LYS C 220 -10.35 21.16 -5.04
C LYS C 220 -10.47 22.61 -5.50
N GLY C 221 -9.85 22.89 -6.65
CA GLY C 221 -9.87 24.21 -7.25
C GLY C 221 -8.80 25.15 -6.69
N GLU C 222 -7.89 24.59 -5.91
CA GLU C 222 -6.80 25.39 -5.35
C GLU C 222 -5.78 25.86 -6.41
N THR C 223 -5.55 25.03 -7.43
CA THR C 223 -4.61 25.38 -8.50
C THR C 223 -5.36 25.50 -9.84
N ALA C 224 -4.84 26.37 -10.70
CA ALA C 224 -5.46 26.68 -11.99
C ALA C 224 -5.22 25.65 -13.07
N MET C 225 -4.02 25.09 -13.08
CA MET C 225 -3.65 24.16 -14.13
C MET C 225 -3.02 22.91 -13.58
N THR C 226 -3.01 21.87 -14.41
CA THR C 226 -2.32 20.65 -14.06
C THR C 226 -1.94 19.92 -15.34
N ILE C 227 -0.93 19.05 -15.24
CA ILE C 227 -0.53 18.24 -16.38
C ILE C 227 -0.76 16.78 -16.09
N ASN C 228 -1.60 16.13 -16.89
CA ASN C 228 -1.93 14.72 -16.65
C ASN C 228 -2.41 13.96 -17.87
N GLY C 229 -2.47 12.63 -17.72
CA GLY C 229 -2.93 11.78 -18.79
C GLY C 229 -4.42 11.59 -18.69
N PRO C 230 -5.00 10.89 -19.66
CA PRO C 230 -6.45 10.67 -19.75
C PRO C 230 -7.11 10.02 -18.55
N TRP C 231 -6.40 9.20 -17.79
CA TRP C 231 -6.97 8.47 -16.66
C TRP C 231 -7.45 9.40 -15.56
N ALA C 232 -6.88 10.60 -15.51
CA ALA C 232 -7.16 11.55 -14.45
C ALA C 232 -8.52 12.25 -14.57
N TRP C 233 -9.15 12.18 -15.74
CA TRP C 233 -10.38 12.91 -16.03
C TRP C 233 -11.56 12.51 -15.18
N SER C 234 -11.68 11.22 -14.89
CA SER C 234 -12.84 10.68 -14.18
C SER C 234 -12.95 11.25 -12.76
N ASN C 235 -11.83 11.38 -12.07
CA ASN C 235 -11.80 11.95 -10.73
C ASN C 235 -12.17 13.44 -10.75
N ILE C 236 -11.75 14.13 -11.81
CA ILE C 236 -12.05 15.54 -12.00
C ILE C 236 -13.53 15.69 -12.25
N ASP C 237 -14.08 14.72 -12.94
CA ASP C 237 -15.47 14.70 -13.29
C ASP C 237 -16.36 14.73 -12.05
N THR C 238 -15.93 14.00 -11.04
CA THR C 238 -16.61 13.97 -9.75
C THR C 238 -16.58 15.31 -9.03
N SER C 239 -15.46 16.04 -9.15
CA SER C 239 -15.25 17.33 -8.48
C SER C 239 -16.08 18.46 -9.06
N LYS C 240 -16.17 19.56 -8.32
CA LYS C 240 -16.97 20.69 -8.75
C LYS C 240 -16.36 21.47 -9.94
N VAL C 241 -15.08 21.27 -10.22
CA VAL C 241 -14.34 22.03 -11.24
C VAL C 241 -14.85 21.91 -12.67
N ASN C 242 -15.00 23.04 -13.36
CA ASN C 242 -15.28 23.05 -14.79
C ASN C 242 -13.97 23.14 -15.53
N TYR C 243 -13.64 22.07 -16.24
CA TYR C 243 -12.29 21.97 -16.79
C TYR C 243 -12.31 21.78 -18.28
N GLY C 244 -11.21 22.13 -18.92
CA GLY C 244 -11.01 21.90 -20.34
C GLY C 244 -9.65 21.29 -20.54
N VAL C 245 -9.55 20.37 -21.50
CA VAL C 245 -8.27 19.75 -21.81
C VAL C 245 -7.73 20.25 -23.14
N THR C 246 -6.53 20.82 -23.13
CA THR C 246 -6.00 21.42 -24.35
C THR C 246 -4.52 21.10 -24.64
N VAL C 247 -4.04 21.55 -25.79
CA VAL C 247 -2.65 21.32 -26.19
C VAL C 247 -1.68 22.01 -25.23
N LEU C 248 -0.53 21.37 -25.03
CA LEU C 248 0.52 21.81 -24.10
C LEU C 248 1.20 23.12 -24.49
N PRO C 249 1.63 23.90 -23.47
CA PRO C 249 2.31 25.18 -23.68
C PRO C 249 3.61 25.04 -24.45
N THR C 250 3.91 25.93 -25.39
CA THR C 250 5.19 25.85 -26.09
C THR C 250 6.32 26.45 -25.28
N PHE C 251 7.52 25.91 -25.43
CA PHE C 251 8.68 26.47 -24.75
C PHE C 251 9.73 26.85 -25.79
N LYS C 252 10.16 28.10 -25.73
CA LYS C 252 11.10 28.66 -26.69
C LYS C 252 10.50 28.56 -28.08
N GLY C 253 9.18 28.66 -28.15
CA GLY C 253 8.47 28.60 -29.42
C GLY C 253 8.39 27.20 -29.97
N GLN C 254 8.73 26.23 -29.13
CA GLN C 254 8.71 24.85 -29.56
C GLN C 254 7.64 24.13 -28.79
N PRO C 255 6.90 23.26 -29.48
CA PRO C 255 5.80 22.54 -28.83
C PRO C 255 6.34 21.59 -27.76
N SER C 256 5.69 21.51 -26.61
CA SER C 256 6.06 20.53 -25.61
C SER C 256 5.90 19.14 -26.23
N LYS C 257 6.86 18.26 -26.02
CA LYS C 257 6.84 16.95 -26.65
C LYS C 257 6.73 15.83 -25.61
N PRO C 258 5.48 15.50 -25.23
CA PRO C 258 5.27 14.46 -24.22
C PRO C 258 5.65 13.11 -24.78
N PHE C 259 6.25 12.27 -23.95
CA PHE C 259 6.54 10.89 -24.31
C PHE C 259 5.22 10.17 -24.42
N VAL C 260 4.98 9.52 -25.54
CA VAL C 260 3.71 8.84 -25.74
C VAL C 260 3.85 7.41 -25.34
N GLY C 261 2.91 6.91 -24.55
CA GLY C 261 2.94 5.54 -24.10
C GLY C 261 1.73 4.76 -24.55
N VAL C 262 1.95 3.55 -25.04
CA VAL C 262 0.84 2.67 -25.35
C VAL C 262 0.60 1.67 -24.22
N LEU C 263 -0.56 1.76 -23.59
CA LEU C 263 -0.93 0.82 -22.54
C LEU C 263 -0.97 -0.58 -23.14
N SER C 264 -0.28 -1.52 -22.50
CA SER C 264 -0.16 -2.83 -23.08
C SER C 264 -0.48 -3.94 -22.09
N ALA C 265 -0.84 -5.08 -22.67
CA ALA C 265 -1.14 -6.28 -21.91
C ALA C 265 -0.18 -7.38 -22.30
N GLY C 266 0.63 -7.82 -21.32
CA GLY C 266 1.63 -8.84 -21.56
C GLY C 266 1.35 -10.17 -20.88
N ILE C 267 1.43 -11.25 -21.65
CA ILE C 267 1.23 -12.58 -21.11
C ILE C 267 2.56 -13.11 -20.58
N ASN C 268 2.53 -13.71 -19.39
CA ASN C 268 3.73 -14.26 -18.74
C ASN C 268 4.20 -15.56 -19.40
N ALA C 269 5.49 -15.69 -19.63
CA ALA C 269 6.03 -16.91 -20.20
C ALA C 269 5.94 -18.03 -19.18
N ALA C 270 5.94 -17.65 -17.91
CA ALA C 270 5.83 -18.63 -16.85
C ALA C 270 4.40 -19.11 -16.63
N SER C 271 3.42 -18.35 -17.11
CA SER C 271 2.00 -18.69 -16.87
C SER C 271 1.57 -19.92 -17.67
N PRO C 272 0.86 -20.85 -17.02
CA PRO C 272 0.27 -22.04 -17.64
C PRO C 272 -0.98 -21.69 -18.45
N ASN C 273 -1.48 -20.47 -18.26
CA ASN C 273 -2.74 -20.03 -18.83
C ASN C 273 -2.61 -19.16 -20.06
N LYS C 274 -1.65 -19.44 -20.93
CA LYS C 274 -1.44 -18.61 -22.10
C LYS C 274 -2.67 -18.60 -23.02
N GLU C 275 -3.39 -19.71 -23.12
CA GLU C 275 -4.62 -19.77 -23.93
C GLU C 275 -5.76 -18.97 -23.33
N LEU C 276 -5.85 -19.03 -22.02
CA LEU C 276 -6.85 -18.28 -21.30
C LEU C 276 -6.59 -16.80 -21.45
N ALA C 277 -5.33 -16.41 -21.39
CA ALA C 277 -4.93 -15.03 -21.51
C ALA C 277 -5.29 -14.47 -22.88
N LYS C 278 -4.97 -15.20 -23.93
CA LYS C 278 -5.28 -14.73 -25.27
C LYS C 278 -6.78 -14.59 -25.48
N GLU C 279 -7.54 -15.58 -25.05
CA GLU C 279 -9.00 -15.55 -25.21
C GLU C 279 -9.60 -14.36 -24.46
N PHE C 280 -9.13 -14.09 -23.25
CA PHE C 280 -9.63 -12.94 -22.47
C PHE C 280 -9.34 -11.64 -23.16
N LEU C 281 -8.08 -11.46 -23.57
CA LEU C 281 -7.66 -10.21 -24.20
C LEU C 281 -8.31 -10.00 -25.56
N GLU C 282 -8.30 -11.00 -26.45
CA GLU C 282 -8.86 -10.83 -27.80
C GLU C 282 -10.39 -10.77 -27.81
N ASN C 283 -11.05 -11.81 -27.31
CA ASN C 283 -12.52 -11.90 -27.32
C ASN C 283 -13.24 -10.97 -26.35
N TYR C 284 -12.67 -10.74 -25.17
CA TYR C 284 -13.36 -9.94 -24.16
C TYR C 284 -12.79 -8.53 -23.93
N LEU C 285 -11.51 -8.41 -23.62
CA LEU C 285 -10.98 -7.10 -23.28
C LEU C 285 -10.93 -6.18 -24.49
N LEU C 286 -10.40 -6.65 -25.61
CA LEU C 286 -10.29 -5.83 -26.80
C LEU C 286 -11.55 -5.89 -27.64
N THR C 287 -12.61 -5.37 -27.07
CA THR C 287 -13.86 -5.24 -27.78
C THR C 287 -14.51 -3.94 -27.31
N ASP C 288 -15.55 -3.51 -28.02
CA ASP C 288 -16.23 -2.26 -27.70
C ASP C 288 -16.84 -2.26 -26.30
N GLU C 289 -17.56 -3.33 -26.00
CA GLU C 289 -18.23 -3.48 -24.73
C GLU C 289 -17.21 -3.57 -23.62
N GLY C 290 -16.13 -4.28 -23.88
CA GLY C 290 -15.07 -4.49 -22.92
C GLY C 290 -14.24 -3.25 -22.65
N LEU C 291 -13.81 -2.57 -23.70
CA LEU C 291 -13.00 -1.35 -23.53
C LEU C 291 -13.81 -0.23 -22.86
N GLU C 292 -15.12 -0.19 -23.15
CA GLU C 292 -16.00 0.79 -22.56
C GLU C 292 -16.09 0.59 -21.06
N ALA C 293 -16.09 -0.68 -20.66
CA ALA C 293 -16.22 -1.01 -19.26
C ALA C 293 -15.06 -0.48 -18.45
N VAL C 294 -13.86 -0.59 -19.01
CA VAL C 294 -12.67 -0.05 -18.38
C VAL C 294 -12.71 1.46 -18.45
N ASN C 295 -13.13 1.96 -19.60
CA ASN C 295 -13.15 3.39 -19.84
C ASN C 295 -14.04 4.18 -18.87
N LYS C 296 -15.20 3.64 -18.54
CA LYS C 296 -16.11 4.31 -17.62
C LYS C 296 -15.47 4.49 -16.25
N ASP C 297 -14.73 3.49 -15.79
CA ASP C 297 -14.09 3.59 -14.50
C ASP C 297 -12.99 4.66 -14.57
N LYS C 298 -12.07 4.48 -15.50
CA LYS C 298 -11.04 5.47 -15.83
C LYS C 298 -10.82 5.56 -17.34
N PRO C 299 -10.77 6.79 -17.92
CA PRO C 299 -10.65 6.97 -19.37
C PRO C 299 -9.32 6.46 -19.86
N LEU C 300 -9.36 5.60 -20.88
CA LEU C 300 -8.13 5.02 -21.42
C LEU C 300 -7.42 6.02 -22.32
N GLY C 301 -8.16 7.02 -22.79
CA GLY C 301 -7.67 7.93 -23.80
C GLY C 301 -8.03 7.47 -25.21
N ALA C 302 -7.13 7.64 -26.18
CA ALA C 302 -7.42 7.16 -27.51
C ALA C 302 -7.09 5.69 -27.58
N VAL C 303 -8.07 4.87 -27.94
CA VAL C 303 -7.86 3.42 -27.90
C VAL C 303 -7.28 2.81 -29.16
N ALA C 304 -6.65 1.66 -29.02
CA ALA C 304 -6.08 0.96 -30.15
C ALA C 304 -7.15 0.31 -31.01
N LEU C 305 -8.27 -0.05 -30.40
CA LEU C 305 -9.35 -0.69 -31.16
C LEU C 305 -10.00 0.29 -32.14
N LYS C 306 -9.98 -0.01 -33.44
CA LYS C 306 -10.48 0.95 -34.44
C LYS C 306 -11.95 1.26 -34.29
N SER C 307 -12.78 0.24 -34.13
CA SER C 307 -14.22 0.42 -34.08
C SER C 307 -14.62 1.32 -32.91
N TYR C 308 -14.07 1.07 -31.73
CA TYR C 308 -14.38 1.88 -30.54
C TYR C 308 -13.74 3.27 -30.60
N GLU C 309 -12.66 3.43 -31.35
CA GLU C 309 -11.97 4.71 -31.42
C GLU C 309 -12.77 5.77 -32.12
N GLU C 310 -13.55 5.33 -33.10
CA GLU C 310 -14.37 6.23 -33.90
C GLU C 310 -15.34 7.01 -33.05
N GLU C 311 -15.90 6.33 -32.07
CA GLU C 311 -16.84 6.96 -31.15
C GLU C 311 -16.15 7.88 -30.12
N LEU C 312 -14.93 7.55 -29.72
CA LEU C 312 -14.21 8.38 -28.75
C LEU C 312 -13.60 9.61 -29.41
N ALA C 313 -13.30 9.49 -30.69
CA ALA C 313 -12.67 10.58 -31.42
C ALA C 313 -13.52 11.85 -31.46
N LYS C 314 -14.83 11.73 -31.25
CA LYS C 314 -15.72 12.87 -31.26
C LYS C 314 -15.49 13.73 -30.02
N ASP C 315 -14.88 13.14 -29.00
CA ASP C 315 -14.62 13.83 -27.74
C ASP C 315 -13.46 14.83 -27.83
N PRO C 316 -13.72 16.11 -27.49
CA PRO C 316 -12.72 17.18 -27.52
C PRO C 316 -11.53 16.93 -26.60
N ARG C 317 -11.71 16.23 -25.50
CA ARG C 317 -10.59 15.92 -24.61
C ARG C 317 -9.66 14.96 -25.34
N ILE C 318 -10.25 13.95 -25.96
CA ILE C 318 -9.49 12.98 -26.75
C ILE C 318 -8.89 13.66 -28.00
N ALA C 319 -9.59 14.62 -28.58
CA ALA C 319 -9.00 15.36 -29.70
C ALA C 319 -7.77 16.12 -29.21
N ALA C 320 -7.85 16.63 -27.99
CA ALA C 320 -6.71 17.28 -27.37
C ALA C 320 -5.60 16.31 -27.02
N THR C 321 -5.97 15.13 -26.56
CA THR C 321 -4.97 14.12 -26.21
C THR C 321 -4.22 13.72 -27.47
N MET C 322 -4.95 13.57 -28.56
CA MET C 322 -4.35 13.19 -29.81
C MET C 322 -3.42 14.27 -30.35
N GLU C 323 -3.76 15.53 -30.13
CA GLU C 323 -2.94 16.61 -30.64
C GLU C 323 -1.56 16.59 -29.99
N ASN C 324 -1.50 16.55 -28.66
CA ASN C 324 -0.24 16.44 -27.92
C ASN C 324 0.59 15.22 -28.21
N ALA C 325 -0.06 14.12 -28.55
CA ALA C 325 0.63 12.88 -28.89
C ALA C 325 1.39 13.04 -30.22
N GLN C 326 0.78 13.73 -31.17
CA GLN C 326 1.38 13.97 -32.47
C GLN C 326 2.59 14.88 -32.30
N LYS C 327 2.47 15.89 -31.45
CA LYS C 327 3.59 16.79 -31.16
C LYS C 327 4.73 16.12 -30.40
N GLY C 328 4.40 15.14 -29.56
CA GLY C 328 5.38 14.37 -28.82
C GLY C 328 5.86 13.18 -29.64
N GLU C 329 6.70 12.36 -29.02
CA GLU C 329 7.20 11.13 -29.64
C GLU C 329 6.84 9.89 -28.85
N ILE C 330 6.79 8.76 -29.55
CA ILE C 330 6.48 7.49 -28.90
C ILE C 330 7.68 6.91 -28.13
N MET C 331 7.44 6.34 -26.96
CA MET C 331 8.54 5.79 -26.18
C MET C 331 9.15 4.60 -26.86
N PRO C 332 10.46 4.48 -26.77
CA PRO C 332 11.15 3.28 -27.20
C PRO C 332 10.79 2.14 -26.27
N ASN C 333 10.70 0.92 -26.80
CA ASN C 333 10.47 -0.25 -25.96
C ASN C 333 11.81 -0.93 -25.65
N ILE C 334 12.95 -0.27 -25.88
CA ILE C 334 14.25 -0.92 -25.68
C ILE C 334 14.53 -1.15 -24.19
N PRO C 335 15.30 -2.21 -23.87
CA PRO C 335 15.59 -2.60 -22.49
C PRO C 335 16.25 -1.52 -21.66
N GLN C 336 17.01 -0.65 -22.31
CA GLN C 336 17.70 0.40 -21.59
C GLN C 336 16.75 1.45 -20.98
N MET C 337 15.51 1.47 -21.47
CA MET C 337 14.55 2.52 -21.12
C MET C 337 14.32 2.67 -19.62
N SER C 338 14.32 1.56 -18.88
CA SER C 338 14.18 1.63 -17.43
C SER C 338 15.33 2.42 -16.81
N ALA C 339 16.55 2.11 -17.25
CA ALA C 339 17.74 2.78 -16.73
C ALA C 339 17.71 4.25 -17.06
N PHE C 340 17.20 4.58 -18.24
CA PHE C 340 17.11 5.98 -18.65
C PHE C 340 16.14 6.74 -17.76
N TRP C 341 15.00 6.12 -17.46
CA TRP C 341 13.98 6.76 -16.65
C TRP C 341 14.48 6.96 -15.23
N TYR C 342 15.20 5.96 -14.71
CA TYR C 342 15.80 6.04 -13.37
C TYR C 342 16.86 7.14 -13.34
N ALA C 343 17.67 7.18 -14.39
CA ALA C 343 18.75 8.15 -14.49
C ALA C 343 18.20 9.57 -14.54
N VAL C 344 17.15 9.77 -15.33
CA VAL C 344 16.50 11.07 -15.45
C VAL C 344 15.74 11.41 -14.17
N ARG C 345 15.10 10.40 -13.58
CA ARG C 345 14.31 10.60 -12.37
C ARG C 345 15.17 11.24 -11.31
N THR C 346 16.36 10.68 -11.12
CA THR C 346 17.31 11.19 -10.14
C THR C 346 17.75 12.60 -10.48
N ALA C 347 17.92 12.87 -11.77
CA ALA C 347 18.35 14.18 -12.24
C ALA C 347 17.32 15.28 -11.94
N VAL C 348 16.05 15.01 -12.27
CA VAL C 348 14.98 15.99 -12.08
C VAL C 348 14.74 16.21 -10.61
N ILE C 349 14.74 15.14 -9.82
CA ILE C 349 14.53 15.28 -8.40
C ILE C 349 15.68 16.08 -7.74
N ASN C 350 16.90 15.83 -8.20
CA ASN C 350 18.07 16.55 -7.68
C ASN C 350 18.07 18.03 -8.07
N ALA C 351 17.68 18.34 -9.30
CA ALA C 351 17.58 19.72 -9.75
C ALA C 351 16.50 20.51 -9.03
N ALA C 352 15.35 19.86 -8.84
CA ALA C 352 14.19 20.47 -8.21
C ALA C 352 14.45 20.73 -6.72
N SER C 353 15.08 19.77 -6.05
CA SER C 353 15.40 19.90 -4.64
C SER C 353 16.49 20.92 -4.37
N GLY C 354 17.36 21.13 -5.37
CA GLY C 354 18.48 22.02 -5.22
C GLY C 354 19.75 21.28 -4.81
N ARG C 355 19.64 19.95 -4.68
CA ARG C 355 20.77 19.13 -4.28
C ARG C 355 21.91 19.26 -5.30
N GLN C 356 21.52 19.47 -6.56
CA GLN C 356 22.47 19.64 -7.65
C GLN C 356 22.04 20.75 -8.59
N THR C 357 22.97 21.24 -9.39
CA THR C 357 22.62 22.24 -10.37
C THR C 357 22.00 21.54 -11.57
N VAL C 358 21.29 22.29 -12.41
CA VAL C 358 20.67 21.70 -13.59
C VAL C 358 21.77 21.09 -14.44
N ASP C 359 22.85 21.83 -14.59
CA ASP C 359 23.98 21.44 -15.43
C ASP C 359 24.67 20.17 -14.96
N GLU C 360 24.91 20.10 -13.65
CA GLU C 360 25.58 18.95 -13.07
C GLU C 360 24.72 17.69 -13.07
N ALA C 361 23.45 17.85 -12.70
CA ALA C 361 22.51 16.73 -12.57
C ALA C 361 22.29 16.01 -13.88
N LEU C 362 22.10 16.77 -14.94
CA LEU C 362 21.92 16.20 -16.26
C LEU C 362 23.23 15.53 -16.69
N LYS C 363 24.37 16.06 -16.23
CA LYS C 363 25.67 15.51 -16.57
C LYS C 363 25.82 14.09 -16.01
N ASP C 364 25.28 13.86 -14.81
CA ASP C 364 25.34 12.53 -14.19
C ASP C 364 24.63 11.48 -15.03
N ALA C 365 23.50 11.85 -15.63
CA ALA C 365 22.69 10.93 -16.42
C ALA C 365 23.47 10.45 -17.64
N GLN C 366 24.04 11.38 -18.37
CA GLN C 366 24.70 11.08 -19.63
C GLN C 366 25.94 10.21 -19.48
N THR C 367 26.76 10.48 -18.47
CA THR C 367 28.03 9.77 -18.38
C THR C 367 28.07 8.63 -17.38
N HIS C 368 27.69 8.89 -16.14
CA HIS C 368 27.82 7.85 -15.13
C HIS C 368 26.92 6.65 -15.44
N ASN C 369 25.70 6.95 -15.86
CA ASN C 369 24.82 5.92 -16.37
C ASN C 369 25.37 5.46 -17.70
N PHE C 370 25.28 4.16 -17.95
CA PHE C 370 26.17 3.52 -18.89
C PHE C 370 25.83 3.60 -20.37
N ASP C 371 26.78 4.17 -21.12
CA ASP C 371 26.93 3.94 -22.55
C ASP C 371 27.47 2.52 -22.69
N ASP C 372 27.21 1.90 -23.83
CA ASP C 372 27.85 0.62 -24.16
C ASP C 372 27.65 -0.51 -23.10
N LYS C 373 26.40 -0.80 -22.74
CA LYS C 373 26.06 -1.87 -21.80
C LYS C 373 26.50 -3.27 -22.27
N GLU C 374 26.31 -3.54 -23.56
CA GLU C 374 26.67 -4.81 -24.18
C GLU C 374 28.06 -4.77 -24.84
N MET C 375 28.74 -3.64 -24.74
CA MET C 375 30.09 -3.47 -25.31
C MET C 375 31.05 -4.52 -24.81
N LEU C 376 30.76 -5.09 -23.64
CA LEU C 376 31.61 -6.14 -23.10
C LEU C 376 31.64 -7.31 -24.10
N LEU C 377 30.51 -7.59 -24.71
CA LEU C 377 30.47 -8.63 -25.72
C LEU C 377 30.70 -7.92 -27.06
N GLN C 378 31.88 -8.13 -27.66
CA GLN C 378 32.22 -7.44 -28.91
C GLN C 378 32.48 -8.33 -30.13
N GLU C 379 33.32 -9.35 -29.97
CA GLU C 379 33.79 -10.18 -31.07
C GLU C 379 32.90 -11.41 -31.23
N PHE C 380 31.89 -11.50 -30.36
CA PHE C 380 31.12 -12.74 -30.25
C PHE C 380 30.28 -12.95 -31.52
N PRO C 381 30.04 -14.21 -31.89
CA PRO C 381 29.21 -14.56 -33.04
C PRO C 381 27.79 -14.09 -32.84
N GLU C 382 27.12 -13.76 -33.93
CA GLU C 382 25.76 -13.28 -33.83
C GLU C 382 24.81 -14.32 -33.22
N GLN C 383 24.92 -15.58 -33.62
CA GLN C 383 23.97 -16.60 -33.15
C GLN C 383 24.02 -16.71 -31.63
N LEU C 384 25.25 -16.61 -31.10
CA LEU C 384 25.50 -16.60 -29.67
C LEU C 384 24.86 -15.37 -29.01
N THR C 385 25.00 -14.21 -29.64
CA THR C 385 24.51 -12.96 -29.04
C THR C 385 23.03 -13.06 -28.84
N ASN C 386 22.39 -13.70 -29.80
CA ASN C 386 20.95 -13.84 -29.77
C ASN C 386 20.56 -14.58 -28.51
N TYR C 387 21.21 -15.73 -28.29
CA TYR C 387 20.95 -16.54 -27.10
C TYR C 387 21.43 -15.80 -25.84
N LEU C 388 22.59 -15.15 -25.97
CA LEU C 388 23.34 -14.61 -24.84
C LEU C 388 22.59 -13.50 -24.09
N LEU C 389 21.78 -12.75 -24.85
CA LEU C 389 21.16 -11.53 -24.35
C LEU C 389 20.25 -11.80 -23.13
N LYS C 390 19.66 -13.00 -23.10
CA LYS C 390 18.64 -13.33 -22.12
C LYS C 390 19.18 -13.12 -20.70
N TYR C 391 20.46 -13.43 -20.54
CA TYR C 391 21.15 -13.33 -19.24
C TYR C 391 21.43 -11.90 -18.79
N ASP C 392 21.43 -11.72 -17.46
CA ASP C 392 21.67 -10.42 -16.84
C ASP C 392 23.13 -10.02 -16.92
N TYR C 393 23.40 -8.75 -16.64
CA TYR C 393 24.75 -8.20 -16.80
C TYR C 393 25.81 -8.87 -15.91
N ARG C 394 25.55 -9.01 -14.62
CA ARG C 394 26.52 -9.63 -13.75
C ARG C 394 26.75 -11.08 -14.16
N ASP C 395 25.66 -11.76 -14.53
CA ASP C 395 25.74 -13.14 -14.98
C ASP C 395 26.58 -13.21 -16.25
N LEU C 396 26.40 -12.23 -17.12
CA LEU C 396 27.13 -12.19 -18.37
C LEU C 396 28.63 -12.15 -18.11
N GLU C 397 29.04 -11.36 -17.13
CA GLU C 397 30.45 -11.22 -16.87
C GLU C 397 31.01 -12.61 -16.64
N ILE C 398 30.25 -13.44 -15.93
CA ILE C 398 30.68 -14.81 -15.61
C ILE C 398 30.78 -15.73 -16.84
N ILE C 399 29.78 -15.71 -17.70
CA ILE C 399 29.79 -16.58 -18.86
C ILE C 399 30.95 -16.22 -19.74
N LYS C 400 31.21 -14.93 -19.86
CA LYS C 400 32.30 -14.48 -20.71
C LYS C 400 33.62 -15.03 -20.19
N ALA C 401 33.81 -14.99 -18.88
CA ALA C 401 35.04 -15.52 -18.29
C ALA C 401 35.17 -17.02 -18.51
N VAL C 402 34.07 -17.74 -18.32
CA VAL C 402 34.06 -19.18 -18.53
C VAL C 402 34.34 -19.54 -19.97
N ILE C 403 33.71 -18.83 -20.91
CA ILE C 403 33.94 -19.13 -22.31
C ILE C 403 35.38 -18.83 -22.67
N LEU C 404 35.84 -17.68 -22.20
CA LEU C 404 37.19 -17.21 -22.50
C LEU C 404 38.26 -18.13 -21.94
N LYS C 405 38.09 -18.59 -20.71
CA LYS C 405 39.10 -19.44 -20.11
C LYS C 405 39.21 -20.77 -20.87
N ALA C 406 38.09 -21.39 -21.23
CA ALA C 406 38.06 -22.66 -21.97
C ALA C 406 38.65 -22.55 -23.37
N LYS C 407 38.36 -21.46 -24.07
CA LYS C 407 38.92 -21.31 -25.39
C LYS C 407 40.41 -21.32 -25.24
N LYS C 408 40.90 -20.63 -24.21
CA LYS C 408 42.33 -20.56 -23.91
C LYS C 408 42.86 -21.95 -23.55
N SER C 409 42.12 -22.66 -22.69
CA SER C 409 42.54 -23.99 -22.23
C SER C 409 42.59 -24.94 -23.39
N PHE C 410 41.52 -24.97 -24.18
CA PHE C 410 41.45 -25.88 -25.32
C PHE C 410 42.54 -25.49 -26.31
N ASN C 411 42.70 -24.20 -26.51
CA ASN C 411 43.61 -23.67 -27.50
C ASN C 411 45.02 -24.10 -27.16
N SER C 412 45.39 -23.92 -25.89
CA SER C 412 46.67 -24.35 -25.36
C SER C 412 46.83 -25.86 -25.33
N ARG C 413 45.77 -26.55 -24.93
CA ARG C 413 45.86 -27.99 -24.71
C ARG C 413 46.19 -28.65 -26.03
N HIS C 414 45.57 -28.17 -27.10
CA HIS C 414 45.87 -28.64 -28.43
C HIS C 414 46.37 -27.50 -29.27
N GLU C 415 47.46 -27.76 -29.97
CA GLU C 415 48.23 -26.77 -30.73
C GLU C 415 47.70 -26.58 -32.14
N ASP C 416 46.61 -27.26 -32.46
CA ASP C 416 45.99 -27.13 -33.77
C ASP C 416 45.52 -25.70 -33.79
N MET C 417 45.31 -25.14 -34.99
CA MET C 417 45.25 -23.70 -35.15
C MET C 417 44.24 -23.14 -34.18
N HIS C 418 44.65 -22.08 -33.49
CA HIS C 418 43.88 -21.66 -32.34
C HIS C 418 42.47 -21.46 -32.81
N TYR C 419 41.51 -21.96 -32.04
CA TYR C 419 40.13 -21.87 -32.47
C TYR C 419 39.47 -20.65 -31.85
N MET C 420 39.21 -19.67 -32.69
CA MET C 420 38.54 -18.46 -32.27
C MET C 420 37.06 -18.75 -32.13
N LEU C 421 36.33 -17.83 -31.50
CA LEU C 421 34.97 -18.05 -31.07
C LEU C 421 34.02 -18.40 -32.20
N GLU C 422 34.22 -17.81 -33.37
CA GLU C 422 33.30 -17.99 -34.47
C GLU C 422 33.22 -19.47 -34.83
N ASP C 423 34.36 -20.12 -34.78
CA ASP C 423 34.48 -21.55 -35.04
C ASP C 423 33.79 -22.44 -34.00
N ILE C 424 33.89 -22.05 -32.72
CA ILE C 424 33.45 -22.86 -31.57
C ILE C 424 32.04 -22.57 -31.06
N GLU C 425 31.33 -21.70 -31.78
CA GLU C 425 30.02 -21.19 -31.33
C GLU C 425 28.94 -22.26 -31.15
N ASP C 426 28.88 -23.23 -32.04
CA ASP C 426 27.88 -24.28 -31.94
C ASP C 426 28.06 -25.17 -30.68
N GLU C 427 29.32 -25.47 -30.33
CA GLU C 427 29.66 -26.27 -29.15
C GLU C 427 29.20 -25.54 -27.89
N ILE C 428 29.38 -24.23 -27.95
CA ILE C 428 29.05 -23.32 -26.87
C ILE C 428 27.55 -23.35 -26.62
N LEU C 429 26.78 -23.40 -27.70
CA LEU C 429 25.33 -23.30 -27.57
C LEU C 429 24.75 -24.48 -26.83
N THR C 430 25.07 -25.69 -27.30
CA THR C 430 24.51 -26.93 -26.71
C THR C 430 24.93 -27.03 -25.25
N SER C 431 26.18 -26.65 -24.99
CA SER C 431 26.71 -26.63 -23.64
C SER C 431 25.94 -25.64 -22.73
N LEU C 432 25.60 -24.45 -23.25
CA LEU C 432 24.79 -23.49 -22.48
C LEU C 432 23.38 -24.00 -22.22
N LYS C 433 22.80 -24.62 -23.25
CA LYS C 433 21.47 -25.21 -23.14
C LYS C 433 21.54 -26.30 -22.09
N ARG C 434 22.66 -27.02 -22.07
CA ARG C 434 22.84 -28.09 -21.12
C ARG C 434 22.79 -27.49 -19.73
N LEU C 435 23.40 -26.32 -19.58
CA LEU C 435 23.45 -25.70 -18.28
C LEU C 435 22.07 -25.38 -17.76
N LYS C 436 21.22 -24.86 -18.66
CA LYS C 436 19.88 -24.44 -18.26
C LYS C 436 19.12 -25.63 -17.75
N LYS C 437 19.25 -26.73 -18.47
CA LYS C 437 18.58 -27.96 -18.10
C LYS C 437 19.11 -28.35 -16.74
N ALA C 438 20.43 -28.22 -16.56
CA ALA C 438 21.06 -28.62 -15.32
C ALA C 438 20.48 -27.77 -14.19
N ILE C 439 20.35 -26.47 -14.44
CA ILE C 439 19.83 -25.59 -13.41
C ILE C 439 18.43 -26.04 -13.08
N HIS C 440 17.69 -26.35 -14.13
CA HIS C 440 16.31 -26.77 -14.03
C HIS C 440 16.24 -28.10 -13.27
N ASP C 441 17.03 -29.07 -13.71
CA ASP C 441 17.05 -30.38 -13.09
C ASP C 441 17.53 -30.30 -11.64
N ARG C 442 18.53 -29.45 -11.43
CA ARG C 442 19.10 -29.25 -10.09
C ARG C 442 18.06 -28.66 -9.14
N GLY C 443 17.18 -27.81 -9.68
CA GLY C 443 16.14 -27.15 -8.90
C GLY C 443 15.17 -28.13 -8.28
N VAL C 444 14.72 -29.09 -9.10
CA VAL C 444 13.90 -30.18 -8.60
C VAL C 444 14.90 -30.90 -7.69
N LYS C 445 14.43 -31.62 -6.67
CA LYS C 445 15.30 -32.21 -5.65
C LYS C 445 15.83 -31.09 -4.74
N GLY C 446 15.20 -29.92 -4.84
CA GLY C 446 15.41 -28.85 -3.88
C GLY C 446 16.83 -28.37 -3.69
N GLN C 447 17.60 -28.40 -4.77
CA GLN C 447 18.90 -27.78 -4.72
C GLN C 447 18.74 -26.56 -5.62
N LYS C 448 18.92 -25.37 -5.06
CA LYS C 448 18.70 -24.20 -5.89
C LYS C 448 20.04 -23.64 -6.28
N GLU C 449 20.25 -23.59 -7.59
CA GLU C 449 21.56 -23.27 -8.12
C GLU C 449 21.45 -22.18 -9.15
N THR C 450 22.58 -21.53 -9.37
CA THR C 450 22.64 -20.35 -10.17
C THR C 450 23.94 -20.29 -10.94
N ILE C 451 23.95 -19.52 -12.01
CA ILE C 451 25.05 -19.54 -12.97
C ILE C 451 26.40 -19.27 -12.28
N LYS C 452 26.37 -18.42 -11.25
CA LYS C 452 27.54 -18.15 -10.43
C LYS C 452 28.00 -19.42 -9.71
N SER C 453 27.02 -20.19 -9.23
CA SER C 453 27.25 -21.48 -8.59
C SER C 453 27.79 -22.50 -9.59
N MET C 454 27.25 -22.47 -10.80
CA MET C 454 27.47 -23.53 -11.79
C MET C 454 28.59 -23.18 -12.75
N GLN C 455 29.43 -22.27 -12.30
CA GLN C 455 30.49 -21.73 -13.12
C GLN C 455 31.42 -22.83 -13.59
N ALA C 456 31.76 -23.73 -12.66
CA ALA C 456 32.67 -24.84 -12.94
C ALA C 456 32.06 -25.77 -13.95
N TYR C 457 30.75 -26.01 -13.82
CA TYR C 457 30.04 -26.90 -14.73
C TYR C 457 30.03 -26.36 -16.15
N LEU C 458 29.85 -25.05 -16.29
CA LEU C 458 29.80 -24.41 -17.60
C LEU C 458 31.13 -24.68 -18.25
N MET C 459 32.18 -24.48 -17.46
CA MET C 459 33.52 -24.66 -17.94
C MET C 459 33.76 -26.09 -18.36
N GLN C 460 33.31 -26.99 -17.50
CA GLN C 460 33.48 -28.40 -17.74
C GLN C 460 32.75 -28.83 -18.98
N THR C 461 31.51 -28.39 -19.13
CA THR C 461 30.68 -28.89 -20.23
C THR C 461 31.24 -28.47 -21.57
N ILE C 462 31.56 -27.19 -21.74
CA ILE C 462 32.01 -26.74 -23.05
C ILE C 462 33.33 -27.39 -23.48
N LEU C 463 34.32 -27.52 -22.60
CA LEU C 463 35.56 -28.17 -23.05
C LEU C 463 35.34 -29.66 -23.40
N THR C 464 34.43 -30.33 -22.70
CA THR C 464 34.08 -31.72 -23.03
C THR C 464 33.49 -31.79 -24.42
N GLU C 465 32.64 -30.82 -24.72
CA GLU C 465 32.01 -30.69 -26.02
C GLU C 465 33.08 -30.43 -27.07
N LEU C 466 34.05 -29.58 -26.74
CA LEU C 466 35.09 -29.18 -27.68
C LEU C 466 35.92 -30.38 -28.10
N GLU C 467 36.29 -31.22 -27.14
CA GLU C 467 37.10 -32.41 -27.40
C GLU C 467 36.43 -33.45 -28.30
N GLU C 468 35.14 -33.69 -28.06
CA GLU C 468 34.39 -34.68 -28.80
C GLU C 468 34.37 -34.25 -30.26
N THR C 469 34.18 -32.94 -30.42
CA THR C 469 34.17 -32.32 -31.73
C THR C 469 35.51 -32.52 -32.40
N HIS C 470 36.57 -32.35 -31.61
CA HIS C 470 37.94 -32.54 -32.08
C HIS C 470 38.13 -34.00 -32.44
N ALA C 471 37.60 -34.89 -31.59
CA ALA C 471 37.82 -36.31 -31.74
C ALA C 471 37.27 -36.74 -33.08
N LEU C 472 36.15 -36.13 -33.44
CA LEU C 472 35.48 -36.35 -34.70
C LEU C 472 36.44 -35.94 -35.81
N TYR C 473 37.07 -34.79 -35.62
CA TYR C 473 37.96 -34.22 -36.61
C TYR C 473 39.06 -35.22 -36.86
N MET C 474 39.65 -35.72 -35.78
CA MET C 474 40.75 -36.66 -35.89
C MET C 474 40.30 -37.95 -36.61
N ARG C 475 39.10 -38.42 -36.29
CA ARG C 475 38.59 -39.67 -36.86
C ARG C 475 38.45 -39.58 -38.38
N ARG C 476 37.83 -38.50 -38.86
CA ARG C 476 37.62 -38.25 -40.28
C ARG C 476 38.90 -38.45 -41.12
N LYS C 477 40.07 -38.31 -40.49
CA LYS C 477 41.35 -38.41 -41.19
C LYS C 477 41.58 -39.80 -41.79
N ASN C 478 41.18 -40.84 -41.05
CA ASN C 478 41.44 -42.23 -41.45
C ASN C 478 40.63 -42.67 -42.67
N ILE D 3 7.22 31.35 26.93
CA ILE D 3 7.36 32.68 27.54
C ILE D 3 8.82 32.91 27.95
N GLU D 4 9.44 33.96 27.44
CA GLU D 4 10.84 34.19 27.73
C GLU D 4 11.12 34.59 29.19
N GLU D 5 10.19 35.28 29.83
CA GLU D 5 10.47 35.87 31.14
C GLU D 5 10.68 34.81 32.23
N GLY D 6 9.92 33.72 32.18
CA GLY D 6 10.05 32.67 33.18
C GLY D 6 10.79 31.38 32.81
N LYS D 7 11.33 31.34 31.59
CA LYS D 7 12.04 30.16 31.11
C LYS D 7 13.27 30.61 30.38
N LEU D 8 14.25 29.72 30.24
CA LEU D 8 15.47 30.07 29.55
C LEU D 8 15.69 29.08 28.39
N VAL D 9 15.80 29.62 27.16
CA VAL D 9 15.95 28.86 25.91
C VAL D 9 17.33 28.95 25.24
N ILE D 10 17.90 27.79 24.88
CA ILE D 10 19.25 27.69 24.31
C ILE D 10 19.30 27.15 22.86
N TRP D 11 20.07 27.84 22.01
CA TRP D 11 20.32 27.38 20.64
C TRP D 11 21.75 26.91 20.54
N ILE D 12 21.94 25.66 20.15
CA ILE D 12 23.26 25.10 19.99
C ILE D 12 23.24 24.28 18.74
N ASN D 13 24.38 24.14 18.10
CA ASN D 13 24.40 23.42 16.85
C ASN D 13 24.14 21.96 17.07
N GLY D 14 23.55 21.35 16.05
CA GLY D 14 23.20 19.95 16.05
C GLY D 14 24.47 19.16 16.14
N ASP D 15 25.59 19.77 15.79
CA ASP D 15 26.88 19.09 15.79
C ASP D 15 27.41 18.66 17.14
N LYS D 16 27.15 19.49 18.14
CA LYS D 16 27.62 19.31 19.50
C LYS D 16 26.73 18.38 20.26
N GLY D 17 27.05 18.19 21.54
CA GLY D 17 26.27 17.32 22.42
C GLY D 17 25.12 18.07 23.05
N TYR D 18 24.10 18.32 22.24
CA TYR D 18 22.92 19.06 22.63
C TYR D 18 22.08 18.29 23.64
N ASN D 19 22.23 16.96 23.65
CA ASN D 19 21.53 16.12 24.63
C ASN D 19 22.17 16.25 26.00
N GLY D 20 23.49 16.30 25.99
CA GLY D 20 24.28 16.48 27.19
C GLY D 20 24.09 17.85 27.78
N LEU D 21 23.86 18.83 26.93
CA LEU D 21 23.61 20.20 27.37
C LEU D 21 22.25 20.30 28.08
N ALA D 22 21.25 19.59 27.54
CA ALA D 22 19.92 19.49 28.13
C ALA D 22 19.95 18.79 29.50
N GLU D 23 20.86 17.84 29.63
CA GLU D 23 21.07 17.09 30.86
C GLU D 23 21.52 18.02 31.98
N VAL D 24 22.40 18.94 31.62
CA VAL D 24 22.85 19.97 32.53
C VAL D 24 21.67 20.87 32.87
N GLY D 25 20.73 20.99 31.94
CA GLY D 25 19.54 21.77 32.20
C GLY D 25 18.68 21.23 33.33
N LYS D 26 18.50 19.92 33.42
CA LYS D 26 17.75 19.33 34.53
C LYS D 26 18.45 19.62 35.86
N LYS D 27 19.78 19.56 35.86
CA LYS D 27 20.58 19.90 37.04
C LYS D 27 20.38 21.36 37.42
N PHE D 28 20.00 22.18 36.44
CA PHE D 28 19.73 23.59 36.69
C PHE D 28 18.27 23.78 37.10
N GLU D 29 17.38 23.05 36.43
CA GLU D 29 15.95 23.12 36.73
C GLU D 29 15.68 22.61 38.14
N LYS D 30 16.39 21.57 38.54
CA LYS D 30 16.19 20.99 39.85
C LYS D 30 16.52 22.01 40.94
N ASP D 31 17.71 22.60 40.83
CA ASP D 31 18.21 23.56 41.81
C ASP D 31 17.54 24.93 41.81
N THR D 32 17.27 25.45 40.63
CA THR D 32 16.83 26.84 40.47
C THR D 32 15.32 26.95 40.28
N GLY D 33 14.71 25.86 39.83
CA GLY D 33 13.27 25.82 39.57
C GLY D 33 12.92 26.54 38.29
N ILE D 34 13.92 26.72 37.43
CA ILE D 34 13.71 27.32 36.12
C ILE D 34 14.02 26.37 34.98
N LYS D 35 13.00 26.10 34.17
CA LYS D 35 13.06 25.12 33.07
C LYS D 35 14.04 25.52 31.99
N VAL D 36 14.85 24.57 31.54
CA VAL D 36 15.83 24.87 30.50
C VAL D 36 15.58 24.07 29.21
N THR D 37 15.32 24.77 28.10
CA THR D 37 15.07 24.09 26.83
C THR D 37 16.18 24.30 25.81
N VAL D 38 16.72 23.23 25.26
CA VAL D 38 17.73 23.38 24.21
C VAL D 38 17.21 22.84 22.88
N GLU D 39 17.48 23.56 21.80
CA GLU D 39 17.07 23.12 20.47
C GLU D 39 18.16 23.50 19.48
N HIS D 40 18.27 22.71 18.40
CA HIS D 40 19.32 22.86 17.39
C HIS D 40 18.80 23.01 15.96
N PRO D 41 18.16 24.16 15.66
CA PRO D 41 17.59 24.40 14.34
C PRO D 41 18.65 24.58 13.30
N ASP D 42 18.33 24.14 12.09
CA ASP D 42 19.25 24.29 11.00
C ASP D 42 19.42 25.77 10.71
N LYS D 43 20.65 26.17 10.36
CA LYS D 43 20.98 27.55 10.04
C LYS D 43 20.69 28.49 11.21
N LEU D 44 20.90 28.02 12.45
CA LEU D 44 20.59 28.82 13.62
C LEU D 44 21.49 30.05 13.71
N GLU D 45 22.67 29.96 13.13
CA GLU D 45 23.60 31.09 13.17
C GLU D 45 23.23 32.10 12.07
N GLU D 46 22.45 31.67 11.08
CA GLU D 46 21.90 32.61 10.11
C GLU D 46 20.55 33.18 10.62
N LYS D 47 19.77 32.33 11.30
CA LYS D 47 18.46 32.72 11.84
C LYS D 47 18.61 33.77 12.93
N PHE D 48 19.61 33.57 13.79
CA PHE D 48 19.79 34.38 14.99
C PHE D 48 19.83 35.86 14.73
N PRO D 49 20.56 36.31 13.68
CA PRO D 49 20.48 37.74 13.44
C PRO D 49 19.06 38.25 13.09
N GLN D 50 18.37 37.49 12.24
CA GLN D 50 17.06 37.89 11.78
C GLN D 50 16.02 37.86 12.90
N VAL D 51 16.00 36.77 13.65
CA VAL D 51 15.00 36.61 14.70
C VAL D 51 15.39 37.44 15.93
N ALA D 52 16.64 37.89 16.02
CA ALA D 52 17.03 38.71 17.18
C ALA D 52 16.41 40.11 17.07
N ALA D 53 16.25 40.59 15.83
CA ALA D 53 15.67 41.90 15.59
C ALA D 53 14.14 41.91 15.73
N THR D 54 13.50 40.94 15.10
CA THR D 54 12.06 40.74 15.23
C THR D 54 11.70 40.31 16.66
N GLY D 55 12.70 39.81 17.39
CA GLY D 55 12.50 39.29 18.73
C GLY D 55 12.14 37.81 18.70
N ASP D 56 11.72 37.27 19.82
CA ASP D 56 11.38 35.86 19.92
C ASP D 56 12.55 35.00 19.43
N GLY D 57 13.73 35.31 19.95
CA GLY D 57 14.95 34.56 19.69
C GLY D 57 15.27 33.73 20.93
N PRO D 58 16.40 33.00 20.93
CA PRO D 58 16.82 32.21 22.09
C PRO D 58 17.47 33.07 23.17
N ASP D 59 17.45 32.63 24.42
CA ASP D 59 18.12 33.37 25.49
C ASP D 59 19.62 33.31 25.32
N ILE D 60 20.12 32.11 25.02
CA ILE D 60 21.56 31.94 24.82
C ILE D 60 21.84 31.22 23.51
N ILE D 61 22.85 31.67 22.79
CA ILE D 61 23.19 31.06 21.51
C ILE D 61 24.61 30.49 21.49
N PHE D 62 24.76 29.30 20.93
CA PHE D 62 26.04 28.63 20.91
C PHE D 62 26.62 28.48 19.50
N TRP D 63 27.83 28.99 19.30
CA TRP D 63 28.53 28.88 18.03
C TRP D 63 30.02 29.15 18.21
N ALA D 64 30.79 29.02 17.15
CA ALA D 64 32.19 29.38 17.24
C ALA D 64 32.29 30.90 17.25
N HIS D 65 33.32 31.42 17.88
CA HIS D 65 33.46 32.83 18.21
C HIS D 65 33.49 33.77 17.03
N ASP D 66 33.78 33.23 15.85
CA ASP D 66 33.96 34.03 14.64
C ASP D 66 32.68 34.79 14.24
N ARG D 67 31.53 34.15 14.45
CA ARG D 67 30.22 34.71 14.14
C ARG D 67 29.80 35.85 15.06
N PHE D 68 30.31 35.79 16.28
CA PHE D 68 29.87 36.66 17.34
C PHE D 68 30.26 38.10 17.10
N GLY D 69 31.28 38.32 16.29
CA GLY D 69 31.65 39.67 16.01
C GLY D 69 30.53 40.38 15.31
N GLY D 70 29.96 39.75 14.29
CA GLY D 70 28.83 40.33 13.61
C GLY D 70 27.62 40.54 14.49
N TYR D 71 27.38 39.57 15.36
CA TYR D 71 26.25 39.61 16.30
C TYR D 71 26.41 40.73 17.31
N ALA D 72 27.65 40.97 17.73
CA ALA D 72 27.96 41.96 18.77
C ALA D 72 27.88 43.40 18.26
N GLN D 73 28.36 43.59 17.02
CA GLN D 73 28.37 44.88 16.34
C GLN D 73 26.92 45.33 16.11
N SER D 74 26.04 44.34 15.95
CA SER D 74 24.62 44.59 15.79
C SER D 74 24.02 44.81 17.17
N GLY D 75 24.82 44.63 18.22
CA GLY D 75 24.35 44.87 19.57
C GLY D 75 23.33 43.85 19.99
N LEU D 76 23.35 42.70 19.32
CA LEU D 76 22.47 41.60 19.64
C LEU D 76 22.90 40.88 20.91
N LEU D 77 24.19 40.94 21.19
CA LEU D 77 24.76 40.29 22.36
C LEU D 77 24.87 41.23 23.54
N ALA D 78 24.73 40.67 24.74
CA ALA D 78 24.84 41.43 25.98
C ALA D 78 26.24 41.29 26.56
N GLU D 79 26.67 42.34 27.24
CA GLU D 79 28.02 42.39 27.80
C GLU D 79 28.20 41.42 28.95
N ILE D 80 29.24 40.59 28.86
CA ILE D 80 29.54 39.62 29.90
C ILE D 80 30.40 40.26 30.98
N THR D 81 29.91 40.24 32.22
CA THR D 81 30.71 40.81 33.30
C THR D 81 30.87 39.81 34.42
N PRO D 82 31.89 38.95 34.32
CA PRO D 82 32.22 38.00 35.38
C PRO D 82 33.32 38.56 36.27
N ASP D 83 33.37 38.15 37.52
CA ASP D 83 34.42 38.59 38.40
C ASP D 83 35.74 37.98 37.97
N LYS D 84 36.86 38.60 38.36
CA LYS D 84 38.18 38.13 37.94
C LYS D 84 38.49 36.69 38.39
N ALA D 85 37.90 36.30 39.52
CA ALA D 85 38.13 34.97 40.10
C ALA D 85 37.61 33.87 39.17
N PHE D 86 36.53 34.15 38.46
CA PHE D 86 36.00 33.21 37.50
C PHE D 86 36.80 33.26 36.21
N GLN D 87 37.23 34.46 35.89
CA GLN D 87 37.99 34.67 34.67
C GLN D 87 39.31 33.90 34.69
N ASP D 88 39.86 33.72 35.87
CA ASP D 88 41.09 32.96 36.03
C ASP D 88 40.87 31.50 35.66
N LYS D 89 39.62 31.04 35.81
CA LYS D 89 39.27 29.65 35.57
C LYS D 89 39.43 29.30 34.10
N LEU D 90 39.03 30.20 33.22
CA LEU D 90 39.13 29.91 31.80
C LEU D 90 40.47 30.41 31.28
N TYR D 91 40.95 29.77 30.22
CA TYR D 91 42.21 30.15 29.60
C TYR D 91 42.16 31.54 28.99
N PRO D 92 43.19 32.34 29.25
CA PRO D 92 43.24 33.72 28.75
C PRO D 92 43.21 33.69 27.24
N PHE D 93 43.79 32.63 26.70
CA PHE D 93 43.83 32.45 25.26
C PHE D 93 42.43 32.28 24.68
N THR D 94 41.52 31.70 25.45
CA THR D 94 40.12 31.58 25.02
C THR D 94 39.31 32.86 25.28
N TRP D 95 39.70 33.62 26.32
CA TRP D 95 39.04 34.90 26.61
C TRP D 95 39.26 35.90 25.48
N ASP D 96 40.41 35.81 24.84
CA ASP D 96 40.74 36.73 23.76
C ASP D 96 39.81 36.56 22.56
N ALA D 97 39.27 35.36 22.34
CA ALA D 97 38.42 35.08 21.17
C ALA D 97 37.03 35.71 21.22
N VAL D 98 36.49 35.87 22.42
CA VAL D 98 35.16 36.43 22.62
C VAL D 98 35.24 37.89 23.03
N ARG D 99 36.37 38.52 22.75
CA ARG D 99 36.54 39.90 23.10
C ARG D 99 36.40 40.76 21.86
N TYR D 100 35.47 41.70 21.92
CA TYR D 100 35.19 42.59 20.81
C TYR D 100 35.15 44.02 21.24
N ASN D 101 36.05 44.81 20.65
CA ASN D 101 36.20 46.22 20.98
C ASN D 101 36.43 46.44 22.48
N GLY D 102 37.24 45.57 23.09
CA GLY D 102 37.60 45.73 24.48
C GLY D 102 36.61 45.16 25.49
N LYS D 103 35.58 44.50 24.99
CA LYS D 103 34.53 43.94 25.84
C LYS D 103 34.37 42.43 25.63
N LEU D 104 34.05 41.70 26.69
CA LEU D 104 33.76 40.29 26.58
C LEU D 104 32.33 40.14 26.14
N ILE D 105 32.14 39.67 24.93
CA ILE D 105 30.81 39.53 24.39
C ILE D 105 30.20 38.12 24.62
N ALA D 106 31.02 37.12 24.93
CA ALA D 106 30.54 35.76 25.15
C ALA D 106 31.39 34.96 26.15
N TYR D 107 30.91 33.78 26.51
CA TYR D 107 31.67 32.80 27.30
C TYR D 107 32.35 31.75 26.42
N PRO D 108 33.62 31.45 26.71
CA PRO D 108 34.36 30.43 25.97
C PRO D 108 34.13 29.05 26.53
N ILE D 109 33.56 28.18 25.71
CA ILE D 109 33.29 26.81 26.12
C ILE D 109 34.48 25.90 25.88
N ALA D 110 34.90 25.79 24.63
CA ALA D 110 35.95 24.86 24.25
C ALA D 110 36.70 25.24 22.98
N VAL D 111 37.94 24.75 22.86
CA VAL D 111 38.76 25.00 21.67
C VAL D 111 38.74 23.79 20.74
N GLU D 112 38.20 23.98 19.54
CA GLU D 112 38.13 22.90 18.58
C GLU D 112 39.03 23.15 17.36
N ALA D 113 39.73 22.11 16.93
CA ALA D 113 40.56 22.17 15.73
C ALA D 113 40.47 20.88 14.93
N LEU D 114 40.50 21.00 13.60
CA LEU D 114 40.48 19.84 12.72
C LEU D 114 41.76 19.01 12.85
N SER D 115 41.63 17.69 12.74
CA SER D 115 42.77 16.77 12.78
C SER D 115 42.56 15.67 11.76
N LEU D 116 43.62 14.95 11.43
CA LEU D 116 43.54 13.84 10.49
C LEU D 116 43.11 12.58 11.25
N ILE D 117 42.02 11.97 10.81
CA ILE D 117 41.55 10.73 11.42
C ILE D 117 41.74 9.55 10.48
N TYR D 118 42.37 8.50 10.99
CA TYR D 118 42.68 7.36 10.15
C TYR D 118 42.31 6.02 10.73
N ASN D 119 42.18 5.07 9.81
CA ASN D 119 41.86 3.69 10.12
C ASN D 119 43.15 2.91 10.25
N LYS D 120 43.48 2.53 11.49
CA LYS D 120 44.74 1.86 11.80
C LYS D 120 44.85 0.50 11.13
N ASP D 121 43.71 -0.15 11.00
CA ASP D 121 43.66 -1.44 10.32
C ASP D 121 43.91 -1.34 8.83
N LEU D 122 43.27 -0.34 8.21
CA LEU D 122 43.41 -0.18 6.77
C LEU D 122 44.81 0.27 6.35
N LEU D 123 45.31 1.33 6.98
CA LEU D 123 46.68 1.78 6.71
C LEU D 123 47.40 1.84 8.07
N PRO D 124 48.47 1.04 8.22
CA PRO D 124 49.25 0.97 9.46
C PRO D 124 49.68 2.34 9.99
N ASN D 125 50.20 3.21 9.14
CA ASN D 125 50.60 4.54 9.58
C ASN D 125 50.18 5.63 8.61
N PRO D 126 49.57 6.71 9.15
CA PRO D 126 49.04 7.84 8.40
C PRO D 126 50.16 8.69 7.79
N PRO D 127 49.89 9.27 6.61
CA PRO D 127 50.84 10.08 5.83
C PRO D 127 51.29 11.32 6.54
N LYS D 128 52.59 11.59 6.47
CA LYS D 128 53.15 12.81 7.03
C LYS D 128 52.90 13.99 6.09
N THR D 129 52.72 13.69 4.81
CA THR D 129 52.56 14.71 3.78
C THR D 129 51.30 14.51 2.92
N TRP D 130 50.77 15.62 2.41
CA TRP D 130 49.60 15.59 1.52
C TRP D 130 49.92 14.89 0.20
N GLU D 131 51.17 15.04 -0.24
CA GLU D 131 51.60 14.54 -1.53
C GLU D 131 51.61 13.02 -1.63
N GLU D 132 51.61 12.36 -0.48
CA GLU D 132 51.61 10.90 -0.45
C GLU D 132 50.27 10.30 -0.85
N ILE D 133 49.20 11.07 -0.64
CA ILE D 133 47.84 10.56 -0.78
C ILE D 133 47.45 10.07 -2.19
N PRO D 134 47.86 10.77 -3.26
CA PRO D 134 47.52 10.24 -4.58
C PRO D 134 48.01 8.80 -4.83
N ALA D 135 49.22 8.48 -4.39
CA ALA D 135 49.78 7.14 -4.60
C ALA D 135 48.98 6.03 -3.89
N LEU D 136 48.42 6.35 -2.73
CA LEU D 136 47.69 5.41 -1.86
C LEU D 136 46.47 4.74 -2.48
N ASP D 137 45.74 5.46 -3.33
CA ASP D 137 44.51 4.94 -3.93
C ASP D 137 44.76 3.71 -4.78
N LYS D 138 45.91 3.68 -5.44
CA LYS D 138 46.30 2.52 -6.22
C LYS D 138 46.22 1.29 -5.31
N GLU D 139 46.64 1.46 -4.05
CA GLU D 139 46.60 0.38 -3.07
C GLU D 139 45.16 0.16 -2.58
N LYS D 145 41.04 0.44 -1.02
CA LYS D 145 39.82 1.00 -1.59
C LYS D 145 39.97 2.50 -1.76
N SER D 146 39.60 3.26 -0.73
CA SER D 146 39.68 4.71 -0.79
C SER D 146 40.67 5.25 0.24
N ALA D 147 41.51 6.18 -0.20
CA ALA D 147 42.55 6.73 0.65
C ALA D 147 42.03 7.80 1.61
N LEU D 148 41.22 8.72 1.09
CA LEU D 148 40.73 9.87 1.86
C LEU D 148 39.36 10.35 1.40
N MET D 149 38.53 10.66 2.39
CA MET D 149 37.22 11.29 2.22
C MET D 149 37.01 12.30 3.32
N PHE D 150 36.64 13.52 2.95
CA PHE D 150 36.26 14.53 3.93
C PHE D 150 35.27 15.48 3.27
N ASN D 151 34.62 16.32 4.07
CA ASN D 151 33.59 17.25 3.58
C ASN D 151 34.14 18.32 2.64
N LEU D 152 33.64 18.39 1.40
CA LEU D 152 34.12 19.43 0.46
C LEU D 152 33.09 20.56 0.28
N GLN D 153 31.92 20.41 0.88
CA GLN D 153 30.85 21.40 0.81
C GLN D 153 31.10 22.59 1.74
N GLU D 154 31.93 22.40 2.76
CA GLU D 154 32.27 23.48 3.68
C GLU D 154 33.73 23.96 3.54
N PRO D 155 33.94 25.28 3.56
CA PRO D 155 35.29 25.83 3.42
C PRO D 155 36.17 25.48 4.61
N TYR D 156 35.54 25.28 5.76
CA TYR D 156 36.26 25.02 6.99
C TYR D 156 37.18 23.81 6.89
N PHE D 157 36.71 22.76 6.22
CA PHE D 157 37.52 21.55 6.04
C PHE D 157 38.59 21.67 4.96
N THR D 158 38.31 22.36 3.87
CA THR D 158 39.30 22.48 2.77
C THR D 158 40.36 23.56 3.08
N TRP D 159 39.99 24.56 3.89
CA TRP D 159 40.88 25.69 4.25
C TRP D 159 42.22 25.34 4.89
N PRO D 160 42.29 24.28 5.74
CA PRO D 160 43.61 23.96 6.30
C PRO D 160 44.66 23.72 5.23
N LEU D 161 44.24 23.21 4.07
CA LEU D 161 45.15 23.00 2.93
C LEU D 161 45.49 24.30 2.19
N ILE D 162 44.48 25.14 2.04
CA ILE D 162 44.63 26.44 1.39
C ILE D 162 45.64 27.31 2.12
N ALA D 163 45.56 27.35 3.44
CA ALA D 163 46.44 28.17 4.24
C ALA D 163 47.84 27.58 4.34
N ALA D 164 47.99 26.32 3.94
CA ALA D 164 49.24 25.61 4.21
C ALA D 164 50.44 26.27 3.57
N ASP D 165 50.31 26.68 2.32
CA ASP D 165 51.45 27.26 1.62
C ASP D 165 51.52 28.77 1.77
N GLY D 166 50.77 29.33 2.71
CA GLY D 166 50.82 30.75 2.96
C GLY D 166 49.52 31.47 2.63
N GLY D 167 48.45 30.73 2.44
CA GLY D 167 47.15 31.35 2.27
C GLY D 167 46.65 31.96 3.57
N TYR D 168 45.99 33.11 3.49
CA TYR D 168 45.45 33.74 4.69
C TYR D 168 44.13 34.47 4.44
N ALA D 169 43.30 34.62 5.48
CA ALA D 169 42.02 35.30 5.31
C ALA D 169 42.17 36.82 5.31
N PHE D 170 42.63 37.38 6.43
CA PHE D 170 42.81 38.81 6.57
C PHE D 170 44.11 39.10 7.25
N LYS D 171 44.83 40.08 6.77
CA LYS D 171 46.10 40.36 7.37
C LYS D 171 45.88 40.96 8.74
N TYR D 172 46.75 40.57 9.66
CA TYR D 172 46.70 41.02 11.04
C TYR D 172 47.97 41.75 11.41
N GLU D 173 47.94 43.07 11.26
CA GLU D 173 49.09 43.87 11.59
C GLU D 173 48.68 45.01 12.51
N ASN D 174 49.54 45.29 13.50
CA ASN D 174 49.33 46.36 14.46
C ASN D 174 48.12 46.12 15.38
N GLY D 175 47.80 44.86 15.63
CA GLY D 175 46.68 44.50 16.48
C GLY D 175 45.29 44.83 15.96
N LYS D 176 45.18 44.91 14.63
CA LYS D 176 43.91 45.15 13.96
C LYS D 176 43.85 44.32 12.69
N TYR D 177 42.69 43.81 12.34
CA TYR D 177 42.55 43.06 11.12
C TYR D 177 42.29 44.00 9.93
N ASP D 178 43.07 43.86 8.88
CA ASP D 178 42.97 44.72 7.70
C ASP D 178 42.05 44.09 6.69
N ILE D 179 40.85 44.63 6.59
CA ILE D 179 39.83 44.10 5.70
C ILE D 179 40.24 44.28 4.22
N LYS D 180 41.08 45.28 3.97
CA LYS D 180 41.58 45.57 2.64
C LYS D 180 42.60 44.56 2.14
N ASP D 181 43.28 43.93 3.10
CA ASP D 181 44.34 42.95 2.85
C ASP D 181 43.77 41.53 2.94
N VAL D 182 43.44 40.96 1.78
CA VAL D 182 42.87 39.61 1.70
C VAL D 182 43.85 38.62 1.06
N GLY D 183 43.95 37.42 1.60
CA GLY D 183 44.93 36.48 1.11
C GLY D 183 44.40 35.19 0.52
N VAL D 184 43.25 35.25 -0.14
CA VAL D 184 42.70 34.04 -0.73
C VAL D 184 43.24 33.82 -2.14
N ASP D 185 43.71 34.89 -2.79
CA ASP D 185 44.20 34.80 -4.17
C ASP D 185 45.69 34.54 -4.31
N ASN D 186 46.47 34.78 -3.25
CA ASN D 186 47.93 34.67 -3.35
C ASN D 186 48.42 33.28 -3.79
N ALA D 187 49.70 33.20 -4.13
CA ALA D 187 50.30 31.99 -4.70
C ALA D 187 50.22 30.78 -3.77
N GLY D 188 50.44 30.98 -2.48
CA GLY D 188 50.33 29.87 -1.56
C GLY D 188 48.93 29.25 -1.55
N ALA D 189 47.91 30.12 -1.50
CA ALA D 189 46.50 29.71 -1.52
C ALA D 189 46.09 29.13 -2.87
N LYS D 190 46.60 29.73 -3.94
CA LYS D 190 46.32 29.22 -5.27
C LYS D 190 46.90 27.80 -5.40
N ALA D 191 48.08 27.60 -4.80
CA ALA D 191 48.76 26.30 -4.83
C ALA D 191 47.99 25.21 -4.11
N GLY D 192 47.45 25.54 -2.96
CA GLY D 192 46.70 24.57 -2.19
C GLY D 192 45.46 24.04 -2.89
N LEU D 193 44.58 24.95 -3.30
CA LEU D 193 43.30 24.57 -3.90
C LEU D 193 43.45 23.78 -5.19
N THR D 194 44.44 24.14 -6.01
CA THR D 194 44.67 23.44 -7.27
C THR D 194 44.97 21.97 -6.98
N PHE D 195 45.78 21.73 -5.94
CA PHE D 195 46.10 20.36 -5.50
C PHE D 195 44.85 19.62 -5.07
N LEU D 196 43.98 20.32 -4.35
CA LEU D 196 42.72 19.75 -3.91
C LEU D 196 41.85 19.39 -5.11
N VAL D 197 41.78 20.30 -6.07
CA VAL D 197 41.01 20.06 -7.29
C VAL D 197 41.66 18.97 -8.13
N ASP D 198 42.98 18.93 -8.10
CA ASP D 198 43.71 17.92 -8.83
C ASP D 198 43.41 16.53 -8.27
N LEU D 199 43.02 16.45 -7.00
CA LEU D 199 42.57 15.18 -6.43
C LEU D 199 41.21 14.73 -6.99
N ILE D 200 40.35 15.68 -7.35
CA ILE D 200 39.01 15.40 -7.88
C ILE D 200 39.04 14.99 -9.33
N LYS D 201 39.92 15.63 -10.10
CA LYS D 201 40.05 15.32 -11.53
C LYS D 201 40.51 13.90 -11.76
N ASN D 202 41.39 13.44 -10.88
CA ASN D 202 41.99 12.12 -10.96
C ASN D 202 41.16 11.01 -10.28
N LYS D 203 39.96 11.37 -9.85
CA LYS D 203 38.94 10.45 -9.30
C LYS D 203 39.32 9.97 -7.90
N HIS D 204 40.34 10.57 -7.32
CA HIS D 204 40.74 10.28 -5.94
C HIS D 204 39.65 10.70 -4.96
N MET D 205 38.95 11.77 -5.31
CA MET D 205 37.88 12.31 -4.49
C MET D 205 36.67 12.70 -5.34
N ASN D 206 35.50 12.82 -4.71
CA ASN D 206 34.29 13.21 -5.43
C ASN D 206 33.88 14.58 -4.92
N ALA D 207 33.62 15.53 -5.83
CA ALA D 207 33.30 16.89 -5.44
C ALA D 207 32.04 17.00 -4.59
N ASP D 208 31.10 16.09 -4.79
CA ASP D 208 29.83 16.16 -4.06
C ASP D 208 29.91 15.61 -2.64
N THR D 209 31.11 15.23 -2.22
CA THR D 209 31.29 14.67 -0.88
C THR D 209 30.98 15.71 0.18
N ASP D 210 29.94 15.42 0.97
CA ASP D 210 29.56 16.28 2.07
C ASP D 210 29.84 15.57 3.40
N TYR D 211 29.48 16.19 4.52
CA TYR D 211 29.75 15.60 5.83
C TYR D 211 29.08 14.25 5.99
N SER D 212 27.87 14.11 5.47
CA SER D 212 27.08 12.90 5.63
C SER D 212 27.70 11.66 4.97
N ILE D 213 28.13 11.78 3.71
CA ILE D 213 28.70 10.63 3.01
C ILE D 213 30.11 10.36 3.52
N ALA D 214 30.86 11.42 3.83
CA ALA D 214 32.23 11.25 4.29
C ALA D 214 32.28 10.54 5.64
N GLU D 215 31.35 10.90 6.52
CA GLU D 215 31.28 10.26 7.83
C GLU D 215 30.88 8.81 7.72
N ALA D 216 29.82 8.56 6.97
CA ALA D 216 29.29 7.21 6.82
C ALA D 216 30.30 6.27 6.16
N ALA D 217 31.02 6.80 5.18
CA ALA D 217 32.03 6.02 4.46
C ALA D 217 33.17 5.61 5.37
N PHE D 218 33.63 6.52 6.22
CA PHE D 218 34.72 6.20 7.12
C PHE D 218 34.33 5.21 8.21
N ASN D 219 33.20 5.48 8.83
CA ASN D 219 32.71 4.69 9.96
C ASN D 219 32.37 3.27 9.58
N LYS D 220 32.07 3.07 8.30
CA LYS D 220 31.85 1.74 7.78
C LYS D 220 33.19 1.17 7.35
N GLY D 221 34.22 2.02 7.38
CA GLY D 221 35.54 1.54 7.01
C GLY D 221 35.80 1.53 5.53
N GLU D 222 34.95 2.19 4.76
CA GLU D 222 35.12 2.25 3.31
C GLU D 222 36.37 3.06 2.93
N THR D 223 36.69 4.09 3.73
CA THR D 223 37.85 4.94 3.48
C THR D 223 38.87 4.84 4.60
N ALA D 224 40.13 5.06 4.26
CA ALA D 224 41.25 4.96 5.18
C ALA D 224 41.41 6.22 6.06
N MET D 225 41.15 7.41 5.52
CA MET D 225 41.34 8.64 6.28
C MET D 225 40.16 9.60 6.20
N THR D 226 40.11 10.56 7.12
CA THR D 226 39.11 11.62 7.08
C THR D 226 39.59 12.84 7.85
N ILE D 227 39.03 13.99 7.53
CA ILE D 227 39.38 15.20 8.26
C ILE D 227 38.16 15.71 9.02
N ASN D 228 38.28 15.78 10.34
CA ASN D 228 37.16 16.19 11.18
C ASN D 228 37.53 16.75 12.54
N GLY D 229 36.54 17.36 13.20
CA GLY D 229 36.71 17.92 14.52
C GLY D 229 36.36 16.96 15.62
N PRO D 230 36.58 17.37 16.89
CA PRO D 230 36.33 16.47 18.02
C PRO D 230 34.90 15.94 18.17
N TRP D 231 33.90 16.63 17.65
CA TRP D 231 32.54 16.16 17.79
C TRP D 231 32.31 14.86 17.03
N ALA D 232 33.17 14.55 16.07
CA ALA D 232 32.93 13.40 15.21
C ALA D 232 33.37 12.10 15.83
N TRP D 233 34.15 12.19 16.91
CA TRP D 233 34.75 11.01 17.55
C TRP D 233 33.70 10.06 18.16
N SER D 234 32.62 10.62 18.71
CA SER D 234 31.59 9.83 19.38
C SER D 234 30.88 8.85 18.44
N ASN D 235 30.56 9.28 17.23
CA ASN D 235 29.92 8.41 16.25
C ASN D 235 30.81 7.28 15.75
N ILE D 236 32.10 7.58 15.61
CA ILE D 236 33.09 6.59 15.19
C ILE D 236 33.23 5.56 16.29
N ASP D 237 33.14 6.03 17.52
CA ASP D 237 33.23 5.15 18.67
C ASP D 237 32.15 4.09 18.63
N THR D 238 30.96 4.50 18.22
CA THR D 238 29.87 3.55 18.09
C THR D 238 30.17 2.49 17.02
N SER D 239 30.75 2.91 15.90
CA SER D 239 31.08 1.97 14.83
C SER D 239 32.25 1.07 15.22
N LYS D 240 32.43 0.01 14.45
CA LYS D 240 33.47 -0.99 14.74
C LYS D 240 34.89 -0.49 14.48
N VAL D 241 35.01 0.62 13.77
CA VAL D 241 36.31 1.12 13.30
C VAL D 241 37.32 1.41 14.41
N ASN D 242 38.54 0.94 14.21
CA ASN D 242 39.66 1.30 15.05
C ASN D 242 40.40 2.49 14.46
N TYR D 243 40.34 3.63 15.14
CA TYR D 243 40.82 4.87 14.55
C TYR D 243 41.90 5.52 15.40
N GLY D 244 42.68 6.39 14.75
CA GLY D 244 43.68 7.18 15.43
C GLY D 244 43.57 8.64 15.02
N VAL D 245 43.84 9.54 15.94
CA VAL D 245 43.78 10.97 15.65
C VAL D 245 45.19 11.55 15.58
N THR D 246 45.59 12.08 14.44
CA THR D 246 46.95 12.53 14.32
C THR D 246 47.05 13.93 13.73
N VAL D 247 48.26 14.46 13.73
CA VAL D 247 48.54 15.79 13.22
C VAL D 247 48.23 15.80 11.72
N LEU D 248 47.75 16.94 11.21
CA LEU D 248 47.38 17.06 9.79
C LEU D 248 48.57 16.96 8.84
N PRO D 249 48.36 16.38 7.65
CA PRO D 249 49.43 16.19 6.67
C PRO D 249 50.06 17.49 6.22
N THR D 250 51.38 17.52 6.03
CA THR D 250 52.04 18.72 5.54
C THR D 250 51.92 18.87 4.01
N PHE D 251 51.91 20.11 3.54
CA PHE D 251 51.87 20.38 2.10
C PHE D 251 53.02 21.28 1.70
N LYS D 252 53.81 20.82 0.74
CA LYS D 252 55.02 21.54 0.33
C LYS D 252 55.97 21.72 1.51
N GLY D 253 56.00 20.74 2.42
CA GLY D 253 56.87 20.82 3.58
C GLY D 253 56.33 21.81 4.60
N GLN D 254 55.08 22.20 4.41
CA GLN D 254 54.45 23.18 5.26
C GLN D 254 53.30 22.57 6.07
N PRO D 255 53.19 22.91 7.37
CA PRO D 255 52.14 22.36 8.23
C PRO D 255 50.75 22.85 7.80
N SER D 256 49.77 21.95 7.79
CA SER D 256 48.40 22.36 7.51
C SER D 256 47.94 23.39 8.55
N LYS D 257 47.31 24.48 8.13
CA LYS D 257 46.93 25.51 9.08
C LYS D 257 45.42 25.70 9.16
N PRO D 258 44.74 24.87 9.99
CA PRO D 258 43.30 24.97 10.15
C PRO D 258 42.90 26.20 10.95
N PHE D 259 41.81 26.86 10.56
CA PHE D 259 41.26 27.98 11.33
C PHE D 259 40.66 27.45 12.63
N VAL D 260 41.12 27.95 13.76
CA VAL D 260 40.68 27.43 15.06
C VAL D 260 39.46 28.16 15.60
N GLY D 261 38.49 27.42 16.12
CA GLY D 261 37.30 28.06 16.67
C GLY D 261 37.08 27.77 18.14
N VAL D 262 36.76 28.81 18.91
CA VAL D 262 36.39 28.61 20.29
C VAL D 262 34.87 28.57 20.38
N LEU D 263 34.32 27.42 20.72
CA LEU D 263 32.87 27.30 20.89
C LEU D 263 32.43 28.23 22.00
N SER D 264 31.43 29.04 21.74
CA SER D 264 31.08 30.10 22.68
C SER D 264 29.60 30.19 23.03
N ALA D 265 29.31 30.84 24.14
CA ALA D 265 27.92 31.06 24.57
C ALA D 265 27.68 32.56 24.67
N GLY D 266 26.77 33.06 23.85
CA GLY D 266 26.50 34.48 23.81
C GLY D 266 25.13 34.80 24.38
N ILE D 267 25.09 35.71 25.34
CA ILE D 267 23.84 36.14 25.97
C ILE D 267 23.16 37.20 25.11
N ASN D 268 21.85 37.02 24.95
CA ASN D 268 21.01 37.92 24.17
C ASN D 268 20.81 39.24 24.91
N ALA D 269 20.97 40.35 24.19
CA ALA D 269 20.75 41.68 24.75
C ALA D 269 19.26 41.96 24.91
N ALA D 270 18.45 41.21 24.16
CA ALA D 270 16.99 41.31 24.20
C ALA D 270 16.37 40.49 25.34
N SER D 271 17.15 39.58 25.91
CA SER D 271 16.66 38.67 26.94
C SER D 271 16.39 39.34 28.29
N PRO D 272 15.24 39.00 28.89
CA PRO D 272 14.92 39.44 30.25
C PRO D 272 15.68 38.58 31.27
N ASN D 273 16.19 37.44 30.80
CA ASN D 273 16.82 36.46 31.69
C ASN D 273 18.34 36.50 31.68
N LYS D 274 18.91 37.69 31.57
CA LYS D 274 20.37 37.80 31.53
C LYS D 274 21.03 37.33 32.83
N GLU D 275 20.32 37.49 33.95
CA GLU D 275 20.81 37.03 35.25
C GLU D 275 20.80 35.51 35.39
N LEU D 276 19.75 34.89 34.85
CA LEU D 276 19.61 33.44 34.85
C LEU D 276 20.71 32.83 33.99
N ALA D 277 20.99 33.50 32.89
CA ALA D 277 22.01 33.04 31.95
C ALA D 277 23.40 33.03 32.58
N LYS D 278 23.78 34.11 33.22
CA LYS D 278 25.10 34.17 33.83
C LYS D 278 25.25 33.06 34.84
N GLU D 279 24.25 32.90 35.69
CA GLU D 279 24.30 31.86 36.70
C GLU D 279 24.40 30.45 36.11
N PHE D 280 23.63 30.16 35.07
CA PHE D 280 23.65 28.83 34.45
C PHE D 280 25.03 28.53 33.88
N LEU D 281 25.53 29.45 33.08
CA LEU D 281 26.81 29.30 32.40
C LEU D 281 27.97 29.27 33.40
N GLU D 282 27.99 30.24 34.33
CA GLU D 282 29.10 30.40 35.26
C GLU D 282 29.14 29.28 36.31
N ASN D 283 28.06 29.18 37.07
CA ASN D 283 27.96 28.21 38.17
C ASN D 283 27.75 26.75 37.74
N TYR D 284 27.01 26.53 36.65
CA TYR D 284 26.65 25.15 36.29
C TYR D 284 27.40 24.58 35.06
N LEU D 285 27.34 25.24 33.90
CA LEU D 285 27.96 24.69 32.68
C LEU D 285 29.50 24.71 32.71
N LEU D 286 30.08 25.85 33.07
CA LEU D 286 31.53 25.99 33.09
C LEU D 286 32.11 25.51 34.39
N THR D 287 31.93 24.23 34.65
CA THR D 287 32.54 23.56 35.77
C THR D 287 32.89 22.17 35.29
N ASP D 288 33.66 21.44 36.08
CA ASP D 288 34.10 20.10 35.70
C ASP D 288 32.92 19.17 35.49
N GLU D 289 31.99 19.19 36.43
CA GLU D 289 30.83 18.33 36.39
C GLU D 289 29.96 18.62 35.19
N GLY D 290 29.81 19.91 34.89
CA GLY D 290 29.01 20.36 33.77
C GLY D 290 29.61 20.10 32.41
N LEU D 291 30.87 20.46 32.23
CA LEU D 291 31.54 20.28 30.95
C LEU D 291 31.68 18.82 30.62
N GLU D 292 31.83 18.00 31.66
CA GLU D 292 31.96 16.57 31.46
C GLU D 292 30.68 15.98 30.89
N ALA D 293 29.56 16.53 31.34
CA ALA D 293 28.25 16.06 30.91
C ALA D 293 27.99 16.25 29.43
N VAL D 294 28.39 17.40 28.88
CA VAL D 294 28.28 17.66 27.44
C VAL D 294 29.28 16.79 26.73
N ASN D 295 30.47 16.74 27.30
CA ASN D 295 31.55 16.00 26.69
C ASN D 295 31.17 14.54 26.54
N LYS D 296 30.45 13.98 27.51
CA LYS D 296 30.01 12.59 27.42
C LYS D 296 29.18 12.33 26.17
N ASP D 297 28.26 13.24 25.86
CA ASP D 297 27.39 13.09 24.70
C ASP D 297 28.18 13.25 23.41
N LYS D 298 28.82 14.39 23.26
CA LYS D 298 29.72 14.62 22.14
C LYS D 298 30.95 15.34 22.65
N PRO D 299 32.14 14.88 22.25
CA PRO D 299 33.41 15.45 22.73
C PRO D 299 33.61 16.88 22.28
N LEU D 300 33.87 17.78 23.22
CA LEU D 300 34.07 19.20 22.93
C LEU D 300 35.49 19.46 22.41
N GLY D 301 36.40 18.52 22.68
CA GLY D 301 37.80 18.76 22.40
C GLY D 301 38.50 19.32 23.62
N ALA D 302 39.37 20.31 23.41
CA ALA D 302 40.08 20.97 24.49
C ALA D 302 39.21 22.06 25.08
N VAL D 303 38.95 21.98 26.38
CA VAL D 303 38.03 22.93 27.01
C VAL D 303 38.69 24.24 27.48
N ALA D 304 37.87 25.28 27.65
CA ALA D 304 38.34 26.58 28.13
C ALA D 304 38.62 26.58 29.62
N LEU D 305 37.90 25.73 30.36
CA LEU D 305 38.08 25.62 31.81
C LEU D 305 39.45 24.99 32.11
N LYS D 306 40.31 25.68 32.85
CA LYS D 306 41.68 25.20 33.05
C LYS D 306 41.71 23.87 33.79
N SER D 307 40.95 23.76 34.87
CA SER D 307 40.97 22.55 35.70
C SER D 307 40.56 21.30 34.92
N TYR D 308 39.50 21.40 34.11
CA TYR D 308 39.05 20.24 33.34
C TYR D 308 39.98 19.88 32.19
N GLU D 309 40.78 20.85 31.74
CA GLU D 309 41.71 20.62 30.63
C GLU D 309 42.86 19.72 31.05
N GLU D 310 43.26 19.82 32.32
CA GLU D 310 44.39 19.06 32.83
C GLU D 310 44.11 17.59 32.66
N GLU D 311 42.87 17.17 32.93
CA GLU D 311 42.48 15.77 32.78
C GLU D 311 42.22 15.37 31.32
N LEU D 312 41.87 16.32 30.47
CA LEU D 312 41.60 16.03 29.05
C LEU D 312 42.86 15.97 28.20
N ALA D 313 43.88 16.71 28.60
CA ALA D 313 45.15 16.77 27.87
C ALA D 313 45.88 15.42 27.86
N LYS D 314 45.49 14.56 28.80
CA LYS D 314 46.08 13.25 28.94
C LYS D 314 45.66 12.37 27.76
N ASP D 315 44.55 12.71 27.12
CA ASP D 315 44.07 11.95 25.96
C ASP D 315 44.91 12.35 24.76
N PRO D 316 45.54 11.37 24.10
CA PRO D 316 46.38 11.59 22.92
C PRO D 316 45.60 12.24 21.79
N ARG D 317 44.30 12.00 21.72
CA ARG D 317 43.49 12.64 20.69
C ARG D 317 43.35 14.14 20.92
N ILE D 318 43.05 14.52 22.15
CA ILE D 318 42.92 15.93 22.48
C ILE D 318 44.28 16.66 22.40
N ALA D 319 45.34 15.95 22.79
CA ALA D 319 46.71 16.45 22.69
C ALA D 319 47.07 16.61 21.21
N ALA D 320 46.52 15.74 20.37
CA ALA D 320 46.69 15.85 18.91
C ALA D 320 45.90 17.04 18.36
N THR D 321 44.70 17.27 18.90
CA THR D 321 43.86 18.41 18.52
C THR D 321 44.57 19.69 18.89
N MET D 322 45.21 19.67 20.04
CA MET D 322 45.96 20.82 20.49
C MET D 322 47.13 21.08 19.53
N GLU D 323 47.74 20.02 19.00
CA GLU D 323 48.86 20.15 18.08
C GLU D 323 48.42 20.88 16.80
N ASN D 324 47.37 20.39 16.15
CA ASN D 324 46.80 21.06 14.97
C ASN D 324 46.36 22.50 15.28
N ALA D 325 45.92 22.74 16.49
CA ALA D 325 45.54 24.07 16.88
C ALA D 325 46.74 24.99 16.96
N GLN D 326 47.84 24.48 17.52
CA GLN D 326 49.07 25.27 17.64
C GLN D 326 49.63 25.53 16.25
N LYS D 327 49.57 24.55 15.36
CA LYS D 327 50.04 24.72 13.99
C LYS D 327 49.15 25.74 13.21
N GLY D 328 47.87 25.80 13.55
CA GLY D 328 46.95 26.75 12.95
C GLY D 328 46.83 28.07 13.68
N GLU D 329 45.93 28.92 13.23
CA GLU D 329 45.64 30.18 13.91
C GLU D 329 44.16 30.28 14.26
N ILE D 330 43.84 31.13 15.23
CA ILE D 330 42.48 31.37 15.67
C ILE D 330 41.76 32.31 14.70
N MET D 331 40.49 32.03 14.40
CA MET D 331 39.69 32.84 13.50
C MET D 331 39.47 34.24 14.04
N PRO D 332 39.41 35.24 13.16
CA PRO D 332 39.03 36.59 13.60
C PRO D 332 37.57 36.64 14.05
N ASN D 333 37.26 37.42 15.07
CA ASN D 333 35.87 37.59 15.47
C ASN D 333 35.31 38.85 14.86
N ILE D 334 35.83 39.27 13.71
CA ILE D 334 35.34 40.49 13.06
C ILE D 334 34.07 40.17 12.27
N PRO D 335 33.17 41.17 12.12
CA PRO D 335 31.89 40.96 11.44
C PRO D 335 32.05 40.46 10.02
N GLN D 336 33.16 40.78 9.39
CA GLN D 336 33.35 40.38 8.01
C GLN D 336 33.50 38.88 7.84
N MET D 337 33.83 38.18 8.92
CA MET D 337 34.17 36.75 8.86
C MET D 337 33.06 35.91 8.23
N SER D 338 31.82 36.29 8.51
CA SER D 338 30.68 35.62 7.91
C SER D 338 30.70 35.79 6.39
N ALA D 339 30.93 37.01 5.94
CA ALA D 339 30.99 37.35 4.53
C ALA D 339 32.15 36.67 3.80
N PHE D 340 33.25 36.53 4.51
CA PHE D 340 34.43 35.91 3.95
C PHE D 340 34.21 34.43 3.68
N TRP D 341 33.56 33.75 4.62
CA TRP D 341 33.32 32.30 4.54
C TRP D 341 32.44 31.94 3.39
N TYR D 342 31.46 32.78 3.11
CA TYR D 342 30.60 32.56 1.96
C TYR D 342 31.40 32.66 0.69
N ALA D 343 32.30 33.64 0.68
CA ALA D 343 33.11 33.89 -0.51
C ALA D 343 34.00 32.72 -0.85
N VAL D 344 34.63 32.14 0.17
CA VAL D 344 35.50 31.00 -0.04
C VAL D 344 34.69 29.77 -0.40
N ARG D 345 33.51 29.63 0.21
CA ARG D 345 32.66 28.49 -0.05
C ARG D 345 32.39 28.34 -1.53
N THR D 346 31.97 29.43 -2.15
CA THR D 346 31.70 29.40 -3.58
C THR D 346 32.99 29.16 -4.36
N ALA D 347 34.08 29.77 -3.97
CA ALA D 347 35.29 29.57 -4.74
C ALA D 347 35.70 28.12 -4.72
N VAL D 348 35.64 27.50 -3.54
CA VAL D 348 35.99 26.10 -3.41
C VAL D 348 35.05 25.20 -4.20
N ILE D 349 33.76 25.46 -4.08
CA ILE D 349 32.76 24.66 -4.78
C ILE D 349 32.90 24.83 -6.28
N ASN D 350 33.15 26.06 -6.70
CA ASN D 350 33.26 26.34 -8.12
C ASN D 350 34.49 25.70 -8.75
N ALA D 351 35.61 25.74 -8.04
CA ALA D 351 36.84 25.10 -8.52
C ALA D 351 36.69 23.59 -8.59
N ALA D 352 36.08 23.03 -7.56
CA ALA D 352 35.87 21.60 -7.41
C ALA D 352 34.89 21.02 -8.43
N SER D 353 33.76 21.70 -8.65
CA SER D 353 32.77 21.20 -9.60
C SER D 353 33.26 21.31 -11.03
N GLY D 354 34.13 22.27 -11.29
CA GLY D 354 34.60 22.53 -12.65
C GLY D 354 33.88 23.74 -13.23
N ARG D 355 33.00 24.32 -12.42
CA ARG D 355 32.19 25.48 -12.78
C ARG D 355 33.08 26.68 -13.10
N GLN D 356 34.22 26.72 -12.42
CA GLN D 356 35.22 27.77 -12.55
C GLN D 356 36.62 27.19 -12.41
N THR D 357 37.64 27.92 -12.87
CA THR D 357 39.02 27.48 -12.64
C THR D 357 39.43 27.85 -11.24
N VAL D 358 40.50 27.25 -10.76
CA VAL D 358 41.00 27.61 -9.44
C VAL D 358 41.39 29.07 -9.39
N ASP D 359 42.10 29.50 -10.42
CA ASP D 359 42.60 30.87 -10.51
C ASP D 359 41.45 31.87 -10.57
N GLU D 360 40.47 31.55 -11.40
CA GLU D 360 39.29 32.39 -11.58
C GLU D 360 38.42 32.42 -10.32
N ALA D 361 38.19 31.25 -9.72
CA ALA D 361 37.31 31.10 -8.56
C ALA D 361 37.83 31.88 -7.36
N LEU D 362 39.13 31.71 -7.11
CA LEU D 362 39.80 32.43 -6.04
C LEU D 362 39.86 33.92 -6.33
N LYS D 363 39.92 34.27 -7.62
CA LYS D 363 40.00 35.68 -8.00
C LYS D 363 38.75 36.39 -7.57
N ASP D 364 37.61 35.71 -7.67
CA ASP D 364 36.34 36.31 -7.32
C ASP D 364 36.43 36.68 -5.86
N ALA D 365 36.96 35.80 -5.01
CA ALA D 365 36.90 35.97 -3.55
C ALA D 365 37.65 37.25 -3.19
N GLN D 366 38.82 37.47 -3.75
CA GLN D 366 39.50 38.74 -3.58
C GLN D 366 38.77 39.94 -4.23
N THR D 367 38.28 39.72 -5.46
CA THR D 367 37.60 40.72 -6.26
C THR D 367 36.31 41.17 -5.60
N HIS D 368 35.80 40.31 -4.72
CA HIS D 368 34.53 40.50 -4.04
C HIS D 368 34.82 41.43 -2.88
N ASN D 369 34.93 42.72 -3.19
CA ASN D 369 35.22 43.69 -2.17
C ASN D 369 34.08 43.70 -1.10
N PHE D 370 34.49 43.58 0.17
CA PHE D 370 33.59 43.44 1.32
C PHE D 370 32.98 44.78 1.64
N ASP D 371 31.92 44.77 2.43
CA ASP D 371 31.35 46.04 2.92
C ASP D 371 31.92 46.33 4.32
N ASP D 372 32.93 47.19 4.36
CA ASP D 372 33.63 47.48 5.61
C ASP D 372 32.69 48.14 6.62
N LYS D 373 31.90 49.11 6.17
CA LYS D 373 30.85 49.69 6.99
C LYS D 373 31.47 50.45 8.14
N GLU D 374 32.78 50.65 8.04
CA GLU D 374 33.46 51.55 8.94
C GLU D 374 33.92 52.69 8.07
N MET D 375 34.00 52.46 6.77
CA MET D 375 34.33 53.53 5.85
C MET D 375 33.26 54.62 5.95
N LEU D 376 32.03 54.16 6.15
CA LEU D 376 30.88 55.02 6.32
C LEU D 376 31.10 55.87 7.56
N LEU D 377 31.66 55.24 8.59
CA LEU D 377 31.88 55.83 9.92
C LEU D 377 32.81 57.03 9.85
N GLN D 378 33.81 56.91 9.01
CA GLN D 378 34.77 57.97 8.72
C GLN D 378 33.91 59.08 8.10
N GLU D 379 34.31 60.34 8.21
CA GLU D 379 33.48 61.49 7.81
C GLU D 379 32.15 61.49 8.56
N PHE D 380 32.23 61.12 9.84
CA PHE D 380 31.05 61.07 10.72
C PHE D 380 31.58 61.23 12.14
N PRO D 381 30.72 61.61 13.10
CA PRO D 381 31.11 61.67 14.51
C PRO D 381 31.03 60.31 15.17
N GLU D 382 31.78 60.08 16.25
CA GLU D 382 31.75 58.80 16.94
C GLU D 382 30.38 58.47 17.53
N GLN D 383 29.76 59.43 18.20
CA GLN D 383 28.54 59.11 18.94
C GLN D 383 27.49 58.58 17.97
N LEU D 384 27.45 59.15 16.78
CA LEU D 384 26.57 58.65 15.74
C LEU D 384 26.95 57.23 15.40
N THR D 385 28.24 57.00 15.28
CA THR D 385 28.73 55.74 14.77
C THR D 385 28.30 54.59 15.68
N ASN D 386 28.39 54.80 16.98
CA ASN D 386 28.05 53.76 17.94
C ASN D 386 26.58 53.39 17.77
N TYR D 387 25.75 54.41 17.58
CA TYR D 387 24.34 54.17 17.38
C TYR D 387 24.10 53.43 16.05
N LEU D 388 24.78 53.83 14.98
CA LEU D 388 24.44 53.31 13.65
C LEU D 388 24.87 51.85 13.47
N LEU D 389 25.61 51.30 14.42
CA LEU D 389 26.13 49.94 14.31
C LEU D 389 24.99 48.93 14.20
N LYS D 390 23.88 49.19 14.88
CA LYS D 390 22.80 48.22 14.94
C LYS D 390 22.27 47.90 13.55
N TYR D 391 22.10 48.96 12.76
CA TYR D 391 21.52 48.89 11.42
C TYR D 391 22.38 48.12 10.41
N ASP D 392 21.72 47.35 9.56
CA ASP D 392 22.43 46.54 8.59
C ASP D 392 22.97 47.47 7.54
N TYR D 393 23.95 46.99 6.79
CA TYR D 393 24.71 47.85 5.92
C TYR D 393 23.79 48.52 4.90
N ARG D 394 22.91 47.72 4.29
CA ARG D 394 22.04 48.23 3.23
C ARG D 394 21.09 49.30 3.78
N ASP D 395 20.56 49.01 4.96
CA ASP D 395 19.73 49.95 5.69
C ASP D 395 20.54 51.17 6.08
N LEU D 396 21.80 50.94 6.45
CA LEU D 396 22.67 52.05 6.82
C LEU D 396 22.89 53.00 5.65
N GLU D 397 23.05 52.46 4.45
CA GLU D 397 23.37 53.28 3.29
C GLU D 397 22.27 54.28 3.06
N ILE D 398 21.04 53.80 3.21
CA ILE D 398 19.86 54.63 3.07
C ILE D 398 19.90 55.84 3.99
N ILE D 399 20.24 55.59 5.25
CA ILE D 399 20.25 56.67 6.23
C ILE D 399 21.31 57.68 5.83
N LYS D 400 22.43 57.16 5.33
CA LYS D 400 23.56 58.00 5.00
C LYS D 400 23.07 58.98 3.96
N ALA D 401 22.29 58.51 3.00
CA ALA D 401 21.77 59.41 1.98
C ALA D 401 20.84 60.46 2.58
N VAL D 402 19.94 60.02 3.45
CA VAL D 402 18.95 60.88 4.07
C VAL D 402 19.65 61.95 4.89
N ILE D 403 20.65 61.54 5.66
CA ILE D 403 21.35 62.43 6.59
C ILE D 403 22.05 63.53 5.82
N LEU D 404 22.77 63.12 4.78
CA LEU D 404 23.53 64.05 3.96
C LEU D 404 22.63 65.02 3.22
N LYS D 405 21.50 64.52 2.71
CA LYS D 405 20.57 65.39 2.01
C LYS D 405 20.03 66.48 2.97
N ALA D 406 19.67 66.07 4.17
CA ALA D 406 19.13 66.99 5.17
C ALA D 406 20.17 68.04 5.55
N LYS D 407 21.42 67.63 5.70
CA LYS D 407 22.50 68.55 6.03
C LYS D 407 22.64 69.54 4.88
N LYS D 408 22.58 69.02 3.67
CA LYS D 408 22.65 69.85 2.48
C LYS D 408 21.44 70.80 2.41
N SER D 409 20.24 70.23 2.64
CA SER D 409 18.99 71.00 2.57
C SER D 409 18.92 72.08 3.65
N PHE D 410 19.29 71.73 4.88
CA PHE D 410 19.29 72.72 5.95
C PHE D 410 20.33 73.79 5.66
N ASN D 411 21.52 73.35 5.23
CA ASN D 411 22.61 74.29 5.01
C ASN D 411 22.30 75.32 3.94
N SER D 412 21.61 74.89 2.89
CA SER D 412 21.28 75.77 1.78
C SER D 412 20.38 76.95 2.13
N ARG D 413 19.29 76.69 2.84
CA ARG D 413 18.29 77.71 3.19
C ARG D 413 18.85 78.78 4.11
N HIS D 414 19.56 78.34 5.14
CA HIS D 414 20.07 79.24 6.16
C HIS D 414 21.50 79.73 5.97
N GLU D 415 22.27 79.01 5.17
CA GLU D 415 23.64 79.40 4.85
C GLU D 415 24.55 79.46 6.08
N ASP D 416 24.06 78.94 7.18
CA ASP D 416 24.77 79.08 8.42
C ASP D 416 26.07 78.36 8.25
N MET D 417 26.00 77.18 7.66
CA MET D 417 27.17 76.35 7.56
C MET D 417 27.67 76.09 8.98
N HIS D 418 26.75 76.18 9.93
CA HIS D 418 27.00 75.84 11.31
C HIS D 418 26.47 74.44 11.42
N TYR D 419 26.05 73.93 10.28
CA TYR D 419 25.49 72.61 10.25
C TYR D 419 26.57 71.74 9.62
N MET D 420 27.22 70.96 10.48
CA MET D 420 28.11 69.89 10.08
C MET D 420 27.85 68.75 11.03
N LEU D 421 28.30 67.56 10.66
CA LEU D 421 27.91 66.35 11.36
C LEU D 421 28.33 66.40 12.83
N GLU D 422 29.47 67.01 13.11
CA GLU D 422 29.92 67.18 14.48
C GLU D 422 28.91 68.02 15.23
N ASP D 423 28.41 69.03 14.52
CA ASP D 423 27.40 69.97 15.04
C ASP D 423 25.96 69.43 15.10
N ILE D 424 25.57 68.66 14.09
CA ILE D 424 24.18 68.21 13.88
C ILE D 424 23.88 66.88 14.61
N GLU D 425 24.90 66.27 15.22
CA GLU D 425 24.80 64.86 15.63
C GLU D 425 23.65 64.59 16.59
N ASP D 426 23.41 65.50 17.53
CA ASP D 426 22.36 65.32 18.52
C ASP D 426 20.95 65.24 17.90
N GLU D 427 20.69 66.09 16.90
CA GLU D 427 19.40 66.14 16.21
C GLU D 427 19.16 64.84 15.52
N ILE D 428 20.27 64.28 15.01
CA ILE D 428 20.25 63.02 14.30
C ILE D 428 19.88 61.83 15.17
N LEU D 429 20.44 61.75 16.37
CA LEU D 429 20.11 60.63 17.23
C LEU D 429 18.68 60.74 17.64
N THR D 430 18.27 61.93 18.10
CA THR D 430 16.93 62.04 18.62
C THR D 430 15.98 61.72 17.51
N SER D 431 16.26 62.25 16.32
CA SER D 431 15.42 61.97 15.14
C SER D 431 15.50 60.47 14.77
N LEU D 432 16.68 59.86 14.89
CA LEU D 432 16.79 58.42 14.60
C LEU D 432 16.01 57.56 15.58
N LYS D 433 16.01 57.94 16.85
CA LYS D 433 15.21 57.28 17.87
C LYS D 433 13.70 57.41 17.57
N ARG D 434 13.27 58.60 17.11
CA ARG D 434 11.85 58.83 16.84
C ARG D 434 11.43 57.88 15.74
N LEU D 435 12.32 57.64 14.79
CA LEU D 435 11.97 56.75 13.71
C LEU D 435 11.69 55.39 14.31
N LYS D 436 12.52 54.97 15.26
CA LYS D 436 12.36 53.64 15.85
C LYS D 436 11.04 53.57 16.56
N LYS D 437 10.72 54.64 17.27
CA LYS D 437 9.46 54.75 17.97
C LYS D 437 8.34 54.74 16.91
N ALA D 438 8.56 55.42 15.80
CA ALA D 438 7.55 55.51 14.73
C ALA D 438 7.25 54.19 14.06
N ILE D 439 8.30 53.41 13.79
CA ILE D 439 8.15 52.11 13.13
C ILE D 439 7.35 51.22 14.06
N HIS D 440 7.64 51.34 15.34
CA HIS D 440 6.93 50.59 16.36
C HIS D 440 5.47 50.95 16.40
N ASP D 441 5.20 52.25 16.43
CA ASP D 441 3.84 52.76 16.52
C ASP D 441 3.09 52.30 15.28
N ARG D 442 3.76 52.39 14.15
CA ARG D 442 3.21 51.89 12.90
C ARG D 442 3.04 50.38 12.96
N GLY D 443 3.95 49.68 13.64
CA GLY D 443 3.91 48.22 13.66
C GLY D 443 2.62 47.75 14.32
N VAL D 444 2.28 48.36 15.45
CA VAL D 444 1.01 48.13 16.11
C VAL D 444 0.07 48.80 15.12
N LYS D 445 -1.25 48.58 15.18
CA LYS D 445 -2.15 49.11 14.15
C LYS D 445 -2.03 48.22 12.90
N GLY D 446 -1.26 47.14 13.03
CA GLY D 446 -1.13 46.13 12.00
C GLY D 446 -0.60 46.56 10.65
N GLN D 447 0.33 47.50 10.65
CA GLN D 447 1.10 47.86 9.46
C GLN D 447 2.58 47.65 9.67
N LYS D 448 3.23 46.93 8.77
CA LYS D 448 4.65 46.71 8.93
C LYS D 448 5.43 47.65 8.01
N GLU D 449 6.42 48.33 8.60
CA GLU D 449 7.23 49.32 7.90
C GLU D 449 8.69 49.00 8.06
N THR D 450 9.45 49.48 7.10
CA THR D 450 10.86 49.21 7.11
C THR D 450 11.57 50.51 6.86
N ILE D 451 12.79 50.61 7.37
CA ILE D 451 13.50 51.87 7.41
C ILE D 451 13.47 52.49 6.01
N LYS D 452 13.46 51.64 4.97
CA LYS D 452 13.34 52.11 3.59
C LYS D 452 12.02 52.83 3.37
N SER D 453 10.95 52.27 3.93
CA SER D 453 9.60 52.78 3.75
C SER D 453 9.54 54.17 4.34
N MET D 454 10.21 54.34 5.46
CA MET D 454 10.02 55.54 6.24
C MET D 454 11.04 56.63 5.91
N GLN D 455 11.79 56.41 4.83
CA GLN D 455 12.89 57.29 4.43
C GLN D 455 12.43 58.75 4.50
N ALA D 456 11.20 58.99 4.04
CA ALA D 456 10.60 60.31 4.04
C ALA D 456 10.38 60.80 5.46
N TYR D 457 9.96 59.89 6.34
CA TYR D 457 9.71 60.27 7.71
C TYR D 457 10.99 60.75 8.33
N LEU D 458 12.05 60.01 8.05
CA LEU D 458 13.35 60.30 8.63
C LEU D 458 13.81 61.67 8.16
N MET D 459 13.61 61.95 6.87
CA MET D 459 14.07 63.20 6.30
C MET D 459 13.37 64.39 6.91
N GLN D 460 12.05 64.28 7.05
CA GLN D 460 11.23 65.36 7.63
C GLN D 460 11.64 65.61 9.07
N THR D 461 11.89 64.53 9.80
CA THR D 461 12.19 64.65 11.21
C THR D 461 13.46 65.43 11.46
N ILE D 462 14.47 65.12 10.65
CA ILE D 462 15.75 65.82 10.81
C ILE D 462 15.58 67.28 10.48
N LEU D 463 14.81 67.59 9.45
CA LEU D 463 14.66 68.99 9.05
C LEU D 463 14.03 69.81 10.14
N THR D 464 13.00 69.23 10.73
CA THR D 464 12.27 69.87 11.81
C THR D 464 13.20 70.06 13.00
N GLU D 465 13.94 69.01 13.34
CA GLU D 465 14.79 69.08 14.50
C GLU D 465 15.88 70.12 14.34
N LEU D 466 16.46 70.22 13.14
CA LEU D 466 17.52 71.23 12.93
C LEU D 466 16.95 72.63 13.10
N GLU D 467 15.77 72.84 12.54
CA GLU D 467 15.13 74.15 12.62
C GLU D 467 14.90 74.45 14.11
N GLU D 468 14.48 73.42 14.86
CA GLU D 468 14.12 73.60 16.27
C GLU D 468 15.36 74.10 16.98
N THR D 469 16.50 73.50 16.65
CA THR D 469 17.79 73.91 17.14
C THR D 469 18.11 75.31 16.64
N HIS D 470 17.73 75.58 15.39
CA HIS D 470 17.97 76.89 14.82
C HIS D 470 17.21 77.99 15.54
N ALA D 471 15.98 77.70 15.94
CA ALA D 471 15.14 78.71 16.57
C ALA D 471 15.83 79.17 17.82
N LEU D 472 16.45 78.23 18.53
CA LEU D 472 17.16 78.51 19.76
C LEU D 472 18.31 79.48 19.52
N TYR D 473 19.06 79.21 18.45
CA TYR D 473 20.25 79.97 18.10
C TYR D 473 19.85 81.40 17.75
N MET D 474 18.86 81.54 16.87
CA MET D 474 18.39 82.86 16.50
C MET D 474 17.82 83.52 17.74
N ARG D 475 17.20 82.69 18.58
CA ARG D 475 16.54 83.11 19.83
C ARG D 475 17.62 83.72 20.74
N ARG D 476 18.78 83.05 20.76
CA ARG D 476 19.87 83.51 21.60
C ARG D 476 20.68 84.59 20.90
N LYS D 477 20.05 85.76 20.79
CA LYS D 477 20.67 86.97 20.26
C LYS D 477 20.37 88.12 21.22
N ASN D 478 21.26 89.09 21.31
CA ASN D 478 21.16 90.09 22.35
C ASN D 478 19.88 90.93 22.27
N MET D 479 19.28 91.18 23.43
CA MET D 479 18.12 92.07 23.58
C MET D 479 17.12 91.99 22.41
C1 GLC E . -20.64 -34.09 -9.40
C2 GLC E . -21.49 -35.24 -9.90
C3 GLC E . -22.92 -34.93 -10.07
C4 GLC E . -23.54 -34.23 -8.91
C5 GLC E . -22.72 -33.05 -8.42
C6 GLC E . -23.24 -32.67 -7.06
O1 GLC E . -20.31 -33.26 -10.46
O2 GLC E . -21.00 -35.67 -11.19
O3 GLC E . -23.56 -36.23 -10.33
O4 GLC E . -24.84 -33.69 -9.30
O5 GLC E . -21.29 -33.29 -8.32
O6 GLC E . -22.32 -31.80 -6.44
C1 GLC E . -25.94 -34.39 -8.73
C2 GLC E . -27.08 -34.29 -9.69
C3 GLC E . -27.54 -32.90 -9.82
C4 GLC E . -27.97 -32.24 -8.55
C5 GLC E . -26.94 -32.42 -7.48
C6 GLC E . -27.52 -32.03 -6.13
O2 GLC E . -26.67 -34.71 -11.02
O3 GLC E . -28.64 -33.00 -10.77
O4 GLC E . -28.12 -30.78 -8.78
O5 GLC E . -26.36 -33.79 -7.42
O6 GLC E . -26.66 -32.37 -5.09
C1 GLC E . -29.29 -30.24 -8.41
C2 GLC E . -30.24 -30.17 -9.58
C3 GLC E . -30.15 -28.96 -10.31
C4 GLC E . -29.64 -27.73 -9.92
C5 GLC E . -28.50 -27.91 -8.93
C6 GLC E . -27.97 -26.59 -8.73
O2 GLC E . -30.12 -31.28 -10.57
O3 GLC E . -31.71 -28.64 -10.60
O4 GLC E . -29.06 -27.05 -11.07
O5 GLC E . -29.06 -28.72 -7.63
O6 GLC E . -27.60 -26.24 -7.41
C1 GLC F . -12.02 4.72 11.44
C2 GLC F . -12.35 5.03 12.89
C3 GLC F . -12.03 3.85 13.70
C4 GLC F . -12.70 2.64 13.23
C5 GLC F . -12.46 2.42 11.74
C6 GLC F . -13.25 1.22 11.21
O1 GLC F . -10.72 4.26 11.36
O2 GLC F . -11.63 6.18 13.42
O3 GLC F . -12.42 4.13 15.10
O4 GLC F . -12.12 1.58 14.02
O5 GLC F . -12.81 3.59 10.96
O6 GLC F . -12.46 0.41 10.32
C1 GLC F . -12.97 1.09 15.05
C2 GLC F . -12.08 0.62 16.18
C3 GLC F . -11.19 -0.48 15.71
C4 GLC F . -11.95 -1.64 15.17
C5 GLC F . -12.94 -1.20 14.10
C6 GLC F . -13.89 -2.33 13.77
O2 GLC F . -11.21 1.68 16.65
O3 GLC F . -10.38 -0.95 16.80
O4 GLC F . -10.90 -2.48 14.58
O5 GLC F . -13.76 -0.02 14.48
O6 GLC F . -14.57 -1.96 12.62
C1 GLC F . -10.90 -3.68 15.10
C2 GLC F . -9.50 -4.11 15.40
C3 GLC F . -8.74 -4.06 14.20
C4 GLC F . -9.13 -4.68 12.99
C5 GLC F . -10.65 -4.55 12.71
C6 GLC F . -10.99 -5.48 11.68
O2 GLC F . -8.86 -3.29 16.46
O3 GLC F . -7.33 -4.71 14.65
O4 GLC F . -8.36 -4.14 11.85
O5 GLC F . -11.66 -4.74 13.98
O6 GLC F . -12.20 -6.15 12.01
C1 GLC G . 0.97 6.63 -15.56
C2 GLC G . 0.99 6.15 -17.01
C3 GLC G . 2.34 5.85 -17.59
C4 GLC G . 3.52 6.53 -16.96
C5 GLC G . 3.32 6.95 -15.52
C6 GLC G . 4.43 7.85 -15.07
O1 GLC G . 1.11 5.54 -14.72
O2 GLC G . 0.06 5.00 -17.12
O3 GLC G . 2.31 6.24 -19.02
O4 GLC G . 4.68 5.63 -16.91
O5 GLC G . 2.05 7.59 -15.25
O6 GLC G . 4.44 7.88 -13.65
C1 GLC G . 5.75 5.94 -17.79
C2 GLC G . 6.49 4.69 -18.24
C3 GLC G . 7.40 4.12 -17.20
C4 GLC G . 8.37 5.11 -16.62
C5 GLC G . 7.65 6.37 -16.22
C6 GLC G . 8.64 7.48 -15.87
O2 GLC G . 5.56 3.65 -18.64
O3 GLC G . 8.08 2.96 -17.74
O4 GLC G . 8.80 4.55 -15.34
O5 GLC G . 6.68 6.94 -17.17
O6 GLC G . 7.96 8.38 -15.04
C1 GLC G . 10.00 4.02 -15.29
C2 GLC G . 9.91 2.60 -14.81
C3 GLC G . 9.59 2.49 -13.42
C4 GLC G . 10.11 3.31 -12.39
C5 GLC G . 10.22 4.77 -12.87
C6 GLC G . 10.87 5.57 -11.89
O2 GLC G . 8.88 1.84 -15.58
O3 GLC G . 10.13 1.00 -13.13
O4 GLC G . 9.25 3.23 -11.20
O5 GLC G . 11.03 4.95 -14.27
O6 GLC G . 11.80 6.45 -12.55
C1 GLC H . 31.36 22.76 13.46
C2 GLC H . 32.41 23.64 14.08
C3 GLC H . 32.52 24.97 13.44
C4 GLC H . 32.59 24.97 11.95
C5 GLC H . 31.60 24.00 11.30
C6 GLC H . 31.99 23.76 9.86
O1 GLC H . 30.10 23.18 13.78
O2 GLC H . 32.13 23.82 15.50
O3 GLC H . 33.72 25.66 13.95
O4 GLC H . 32.18 26.31 11.52
O5 GLC H . 31.47 22.70 11.98
O6 GLC H . 30.83 23.61 9.04
C1 GLC H . 33.20 27.12 10.98
C2 GLC H . 32.92 28.55 11.36
C3 GLC H . 31.62 28.99 10.77
C4 GLC H . 31.64 28.93 9.26
C5 GLC H . 32.09 27.58 8.76
C6 GLC H . 32.49 27.65 7.30
O2 GLC H . 32.89 28.74 12.81
O3 GLC H . 31.26 30.31 11.29
O4 GLC H . 30.26 29.17 8.77
O5 GLC H . 33.22 26.97 9.49
O6 GLC H . 32.43 26.39 6.73
C1 GLC H . 30.13 30.18 7.94
C2 GLC H . 28.86 30.93 8.22
C3 GLC H . 27.72 30.10 7.99
C4 GLC H . 27.49 29.49 6.73
C5 GLC H . 28.76 28.76 6.23
C6 GLC H . 28.53 28.35 4.89
O2 GLC H . 28.87 31.49 9.61
O3 GLC H . 26.46 31.03 8.37
O4 GLC H . 26.33 28.54 6.75
O5 GLC H . 30.16 29.61 6.32
O6 GLC H . 29.74 28.42 4.10
#